data_4OIE
# 
_entry.id   4OIE 
# 
_audit_conform.dict_name       mmcif_pdbx.dic 
_audit_conform.dict_version    5.399 
_audit_conform.dict_location   http://mmcif.pdb.org/dictionaries/ascii/mmcif_pdbx.dic 
# 
loop_
_database_2.database_id 
_database_2.database_code 
_database_2.pdbx_database_accession 
_database_2.pdbx_DOI 
PDB   4OIE         pdb_00004oie 10.2210/pdb4oie/pdb 
RCSB  RCSB084531   ?            ?                   
WWPDB D_1000084531 ?            ?                   
# 
loop_
_pdbx_audit_revision_history.ordinal 
_pdbx_audit_revision_history.data_content_type 
_pdbx_audit_revision_history.major_revision 
_pdbx_audit_revision_history.minor_revision 
_pdbx_audit_revision_history.revision_date 
1 'Structure model' 1 0 2014-03-05 
2 'Structure model' 1 1 2014-04-02 
3 'Structure model' 1 2 2014-04-23 
4 'Structure model' 1 3 2024-11-27 
# 
_pdbx_audit_revision_details.ordinal             1 
_pdbx_audit_revision_details.revision_ordinal    1 
_pdbx_audit_revision_details.data_content_type   'Structure model' 
_pdbx_audit_revision_details.provider            repository 
_pdbx_audit_revision_details.type                'Initial release' 
_pdbx_audit_revision_details.description         ? 
_pdbx_audit_revision_details.details             ? 
# 
loop_
_pdbx_audit_revision_group.ordinal 
_pdbx_audit_revision_group.revision_ordinal 
_pdbx_audit_revision_group.data_content_type 
_pdbx_audit_revision_group.group 
1 2 'Structure model' 'Database references'  
2 3 'Structure model' 'Database references'  
3 4 'Structure model' 'Data collection'      
4 4 'Structure model' 'Database references'  
5 4 'Structure model' 'Derived calculations' 
6 4 'Structure model' 'Structure summary'    
# 
loop_
_pdbx_audit_revision_category.ordinal 
_pdbx_audit_revision_category.revision_ordinal 
_pdbx_audit_revision_category.data_content_type 
_pdbx_audit_revision_category.category 
1 4 'Structure model' chem_comp_atom            
2 4 'Structure model' chem_comp_bond            
3 4 'Structure model' database_2                
4 4 'Structure model' pdbx_entry_details        
5 4 'Structure model' pdbx_modification_feature 
6 4 'Structure model' struct_conn               
7 4 'Structure model' struct_ref_seq_dif        
8 4 'Structure model' struct_site               
# 
loop_
_pdbx_audit_revision_item.ordinal 
_pdbx_audit_revision_item.revision_ordinal 
_pdbx_audit_revision_item.data_content_type 
_pdbx_audit_revision_item.item 
1 4 'Structure model' '_database_2.pdbx_DOI'                
2 4 'Structure model' '_database_2.pdbx_database_accession' 
3 4 'Structure model' '_struct_conn.pdbx_leaving_atom_flag' 
4 4 'Structure model' '_struct_ref_seq_dif.details'         
5 4 'Structure model' '_struct_site.pdbx_auth_asym_id'      
6 4 'Structure model' '_struct_site.pdbx_auth_comp_id'      
7 4 'Structure model' '_struct_site.pdbx_auth_seq_id'       
# 
_pdbx_database_status.entry_id                        4OIE 
_pdbx_database_status.status_code                     REL 
_pdbx_database_status.deposit_site                    RCSB 
_pdbx_database_status.process_site                    RCSB 
_pdbx_database_status.recvd_initial_deposition_date   2014-01-19 
_pdbx_database_status.status_code_sf                  REL 
_pdbx_database_status.status_code_mr                  ? 
_pdbx_database_status.SG_entry                        Y 
_pdbx_database_status.status_code_cs                  ? 
_pdbx_database_status.methods_development_category    ? 
_pdbx_database_status.pdb_format_compatible           Y 
_pdbx_database_status.status_code_nmr_data            ? 
# 
loop_
_pdbx_database_related.db_name 
_pdbx_database_related.db_id 
_pdbx_database_related.details 
_pdbx_database_related.content_type 
PDB         4OIG           . unspecified 
PDB         4OII           . unspecified 
TargetTrack CSGID-IDP93954 . unspecified 
# 
loop_
_audit_author.name 
_audit_author.pdbx_ordinal 
'Edeling, M.A.'                                                 1 
'Fremont, D.H.'                                                 2 
'Center for Structural Genomics of Infectious Diseases (CSGID)' 3 
# 
_citation.id                        primary 
_citation.title                     'Structural basis of Flavivirus NS1 assembly and antibody recognition.' 
_citation.journal_abbrev            Proc.Natl.Acad.Sci.USA 
_citation.journal_volume            111 
_citation.page_first                4285 
_citation.page_last                 4290 
_citation.year                      2014 
_citation.journal_id_ASTM           PNASA6 
_citation.country                   US 
_citation.journal_id_ISSN           0027-8424 
_citation.journal_id_CSD            0040 
_citation.book_publisher            ? 
_citation.pdbx_database_id_PubMed   24594604 
_citation.pdbx_database_id_DOI      10.1073/pnas.1322036111 
# 
loop_
_citation_author.citation_id 
_citation_author.name 
_citation_author.ordinal 
_citation_author.identifier_ORCID 
primary 'Edeling, M.A.' 1 ? 
primary 'Diamond, M.S.' 2 ? 
primary 'Fremont, D.H.' 3 ? 
# 
loop_
_entity.id 
_entity.type 
_entity.src_method 
_entity.pdbx_description 
_entity.formula_weight 
_entity.pdbx_number_of_molecules 
_entity.pdbx_ec 
_entity.pdbx_mutation 
_entity.pdbx_fragment 
_entity.details 
1 polymer     man 'NON-STRUCTURAL PROTEIN NS1' 21142.869 1   ? 'I184(MSE), L241(MSE)' 'UNP residues 963-1143' ? 
2 non-polymer syn GLYCEROL                     92.094    1   ? ?                      ?                       ? 
3 water       nat water                        18.015    146 ? ?                      ?                       ? 
# 
_entity_poly.entity_id                      1 
_entity_poly.type                           'polypeptide(L)' 
_entity_poly.nstd_linkage                   no 
_entity_poly.nstd_monomer                   yes 
_entity_poly.pdbx_seq_one_letter_code       
;(MSE)AS(MSE)RESNTTECDSKI(MSE)GTAVKNNLAIHSDLSYWIESRLNDTWKLERAVLGEVKSCTWPETHTLWGDG
ILESD(MSE)IIPVTLAGPRSNHNRRPGYKTQNQGPWDEGRVEIDFDYCPGTTVTLSESCGHRGPATRTTTESGKLITDW
CCRSCTLPPLRYQTDSGCWYG(MSE)EIRPQRHDEKTLVQSQVNA
;
_entity_poly.pdbx_seq_one_letter_code_can   
;MASMRESNTTECDSKIMGTAVKNNLAIHSDLSYWIESRLNDTWKLERAVLGEVKSCTWPETHTLWGDGILESDMIIPVTL
AGPRSNHNRRPGYKTQNQGPWDEGRVEIDFDYCPGTTVTLSESCGHRGPATRTTTESGKLITDWCCRSCTLPPLRYQTDS
GCWYGMEIRPQRHDEKTLVQSQVNA
;
_entity_poly.pdbx_strand_id                 A 
_entity_poly.pdbx_target_identifier         CSGID-IDP93954 
# 
loop_
_pdbx_entity_nonpoly.entity_id 
_pdbx_entity_nonpoly.name 
_pdbx_entity_nonpoly.comp_id 
2 GLYCEROL GOL 
3 water    HOH 
# 
loop_
_entity_poly_seq.entity_id 
_entity_poly_seq.num 
_entity_poly_seq.mon_id 
_entity_poly_seq.hetero 
1 1   MSE n 
1 2   ALA n 
1 3   SER n 
1 4   MSE n 
1 5   ARG n 
1 6   GLU n 
1 7   SER n 
1 8   ASN n 
1 9   THR n 
1 10  THR n 
1 11  GLU n 
1 12  CYS n 
1 13  ASP n 
1 14  SER n 
1 15  LYS n 
1 16  ILE n 
1 17  MSE n 
1 18  GLY n 
1 19  THR n 
1 20  ALA n 
1 21  VAL n 
1 22  LYS n 
1 23  ASN n 
1 24  ASN n 
1 25  LEU n 
1 26  ALA n 
1 27  ILE n 
1 28  HIS n 
1 29  SER n 
1 30  ASP n 
1 31  LEU n 
1 32  SER n 
1 33  TYR n 
1 34  TRP n 
1 35  ILE n 
1 36  GLU n 
1 37  SER n 
1 38  ARG n 
1 39  LEU n 
1 40  ASN n 
1 41  ASP n 
1 42  THR n 
1 43  TRP n 
1 44  LYS n 
1 45  LEU n 
1 46  GLU n 
1 47  ARG n 
1 48  ALA n 
1 49  VAL n 
1 50  LEU n 
1 51  GLY n 
1 52  GLU n 
1 53  VAL n 
1 54  LYS n 
1 55  SER n 
1 56  CYS n 
1 57  THR n 
1 58  TRP n 
1 59  PRO n 
1 60  GLU n 
1 61  THR n 
1 62  HIS n 
1 63  THR n 
1 64  LEU n 
1 65  TRP n 
1 66  GLY n 
1 67  ASP n 
1 68  GLY n 
1 69  ILE n 
1 70  LEU n 
1 71  GLU n 
1 72  SER n 
1 73  ASP n 
1 74  MSE n 
1 75  ILE n 
1 76  ILE n 
1 77  PRO n 
1 78  VAL n 
1 79  THR n 
1 80  LEU n 
1 81  ALA n 
1 82  GLY n 
1 83  PRO n 
1 84  ARG n 
1 85  SER n 
1 86  ASN n 
1 87  HIS n 
1 88  ASN n 
1 89  ARG n 
1 90  ARG n 
1 91  PRO n 
1 92  GLY n 
1 93  TYR n 
1 94  LYS n 
1 95  THR n 
1 96  GLN n 
1 97  ASN n 
1 98  GLN n 
1 99  GLY n 
1 100 PRO n 
1 101 TRP n 
1 102 ASP n 
1 103 GLU n 
1 104 GLY n 
1 105 ARG n 
1 106 VAL n 
1 107 GLU n 
1 108 ILE n 
1 109 ASP n 
1 110 PHE n 
1 111 ASP n 
1 112 TYR n 
1 113 CYS n 
1 114 PRO n 
1 115 GLY n 
1 116 THR n 
1 117 THR n 
1 118 VAL n 
1 119 THR n 
1 120 LEU n 
1 121 SER n 
1 122 GLU n 
1 123 SER n 
1 124 CYS n 
1 125 GLY n 
1 126 HIS n 
1 127 ARG n 
1 128 GLY n 
1 129 PRO n 
1 130 ALA n 
1 131 THR n 
1 132 ARG n 
1 133 THR n 
1 134 THR n 
1 135 THR n 
1 136 GLU n 
1 137 SER n 
1 138 GLY n 
1 139 LYS n 
1 140 LEU n 
1 141 ILE n 
1 142 THR n 
1 143 ASP n 
1 144 TRP n 
1 145 CYS n 
1 146 CYS n 
1 147 ARG n 
1 148 SER n 
1 149 CYS n 
1 150 THR n 
1 151 LEU n 
1 152 PRO n 
1 153 PRO n 
1 154 LEU n 
1 155 ARG n 
1 156 TYR n 
1 157 GLN n 
1 158 THR n 
1 159 ASP n 
1 160 SER n 
1 161 GLY n 
1 162 CYS n 
1 163 TRP n 
1 164 TYR n 
1 165 GLY n 
1 166 MSE n 
1 167 GLU n 
1 168 ILE n 
1 169 ARG n 
1 170 PRO n 
1 171 GLN n 
1 172 ARG n 
1 173 HIS n 
1 174 ASP n 
1 175 GLU n 
1 176 LYS n 
1 177 THR n 
1 178 LEU n 
1 179 VAL n 
1 180 GLN n 
1 181 SER n 
1 182 GLN n 
1 183 VAL n 
1 184 ASN n 
1 185 ALA n 
# 
_entity_src_gen.entity_id                          1 
_entity_src_gen.pdbx_src_id                        1 
_entity_src_gen.pdbx_alt_source_flag               sample 
_entity_src_gen.pdbx_seq_type                      ? 
_entity_src_gen.pdbx_beg_seq_num                   ? 
_entity_src_gen.pdbx_end_seq_num                   ? 
_entity_src_gen.gene_src_common_name               WNV 
_entity_src_gen.gene_src_genus                     ? 
_entity_src_gen.pdbx_gene_src_gene                 ? 
_entity_src_gen.gene_src_species                   ? 
_entity_src_gen.gene_src_strain                    ? 
_entity_src_gen.gene_src_tissue                    ? 
_entity_src_gen.gene_src_tissue_fraction           ? 
_entity_src_gen.gene_src_details                   ? 
_entity_src_gen.pdbx_gene_src_fragment             ? 
_entity_src_gen.pdbx_gene_src_scientific_name      'West Nile virus' 
_entity_src_gen.pdbx_gene_src_ncbi_taxonomy_id     11082 
_entity_src_gen.pdbx_gene_src_variant              ? 
_entity_src_gen.pdbx_gene_src_cell_line            ? 
_entity_src_gen.pdbx_gene_src_atcc                 ? 
_entity_src_gen.pdbx_gene_src_organ                ? 
_entity_src_gen.pdbx_gene_src_organelle            ? 
_entity_src_gen.pdbx_gene_src_cell                 ? 
_entity_src_gen.pdbx_gene_src_cellular_location    ? 
_entity_src_gen.host_org_common_name               ? 
_entity_src_gen.pdbx_host_org_scientific_name      'Escherichia coli' 
_entity_src_gen.pdbx_host_org_ncbi_taxonomy_id     469008 
_entity_src_gen.host_org_genus                     ? 
_entity_src_gen.pdbx_host_org_gene                 ? 
_entity_src_gen.pdbx_host_org_organ                ? 
_entity_src_gen.host_org_species                   ? 
_entity_src_gen.pdbx_host_org_tissue               ? 
_entity_src_gen.pdbx_host_org_tissue_fraction      ? 
_entity_src_gen.pdbx_host_org_strain               'BL21(DE3)' 
_entity_src_gen.pdbx_host_org_variant              ? 
_entity_src_gen.pdbx_host_org_cell_line            ? 
_entity_src_gen.pdbx_host_org_atcc                 ? 
_entity_src_gen.pdbx_host_org_culture_collection   ? 
_entity_src_gen.pdbx_host_org_cell                 ? 
_entity_src_gen.pdbx_host_org_organelle            ? 
_entity_src_gen.pdbx_host_org_cellular_location    ? 
_entity_src_gen.pdbx_host_org_vector_type          PLASMID 
_entity_src_gen.pdbx_host_org_vector               ? 
_entity_src_gen.host_org_details                   ? 
_entity_src_gen.expression_system_id               ? 
_entity_src_gen.plasmid_name                       'PET21(A)+' 
_entity_src_gen.plasmid_details                    ? 
_entity_src_gen.pdbx_description                   ? 
# 
loop_
_chem_comp.id 
_chem_comp.type 
_chem_comp.mon_nstd_flag 
_chem_comp.name 
_chem_comp.pdbx_synonyms 
_chem_comp.formula 
_chem_comp.formula_weight 
ALA 'L-peptide linking' y ALANINE          ?                               'C3 H7 N O2'     89.093  
ARG 'L-peptide linking' y ARGININE         ?                               'C6 H15 N4 O2 1' 175.209 
ASN 'L-peptide linking' y ASPARAGINE       ?                               'C4 H8 N2 O3'    132.118 
ASP 'L-peptide linking' y 'ASPARTIC ACID'  ?                               'C4 H7 N O4'     133.103 
CYS 'L-peptide linking' y CYSTEINE         ?                               'C3 H7 N O2 S'   121.158 
GLN 'L-peptide linking' y GLUTAMINE        ?                               'C5 H10 N2 O3'   146.144 
GLU 'L-peptide linking' y 'GLUTAMIC ACID'  ?                               'C5 H9 N O4'     147.129 
GLY 'peptide linking'   y GLYCINE          ?                               'C2 H5 N O2'     75.067  
GOL non-polymer         . GLYCEROL         'GLYCERIN; PROPANE-1,2,3-TRIOL' 'C3 H8 O3'       92.094  
HIS 'L-peptide linking' y HISTIDINE        ?                               'C6 H10 N3 O2 1' 156.162 
HOH non-polymer         . WATER            ?                               'H2 O'           18.015  
ILE 'L-peptide linking' y ISOLEUCINE       ?                               'C6 H13 N O2'    131.173 
LEU 'L-peptide linking' y LEUCINE          ?                               'C6 H13 N O2'    131.173 
LYS 'L-peptide linking' y LYSINE           ?                               'C6 H15 N2 O2 1' 147.195 
MSE 'L-peptide linking' n SELENOMETHIONINE ?                               'C5 H11 N O2 Se' 196.106 
PHE 'L-peptide linking' y PHENYLALANINE    ?                               'C9 H11 N O2'    165.189 
PRO 'L-peptide linking' y PROLINE          ?                               'C5 H9 N O2'     115.130 
SER 'L-peptide linking' y SERINE           ?                               'C3 H7 N O3'     105.093 
THR 'L-peptide linking' y THREONINE        ?                               'C4 H9 N O3'     119.119 
TRP 'L-peptide linking' y TRYPTOPHAN       ?                               'C11 H12 N2 O2'  204.225 
TYR 'L-peptide linking' y TYROSINE         ?                               'C9 H11 N O3'    181.189 
VAL 'L-peptide linking' y VALINE           ?                               'C5 H11 N O2'    117.146 
# 
loop_
_pdbx_poly_seq_scheme.asym_id 
_pdbx_poly_seq_scheme.entity_id 
_pdbx_poly_seq_scheme.seq_id 
_pdbx_poly_seq_scheme.mon_id 
_pdbx_poly_seq_scheme.ndb_seq_num 
_pdbx_poly_seq_scheme.pdb_seq_num 
_pdbx_poly_seq_scheme.auth_seq_num 
_pdbx_poly_seq_scheme.pdb_mon_id 
_pdbx_poly_seq_scheme.auth_mon_id 
_pdbx_poly_seq_scheme.pdb_strand_id 
_pdbx_poly_seq_scheme.pdb_ins_code 
_pdbx_poly_seq_scheme.hetero 
A 1 1   MSE 1   168 ?   ?   ?   A . n 
A 1 2   ALA 2   169 ?   ?   ?   A . n 
A 1 3   SER 3   170 ?   ?   ?   A . n 
A 1 4   MSE 4   171 ?   ?   ?   A . n 
A 1 5   ARG 5   172 ?   ?   ?   A . n 
A 1 6   GLU 6   173 ?   ?   ?   A . n 
A 1 7   SER 7   174 ?   ?   ?   A . n 
A 1 8   ASN 8   175 ?   ?   ?   A . n 
A 1 9   THR 9   176 176 THR THR A . n 
A 1 10  THR 10  177 177 THR THR A . n 
A 1 11  GLU 11  178 178 GLU GLU A . n 
A 1 12  CYS 12  179 179 CYS CYS A . n 
A 1 13  ASP 13  180 180 ASP ASP A . n 
A 1 14  SER 14  181 181 SER SER A . n 
A 1 15  LYS 15  182 182 LYS LYS A . n 
A 1 16  ILE 16  183 183 ILE ILE A . n 
A 1 17  MSE 17  184 184 MSE MSE A . n 
A 1 18  GLY 18  185 185 GLY GLY A . n 
A 1 19  THR 19  186 186 THR THR A . n 
A 1 20  ALA 20  187 187 ALA ALA A . n 
A 1 21  VAL 21  188 188 VAL VAL A . n 
A 1 22  LYS 22  189 189 LYS LYS A . n 
A 1 23  ASN 23  190 190 ASN ASN A . n 
A 1 24  ASN 24  191 191 ASN ASN A . n 
A 1 25  LEU 25  192 192 LEU LEU A . n 
A 1 26  ALA 26  193 193 ALA ALA A . n 
A 1 27  ILE 27  194 194 ILE ILE A . n 
A 1 28  HIS 28  195 195 HIS HIS A . n 
A 1 29  SER 29  196 196 SER SER A . n 
A 1 30  ASP 30  197 197 ASP ASP A . n 
A 1 31  LEU 31  198 198 LEU LEU A . n 
A 1 32  SER 32  199 199 SER SER A . n 
A 1 33  TYR 33  200 200 TYR TYR A . n 
A 1 34  TRP 34  201 201 TRP TRP A . n 
A 1 35  ILE 35  202 202 ILE ILE A . n 
A 1 36  GLU 36  203 203 GLU GLU A . n 
A 1 37  SER 37  204 204 SER SER A . n 
A 1 38  ARG 38  205 205 ARG ARG A . n 
A 1 39  LEU 39  206 206 LEU LEU A . n 
A 1 40  ASN 40  207 207 ASN ASN A . n 
A 1 41  ASP 41  208 208 ASP ASP A . n 
A 1 42  THR 42  209 209 THR THR A . n 
A 1 43  TRP 43  210 210 TRP TRP A . n 
A 1 44  LYS 44  211 211 LYS LYS A . n 
A 1 45  LEU 45  212 212 LEU LEU A . n 
A 1 46  GLU 46  213 213 GLU GLU A . n 
A 1 47  ARG 47  214 214 ARG ARG A . n 
A 1 48  ALA 48  215 215 ALA ALA A . n 
A 1 49  VAL 49  216 216 VAL VAL A . n 
A 1 50  LEU 50  217 217 LEU LEU A . n 
A 1 51  GLY 51  218 218 GLY GLY A . n 
A 1 52  GLU 52  219 219 GLU GLU A . n 
A 1 53  VAL 53  220 220 VAL VAL A . n 
A 1 54  LYS 54  221 221 LYS LYS A . n 
A 1 55  SER 55  222 222 SER SER A . n 
A 1 56  CYS 56  223 223 CYS CYS A . n 
A 1 57  THR 57  224 224 THR THR A . n 
A 1 58  TRP 58  225 225 TRP TRP A . n 
A 1 59  PRO 59  226 226 PRO PRO A . n 
A 1 60  GLU 60  227 227 GLU GLU A . n 
A 1 61  THR 61  228 228 THR THR A . n 
A 1 62  HIS 62  229 229 HIS HIS A . n 
A 1 63  THR 63  230 230 THR THR A . n 
A 1 64  LEU 64  231 231 LEU LEU A . n 
A 1 65  TRP 65  232 232 TRP TRP A . n 
A 1 66  GLY 66  233 233 GLY GLY A . n 
A 1 67  ASP 67  234 234 ASP ASP A . n 
A 1 68  GLY 68  235 235 GLY GLY A . n 
A 1 69  ILE 69  236 236 ILE ILE A . n 
A 1 70  LEU 70  237 237 LEU LEU A . n 
A 1 71  GLU 71  238 238 GLU GLU A . n 
A 1 72  SER 72  239 239 SER SER A . n 
A 1 73  ASP 73  240 240 ASP ASP A . n 
A 1 74  MSE 74  241 241 MSE MSE A . n 
A 1 75  ILE 75  242 242 ILE ILE A . n 
A 1 76  ILE 76  243 243 ILE ILE A . n 
A 1 77  PRO 77  244 244 PRO PRO A . n 
A 1 78  VAL 78  245 245 VAL VAL A . n 
A 1 79  THR 79  246 246 THR THR A . n 
A 1 80  LEU 80  247 247 LEU LEU A . n 
A 1 81  ALA 81  248 248 ALA ALA A . n 
A 1 82  GLY 82  249 249 GLY GLY A . n 
A 1 83  PRO 83  250 250 PRO PRO A . n 
A 1 84  ARG 84  251 251 ARG ARG A . n 
A 1 85  SER 85  252 252 SER SER A . n 
A 1 86  ASN 86  253 253 ASN ASN A . n 
A 1 87  HIS 87  254 254 HIS HIS A . n 
A 1 88  ASN 88  255 255 ASN ASN A . n 
A 1 89  ARG 89  256 256 ARG ARG A . n 
A 1 90  ARG 90  257 257 ARG ARG A . n 
A 1 91  PRO 91  258 258 PRO PRO A . n 
A 1 92  GLY 92  259 259 GLY GLY A . n 
A 1 93  TYR 93  260 260 TYR TYR A . n 
A 1 94  LYS 94  261 261 LYS LYS A . n 
A 1 95  THR 95  262 262 THR THR A . n 
A 1 96  GLN 96  263 263 GLN GLN A . n 
A 1 97  ASN 97  264 264 ASN ASN A . n 
A 1 98  GLN 98  265 265 GLN GLN A . n 
A 1 99  GLY 99  266 266 GLY GLY A . n 
A 1 100 PRO 100 267 267 PRO PRO A . n 
A 1 101 TRP 101 268 268 TRP TRP A . n 
A 1 102 ASP 102 269 269 ASP ASP A . n 
A 1 103 GLU 103 270 270 GLU GLU A . n 
A 1 104 GLY 104 271 271 GLY GLY A . n 
A 1 105 ARG 105 272 272 ARG ARG A . n 
A 1 106 VAL 106 273 273 VAL VAL A . n 
A 1 107 GLU 107 274 274 GLU GLU A . n 
A 1 108 ILE 108 275 275 ILE ILE A . n 
A 1 109 ASP 109 276 276 ASP ASP A . n 
A 1 110 PHE 110 277 277 PHE PHE A . n 
A 1 111 ASP 111 278 278 ASP ASP A . n 
A 1 112 TYR 112 279 279 TYR TYR A . n 
A 1 113 CYS 113 280 280 CYS CYS A . n 
A 1 114 PRO 114 281 281 PRO PRO A . n 
A 1 115 GLY 115 282 282 GLY GLY A . n 
A 1 116 THR 116 283 283 THR THR A . n 
A 1 117 THR 117 284 284 THR THR A . n 
A 1 118 VAL 118 285 285 VAL VAL A . n 
A 1 119 THR 119 286 286 THR THR A . n 
A 1 120 LEU 120 287 287 LEU LEU A . n 
A 1 121 SER 121 288 288 SER SER A . n 
A 1 122 GLU 122 289 289 GLU GLU A . n 
A 1 123 SER 123 290 290 SER SER A . n 
A 1 124 CYS 124 291 291 CYS CYS A . n 
A 1 125 GLY 125 292 292 GLY GLY A . n 
A 1 126 HIS 126 293 293 HIS HIS A . n 
A 1 127 ARG 127 294 294 ARG ARG A . n 
A 1 128 GLY 128 295 295 GLY GLY A . n 
A 1 129 PRO 129 296 296 PRO PRO A . n 
A 1 130 ALA 130 297 297 ALA ALA A . n 
A 1 131 THR 131 298 298 THR THR A . n 
A 1 132 ARG 132 299 299 ARG ARG A . n 
A 1 133 THR 133 300 300 THR THR A . n 
A 1 134 THR 134 301 301 THR THR A . n 
A 1 135 THR 135 302 302 THR THR A . n 
A 1 136 GLU 136 303 303 GLU GLU A . n 
A 1 137 SER 137 304 304 SER SER A . n 
A 1 138 GLY 138 305 305 GLY GLY A . n 
A 1 139 LYS 139 306 306 LYS LYS A . n 
A 1 140 LEU 140 307 307 LEU LEU A . n 
A 1 141 ILE 141 308 308 ILE ILE A . n 
A 1 142 THR 142 309 309 THR THR A . n 
A 1 143 ASP 143 310 310 ASP ASP A . n 
A 1 144 TRP 144 311 311 TRP TRP A . n 
A 1 145 CYS 145 312 312 CYS CYS A . n 
A 1 146 CYS 146 313 313 CYS CYS A . n 
A 1 147 ARG 147 314 314 ARG ARG A . n 
A 1 148 SER 148 315 315 SER SER A . n 
A 1 149 CYS 149 316 316 CYS CYS A . n 
A 1 150 THR 150 317 317 THR THR A . n 
A 1 151 LEU 151 318 318 LEU LEU A . n 
A 1 152 PRO 152 319 319 PRO PRO A . n 
A 1 153 PRO 153 320 320 PRO PRO A . n 
A 1 154 LEU 154 321 321 LEU LEU A . n 
A 1 155 ARG 155 322 322 ARG ARG A . n 
A 1 156 TYR 156 323 323 TYR TYR A . n 
A 1 157 GLN 157 324 324 GLN GLN A . n 
A 1 158 THR 158 325 325 THR THR A . n 
A 1 159 ASP 159 326 326 ASP ASP A . n 
A 1 160 SER 160 327 327 SER SER A . n 
A 1 161 GLY 161 328 328 GLY GLY A . n 
A 1 162 CYS 162 329 329 CYS CYS A . n 
A 1 163 TRP 163 330 330 TRP TRP A . n 
A 1 164 TYR 164 331 331 TYR TYR A . n 
A 1 165 GLY 165 332 332 GLY GLY A . n 
A 1 166 MSE 166 333 333 MSE MSE A . n 
A 1 167 GLU 167 334 334 GLU GLU A . n 
A 1 168 ILE 168 335 335 ILE ILE A . n 
A 1 169 ARG 169 336 336 ARG ARG A . n 
A 1 170 PRO 170 337 337 PRO PRO A . n 
A 1 171 GLN 171 338 338 GLN GLN A . n 
A 1 172 ARG 172 339 339 ARG ARG A . n 
A 1 173 HIS 173 340 340 HIS HIS A . n 
A 1 174 ASP 174 341 341 ASP ASP A . n 
A 1 175 GLU 175 342 342 GLU GLU A . n 
A 1 176 LYS 176 343 343 LYS LYS A . n 
A 1 177 THR 177 344 344 THR THR A . n 
A 1 178 LEU 178 345 345 LEU LEU A . n 
A 1 179 VAL 179 346 346 VAL VAL A . n 
A 1 180 GLN 180 347 347 GLN GLN A . n 
A 1 181 SER 181 348 348 SER SER A . n 
A 1 182 GLN 182 349 349 GLN GLN A . n 
A 1 183 VAL 183 350 350 VAL VAL A . n 
A 1 184 ASN 184 351 351 ASN ASN A . n 
A 1 185 ALA 185 352 352 ALA ALA A . n 
# 
loop_
_pdbx_nonpoly_scheme.asym_id 
_pdbx_nonpoly_scheme.entity_id 
_pdbx_nonpoly_scheme.mon_id 
_pdbx_nonpoly_scheme.ndb_seq_num 
_pdbx_nonpoly_scheme.pdb_seq_num 
_pdbx_nonpoly_scheme.auth_seq_num 
_pdbx_nonpoly_scheme.pdb_mon_id 
_pdbx_nonpoly_scheme.auth_mon_id 
_pdbx_nonpoly_scheme.pdb_strand_id 
_pdbx_nonpoly_scheme.pdb_ins_code 
B 2 GOL 1   401 1   GOL GOL A . 
C 3 HOH 1   501 401 HOH HOH A . 
C 3 HOH 2   502 402 HOH HOH A . 
C 3 HOH 3   503 403 HOH HOH A . 
C 3 HOH 4   504 404 HOH HOH A . 
C 3 HOH 5   505 405 HOH HOH A . 
C 3 HOH 6   506 406 HOH HOH A . 
C 3 HOH 7   507 407 HOH HOH A . 
C 3 HOH 8   508 408 HOH HOH A . 
C 3 HOH 9   509 409 HOH HOH A . 
C 3 HOH 10  510 410 HOH HOH A . 
C 3 HOH 11  511 411 HOH HOH A . 
C 3 HOH 12  512 412 HOH HOH A . 
C 3 HOH 13  513 413 HOH HOH A . 
C 3 HOH 14  514 414 HOH HOH A . 
C 3 HOH 15  515 415 HOH HOH A . 
C 3 HOH 16  516 416 HOH HOH A . 
C 3 HOH 17  517 417 HOH HOH A . 
C 3 HOH 18  518 418 HOH HOH A . 
C 3 HOH 19  519 419 HOH HOH A . 
C 3 HOH 20  520 420 HOH HOH A . 
C 3 HOH 21  521 421 HOH HOH A . 
C 3 HOH 22  522 422 HOH HOH A . 
C 3 HOH 23  523 423 HOH HOH A . 
C 3 HOH 24  524 424 HOH HOH A . 
C 3 HOH 25  525 425 HOH HOH A . 
C 3 HOH 26  526 426 HOH HOH A . 
C 3 HOH 27  527 427 HOH HOH A . 
C 3 HOH 28  528 428 HOH HOH A . 
C 3 HOH 29  529 429 HOH HOH A . 
C 3 HOH 30  530 430 HOH HOH A . 
C 3 HOH 31  531 431 HOH HOH A . 
C 3 HOH 32  532 432 HOH HOH A . 
C 3 HOH 33  533 433 HOH HOH A . 
C 3 HOH 34  534 434 HOH HOH A . 
C 3 HOH 35  535 435 HOH HOH A . 
C 3 HOH 36  536 437 HOH HOH A . 
C 3 HOH 37  537 438 HOH HOH A . 
C 3 HOH 38  538 439 HOH HOH A . 
C 3 HOH 39  539 440 HOH HOH A . 
C 3 HOH 40  540 441 HOH HOH A . 
C 3 HOH 41  541 442 HOH HOH A . 
C 3 HOH 42  542 443 HOH HOH A . 
C 3 HOH 43  543 444 HOH HOH A . 
C 3 HOH 44  544 445 HOH HOH A . 
C 3 HOH 45  545 446 HOH HOH A . 
C 3 HOH 46  546 447 HOH HOH A . 
C 3 HOH 47  547 448 HOH HOH A . 
C 3 HOH 48  548 449 HOH HOH A . 
C 3 HOH 49  549 450 HOH HOH A . 
C 3 HOH 50  550 451 HOH HOH A . 
C 3 HOH 51  551 452 HOH HOH A . 
C 3 HOH 52  552 453 HOH HOH A . 
C 3 HOH 53  553 454 HOH HOH A . 
C 3 HOH 54  554 455 HOH HOH A . 
C 3 HOH 55  555 456 HOH HOH A . 
C 3 HOH 56  556 457 HOH HOH A . 
C 3 HOH 57  557 458 HOH HOH A . 
C 3 HOH 58  558 459 HOH HOH A . 
C 3 HOH 59  559 460 HOH HOH A . 
C 3 HOH 60  560 461 HOH HOH A . 
C 3 HOH 61  561 462 HOH HOH A . 
C 3 HOH 62  562 463 HOH HOH A . 
C 3 HOH 63  563 464 HOH HOH A . 
C 3 HOH 64  564 465 HOH HOH A . 
C 3 HOH 65  565 466 HOH HOH A . 
C 3 HOH 66  566 467 HOH HOH A . 
C 3 HOH 67  567 468 HOH HOH A . 
C 3 HOH 68  568 469 HOH HOH A . 
C 3 HOH 69  569 470 HOH HOH A . 
C 3 HOH 70  570 471 HOH HOH A . 
C 3 HOH 71  571 472 HOH HOH A . 
C 3 HOH 72  572 473 HOH HOH A . 
C 3 HOH 73  573 474 HOH HOH A . 
C 3 HOH 74  574 475 HOH HOH A . 
C 3 HOH 75  575 476 HOH HOH A . 
C 3 HOH 76  576 477 HOH HOH A . 
C 3 HOH 77  577 478 HOH HOH A . 
C 3 HOH 78  578 479 HOH HOH A . 
C 3 HOH 79  579 480 HOH HOH A . 
C 3 HOH 80  580 481 HOH HOH A . 
C 3 HOH 81  581 482 HOH HOH A . 
C 3 HOH 82  582 483 HOH HOH A . 
C 3 HOH 83  583 484 HOH HOH A . 
C 3 HOH 84  584 485 HOH HOH A . 
C 3 HOH 85  585 486 HOH HOH A . 
C 3 HOH 86  586 487 HOH HOH A . 
C 3 HOH 87  587 488 HOH HOH A . 
C 3 HOH 88  588 489 HOH HOH A . 
C 3 HOH 89  589 490 HOH HOH A . 
C 3 HOH 90  590 491 HOH HOH A . 
C 3 HOH 91  591 493 HOH HOH A . 
C 3 HOH 92  592 494 HOH HOH A . 
C 3 HOH 93  593 495 HOH HOH A . 
C 3 HOH 94  594 496 HOH HOH A . 
C 3 HOH 95  595 499 HOH HOH A . 
C 3 HOH 96  596 500 HOH HOH A . 
C 3 HOH 97  597 501 HOH HOH A . 
C 3 HOH 98  598 502 HOH HOH A . 
C 3 HOH 99  599 504 HOH HOH A . 
C 3 HOH 100 600 505 HOH HOH A . 
C 3 HOH 101 601 506 HOH HOH A . 
C 3 HOH 102 602 507 HOH HOH A . 
C 3 HOH 103 603 508 HOH HOH A . 
C 3 HOH 104 604 509 HOH HOH A . 
C 3 HOH 105 605 510 HOH HOH A . 
C 3 HOH 106 606 511 HOH HOH A . 
C 3 HOH 107 607 512 HOH HOH A . 
C 3 HOH 108 608 513 HOH HOH A . 
C 3 HOH 109 609 514 HOH HOH A . 
C 3 HOH 110 610 515 HOH HOH A . 
C 3 HOH 111 611 516 HOH HOH A . 
C 3 HOH 112 612 517 HOH HOH A . 
C 3 HOH 113 613 518 HOH HOH A . 
C 3 HOH 114 614 519 HOH HOH A . 
C 3 HOH 115 615 520 HOH HOH A . 
C 3 HOH 116 616 521 HOH HOH A . 
C 3 HOH 117 617 523 HOH HOH A . 
C 3 HOH 118 618 524 HOH HOH A . 
C 3 HOH 119 619 526 HOH HOH A . 
C 3 HOH 120 620 528 HOH HOH A . 
C 3 HOH 121 621 529 HOH HOH A . 
C 3 HOH 122 622 530 HOH HOH A . 
C 3 HOH 123 623 531 HOH HOH A . 
C 3 HOH 124 624 532 HOH HOH A . 
C 3 HOH 125 625 533 HOH HOH A . 
C 3 HOH 126 626 534 HOH HOH A . 
C 3 HOH 127 627 535 HOH HOH A . 
C 3 HOH 128 628 536 HOH HOH A . 
C 3 HOH 129 629 537 HOH HOH A . 
C 3 HOH 130 630 539 HOH HOH A . 
C 3 HOH 131 631 540 HOH HOH A . 
C 3 HOH 132 632 544 HOH HOH A . 
C 3 HOH 133 633 546 HOH HOH A . 
C 3 HOH 134 634 548 HOH HOH A . 
C 3 HOH 135 635 551 HOH HOH A . 
C 3 HOH 136 636 552 HOH HOH A . 
C 3 HOH 137 637 553 HOH HOH A . 
C 3 HOH 138 638 554 HOH HOH A . 
C 3 HOH 139 639 555 HOH HOH A . 
C 3 HOH 140 640 556 HOH HOH A . 
C 3 HOH 141 641 557 HOH HOH A . 
C 3 HOH 142 642 558 HOH HOH A . 
C 3 HOH 143 643 559 HOH HOH A . 
C 3 HOH 144 644 561 HOH HOH A . 
C 3 HOH 145 645 562 HOH HOH A . 
C 3 HOH 146 646 563 HOH HOH A . 
# 
loop_
_software.pdbx_ordinal 
_software.name 
_software.version 
_software.date 
_software.type 
_software.contact_author 
_software.contact_author_email 
_software.classification 
_software.location 
_software.language 
_software.citation_id 
1 MOSFLM      .         ?                package 'Andrew G.W. Leslie' andrew@mrc-lmb.cam.ac.uk 'data reduction'  
http://www.mrc-lmb.cam.ac.uk/harry/mosflm/ ?          ? 
2 SCALA       3.3.16    2010/01/06       other   'Phil R. Evans'      pre@mrc-lmb.cam.ac.uk    'data scaling'    
http://www.ccp4.ac.uk/dist/html/scala.html Fortran_77 ? 
3 PHENIX      1.7.2_869 ?                package 'Paul D. Adams'      PDAdams@lbl.gov          refinement        
http://www.phenix-online.org/              C++        ? 
4 PDB_EXTRACT 3.11      'April 22, 2011' package PDB                  deposit@deposit.rcsb.org 'data extraction' 
http://sw-tools.pdb.org/apps/PDB_EXTRACT/  C++        ? 
5 SHARP       .         ?                ?       ?                    ?                        phasing           ? ?          ? 
# 
_cell.entry_id           4OIE 
_cell.length_a           49.710 
_cell.length_b           49.710 
_cell.length_c           139.850 
_cell.angle_alpha        90.00 
_cell.angle_beta         90.00 
_cell.angle_gamma        120.00 
_cell.Z_PDB              6 
_cell.pdbx_unique_axis   ? 
_cell.length_a_esd       ? 
_cell.length_b_esd       ? 
_cell.length_c_esd       ? 
_cell.angle_alpha_esd    ? 
_cell.angle_beta_esd     ? 
_cell.angle_gamma_esd    ? 
# 
_symmetry.entry_id                         4OIE 
_symmetry.space_group_name_H-M             'P 31 2 1' 
_symmetry.pdbx_full_space_group_name_H-M   ? 
_symmetry.cell_setting                     ? 
_symmetry.Int_Tables_number                152 
_symmetry.space_group_name_Hall            ? 
# 
_exptl.entry_id          4OIE 
_exptl.method            'X-RAY DIFFRACTION' 
_exptl.crystals_number   1 
# 
_exptl_crystal.id                    1 
_exptl_crystal.density_meas          ? 
_exptl_crystal.density_Matthews      2.36 
_exptl_crystal.density_percent_sol   47.86 
_exptl_crystal.description           ? 
_exptl_crystal.F_000                 ? 
_exptl_crystal.preparation           ? 
# 
_exptl_crystal_grow.crystal_id      1 
_exptl_crystal_grow.method          'VAPOR DIFFUSION, HANGING DROP' 
_exptl_crystal_grow.temp            293 
_exptl_crystal_grow.temp_details    ? 
_exptl_crystal_grow.pH              5.4 
_exptl_crystal_grow.pdbx_pH_range   ? 
_exptl_crystal_grow.pdbx_details    '20% PEG 2K MME, 0.1 M sodium acetate, pH 5.4, VAPOR DIFFUSION, HANGING DROP, temperature 293K' 
# 
_diffrn.id                     1 
_diffrn.ambient_temp           100 
_diffrn.ambient_temp_details   ? 
_diffrn.crystal_id             1 
# 
_diffrn_detector.diffrn_id              1 
_diffrn_detector.detector               CCD 
_diffrn_detector.type                   NOIR-1 
_diffrn_detector.pdbx_collection_date   2011-06-10 
_diffrn_detector.details                ? 
# 
_diffrn_radiation.diffrn_id                        1 
_diffrn_radiation.wavelength_id                    1 
_diffrn_radiation.pdbx_monochromatic_or_laue_m_l   M 
_diffrn_radiation.monochromator                    ? 
_diffrn_radiation.pdbx_diffrn_protocol             'SINGLE WAVELENGTH' 
_diffrn_radiation.pdbx_scattering_type             x-ray 
# 
_diffrn_radiation_wavelength.id           1 
_diffrn_radiation_wavelength.wavelength   1.0 
_diffrn_radiation_wavelength.wt           1.0 
# 
_diffrn_source.diffrn_id                   1 
_diffrn_source.source                      SYNCHROTRON 
_diffrn_source.type                        'ALS BEAMLINE 4.2.2' 
_diffrn_source.pdbx_synchrotron_site       ALS 
_diffrn_source.pdbx_synchrotron_beamline   4.2.2 
_diffrn_source.pdbx_wavelength             1.0 
_diffrn_source.pdbx_wavelength_list        ? 
# 
_reflns.pdbx_diffrn_id               1 
_reflns.pdbx_ordinal                 1 
_reflns.entry_id                     4OIE 
_reflns.observed_criterion_sigma_I   3 
_reflns.observed_criterion_sigma_F   ? 
_reflns.d_resolution_low             24.855 
_reflns.d_resolution_high            1.850 
_reflns.number_obs                   17797 
_reflns.number_all                   17797 
_reflns.percent_possible_obs         99.700 
_reflns.pdbx_Rmerge_I_obs            ? 
_reflns.pdbx_Rsym_value              0.096 
_reflns.pdbx_netI_over_sigmaI        10.500 
_reflns.B_iso_Wilson_estimate        ? 
_reflns.pdbx_redundancy              5.600 
_reflns.R_free_details               ? 
_reflns.limit_h_max                  ? 
_reflns.limit_h_min                  ? 
_reflns.limit_k_max                  ? 
_reflns.limit_k_min                  ? 
_reflns.limit_l_max                  ? 
_reflns.limit_l_min                  ? 
_reflns.observed_criterion_F_max     ? 
_reflns.observed_criterion_F_min     ? 
_reflns.pdbx_chi_squared             ? 
_reflns.pdbx_scaling_rejects         ? 
# 
loop_
_reflns_shell.pdbx_diffrn_id 
_reflns_shell.pdbx_ordinal 
_reflns_shell.d_res_high 
_reflns_shell.d_res_low 
_reflns_shell.percent_possible_all 
_reflns_shell.Rmerge_I_obs 
_reflns_shell.pdbx_Rsym_value 
_reflns_shell.meanI_over_sigI_obs 
_reflns_shell.pdbx_redundancy 
_reflns_shell.percent_possible_obs 
_reflns_shell.number_unique_all 
_reflns_shell.number_measured_all 
_reflns_shell.number_measured_obs 
_reflns_shell.number_unique_obs 
_reflns_shell.pdbx_chi_squared 
1 1  1.850 1.950  100.000 0.548 0.548 1.300  6.800 ? ? ? ? ? ? 
1 2  1.950 2.070  100.000 0.288 0.288 2.500  6.400 ? ? ? ? ? ? 
1 3  2.070 2.210  100.000 0.184 0.184 3.900  6.100 ? ? ? ? ? ? 
1 4  2.210 2.390  100.000 0.148 0.148 4.800  5.700 ? ? ? ? ? ? 
1 5  2.390 2.620  100.000 0.113 0.113 6.400  5.300 ? ? ? ? ? ? 
1 6  2.620 2.930  99.900  0.090 0.090 7.600  4.900 ? ? ? ? ? ? 
1 7  2.930 3.380  99.700  0.067 0.067 9.900  4.600 ? ? ? ? ? ? 
1 8  3.380 4.140  98.700  0.061 0.061 8.900  4.200 ? ? ? ? ? ? 
1 9  4.140 5.850  97.700  0.067 0.067 7.000  4.000 ? ? ? ? ? ? 
1 10 5.850 24.855 97.800  0.056 0.056 10.700 6.100 ? ? ? ? ? ? 
# 
_refine.pdbx_refine_id                           'X-RAY DIFFRACTION' 
_refine.entry_id                                 4OIE 
_refine.pdbx_diffrn_id                           1 
_refine.pdbx_TLS_residual_ADP_flag               ? 
_refine.ls_number_reflns_obs                     17749 
_refine.ls_number_reflns_all                     ? 
_refine.pdbx_ls_sigma_I                          ? 
_refine.pdbx_ls_sigma_F                          0.00 
_refine.pdbx_data_cutoff_high_absF               ? 
_refine.pdbx_data_cutoff_low_absF                ? 
_refine.pdbx_data_cutoff_high_rms_absF           ? 
_refine.ls_d_res_low                             24.855 
_refine.ls_d_res_high                            1.850 
_refine.ls_percent_reflns_obs                    99.48 
_refine.ls_R_factor_obs                          0.2171 
_refine.ls_R_factor_all                          ? 
_refine.ls_R_factor_R_work                       0.2148 
_refine.ls_R_factor_R_free                       0.2617 
_refine.ls_R_factor_R_free_error                 ? 
_refine.ls_R_factor_R_free_error_details         ? 
_refine.ls_percent_reflns_R_free                 5.09 
_refine.ls_number_reflns_R_free                  903 
_refine.ls_number_parameters                     ? 
_refine.ls_number_restraints                     ? 
_refine.occupancy_min                            1.000 
_refine.occupancy_max                            1.000 
_refine.correlation_coeff_Fo_to_Fc               ? 
_refine.correlation_coeff_Fo_to_Fc_free          ? 
_refine.B_iso_mean                               ? 
_refine.aniso_B[1][1]                            1.9914 
_refine.aniso_B[2][2]                            1.9914 
_refine.aniso_B[3][3]                            -3.9829 
_refine.aniso_B[1][2]                            -0.0000 
_refine.aniso_B[1][3]                            -0.0000 
_refine.aniso_B[2][3]                            0.0000 
_refine.solvent_model_details                    'FLAT BULK SOLVENT MODEL' 
_refine.solvent_model_param_ksol                 0.343 
_refine.solvent_model_param_bsol                 40.507 
_refine.pdbx_solvent_vdw_probe_radii             1.20 
_refine.pdbx_solvent_ion_probe_radii             ? 
_refine.pdbx_solvent_shrinkage_radii             0.98 
_refine.pdbx_ls_cross_valid_method               ? 
_refine.details                                  ? 
_refine.pdbx_starting_model                      ? 
_refine.pdbx_method_to_determine_struct          SAD 
_refine.pdbx_isotropic_thermal_model             ? 
_refine.pdbx_stereochemistry_target_values       MLHL 
_refine.pdbx_stereochem_target_val_spec_case     ? 
_refine.pdbx_R_Free_selection_details            ? 
_refine.pdbx_overall_ESU_R                       ? 
_refine.pdbx_overall_ESU_R_Free                  ? 
_refine.overall_SU_ML                            0.51 
_refine.pdbx_overall_phase_error                 23.93 
_refine.overall_SU_B                             ? 
_refine.overall_SU_R_Cruickshank_DPI             ? 
_refine.pdbx_overall_SU_R_free_Cruickshank_DPI   ? 
_refine.pdbx_overall_SU_R_Blow_DPI               ? 
_refine.pdbx_overall_SU_R_free_Blow_DPI          ? 
_refine.ls_redundancy_reflns_obs                 ? 
_refine.B_iso_min                                ? 
_refine.B_iso_max                                ? 
_refine.overall_SU_R_free                        ? 
_refine.ls_wR_factor_R_free                      ? 
_refine.ls_wR_factor_R_work                      ? 
_refine.overall_FOM_free_R_set                   ? 
_refine.overall_FOM_work_R_set                   ? 
# 
_refine_hist.pdbx_refine_id                   'X-RAY DIFFRACTION' 
_refine_hist.cycle_id                         LAST 
_refine_hist.pdbx_number_atoms_protein        1398 
_refine_hist.pdbx_number_atoms_nucleic_acid   0 
_refine_hist.pdbx_number_atoms_ligand         6 
_refine_hist.number_atoms_solvent             146 
_refine_hist.number_atoms_total               1550 
_refine_hist.d_res_high                       1.850 
_refine_hist.d_res_low                        24.855 
# 
loop_
_refine_ls_restr.type 
_refine_ls_restr.dev_ideal 
_refine_ls_restr.dev_ideal_target 
_refine_ls_restr.weight 
_refine_ls_restr.number 
_refine_ls_restr.pdbx_refine_id 
_refine_ls_restr.pdbx_restraint_function 
f_bond_d           0.003  ? ? 1441 'X-RAY DIFFRACTION' ? 
f_angle_d          0.769  ? ? 1955 'X-RAY DIFFRACTION' ? 
f_dihedral_angle_d 12.265 ? ? 529  'X-RAY DIFFRACTION' ? 
f_chiral_restr     0.051  ? ? 213  'X-RAY DIFFRACTION' ? 
f_plane_restr      0.002  ? ? 252  'X-RAY DIFFRACTION' ? 
# 
loop_
_refine_ls_shell.pdbx_refine_id 
_refine_ls_shell.pdbx_total_number_of_bins_used 
_refine_ls_shell.d_res_high 
_refine_ls_shell.d_res_low 
_refine_ls_shell.number_reflns_R_work 
_refine_ls_shell.R_factor_R_work 
_refine_ls_shell.percent_reflns_obs 
_refine_ls_shell.R_factor_R_free 
_refine_ls_shell.R_factor_R_free_error 
_refine_ls_shell.percent_reflns_R_free 
_refine_ls_shell.number_reflns_R_free 
_refine_ls_shell.number_reflns_all 
_refine_ls_shell.R_factor_all 
_refine_ls_shell.redundancy_reflns_obs 
_refine_ls_shell.number_reflns_obs 
'X-RAY DIFFRACTION' . 1.85   1.9659  2755 0.3053 100.00 0.3574 . . 141 . . . . 
'X-RAY DIFFRACTION' . 1.9659 2.1176  2741 0.2540 100.00 0.3250 . . 160 . . . . 
'X-RAY DIFFRACTION' . 2.1176 2.3306  2775 0.2428 100.00 0.2944 . . 160 . . . . 
'X-RAY DIFFRACTION' . 2.3306 2.6675  2797 0.2366 100.00 0.3033 . . 158 . . . . 
'X-RAY DIFFRACTION' . 2.6675 3.3595  2839 0.2049 100.00 0.2442 . . 150 . . . . 
'X-RAY DIFFRACTION' . 3.3595 24.8572 2939 0.1808 97.00  0.2050 . . 134 . . . . 
# 
_struct.entry_id                  4OIE 
_struct.title                     'West Nile Virus Non-structural Protein NS1' 
_struct.pdbx_model_details        ? 
_struct.pdbx_CASP_flag            ? 
_struct.pdbx_model_type_details   ? 
# 
_struct_keywords.entry_id        4OIE 
_struct_keywords.text            
;Non-structural protein, Flavivirus, West Nile Virus, NS1, VIRAL PROTEIN, Structural Genomics, Center for Structural Genomics of Infectious Diseases, CSGID
;
_struct_keywords.pdbx_keywords   'VIRAL PROTEIN' 
# 
loop_
_struct_asym.id 
_struct_asym.pdbx_blank_PDB_chainid_flag 
_struct_asym.pdbx_modified 
_struct_asym.entity_id 
_struct_asym.details 
A N N 1 ? 
B N N 2 ? 
C N N 3 ? 
# 
_struct_ref.id                         1 
_struct_ref.db_name                    UNP 
_struct_ref.db_code                    U3N977_WNV 
_struct_ref.pdbx_db_accession          U3N977 
_struct_ref.entity_id                  1 
_struct_ref.pdbx_seq_one_letter_code   
;RESNTTECDSKIIGTAVKNNLAIHSDLSYWIESRLNDTWKLERAVLGEVKSCTWPETHTLWGDGILESDLIIPVTLAGPR
SNHNRRPGYKTQNQGPWDEGRVEIDFDYCPGTTVTLSESCGHRGPATRTTTESGKLITDWCCRSCTLPPLRYQTDSGCWY
GMEIRPQRHDEKTLVQSQVNA
;
_struct_ref.pdbx_align_begin           963 
_struct_ref.pdbx_db_isoform            ? 
# 
_struct_ref_seq.align_id                      1 
_struct_ref_seq.ref_id                        1 
_struct_ref_seq.pdbx_PDB_id_code              4OIE 
_struct_ref_seq.pdbx_strand_id                A 
_struct_ref_seq.seq_align_beg                 5 
_struct_ref_seq.pdbx_seq_align_beg_ins_code   ? 
_struct_ref_seq.seq_align_end                 185 
_struct_ref_seq.pdbx_seq_align_end_ins_code   ? 
_struct_ref_seq.pdbx_db_accession             U3N977 
_struct_ref_seq.db_align_beg                  963 
_struct_ref_seq.pdbx_db_align_beg_ins_code    ? 
_struct_ref_seq.db_align_end                  1143 
_struct_ref_seq.pdbx_db_align_end_ins_code    ? 
_struct_ref_seq.pdbx_auth_seq_align_beg       172 
_struct_ref_seq.pdbx_auth_seq_align_end       352 
# 
loop_
_struct_ref_seq_dif.align_id 
_struct_ref_seq_dif.pdbx_pdb_id_code 
_struct_ref_seq_dif.mon_id 
_struct_ref_seq_dif.pdbx_pdb_strand_id 
_struct_ref_seq_dif.seq_num 
_struct_ref_seq_dif.pdbx_pdb_ins_code 
_struct_ref_seq_dif.pdbx_seq_db_name 
_struct_ref_seq_dif.pdbx_seq_db_accession_code 
_struct_ref_seq_dif.db_mon_id 
_struct_ref_seq_dif.pdbx_seq_db_seq_num 
_struct_ref_seq_dif.details 
_struct_ref_seq_dif.pdbx_auth_seq_num 
_struct_ref_seq_dif.pdbx_ordinal 
1 4OIE MSE A 1  ? UNP U3N977 ?   ?    'expression tag'      168 1 
1 4OIE ALA A 2  ? UNP U3N977 ?   ?    'expression tag'      169 2 
1 4OIE SER A 3  ? UNP U3N977 ?   ?    'expression tag'      170 3 
1 4OIE MSE A 4  ? UNP U3N977 ?   ?    'expression tag'      171 4 
1 4OIE MSE A 17 ? UNP U3N977 ILE 975  'engineered mutation' 184 5 
1 4OIE MSE A 74 ? UNP U3N977 LEU 1032 'engineered mutation' 241 6 
# 
_pdbx_struct_assembly.id                   1 
_pdbx_struct_assembly.details              author_and_software_defined_assembly 
_pdbx_struct_assembly.method_details       PISA 
_pdbx_struct_assembly.oligomeric_details   dimeric 
_pdbx_struct_assembly.oligomeric_count     2 
# 
loop_
_pdbx_struct_assembly_prop.biol_id 
_pdbx_struct_assembly_prop.type 
_pdbx_struct_assembly_prop.value 
_pdbx_struct_assembly_prop.details 
1 'ABSA (A^2)' 1730  ? 
1 MORE         -11   ? 
1 'SSA (A^2)'  16440 ? 
# 
_pdbx_struct_assembly_gen.assembly_id       1 
_pdbx_struct_assembly_gen.oper_expression   1,2 
_pdbx_struct_assembly_gen.asym_id_list      A,B,C 
# 
loop_
_pdbx_struct_oper_list.id 
_pdbx_struct_oper_list.type 
_pdbx_struct_oper_list.name 
_pdbx_struct_oper_list.symmetry_operation 
_pdbx_struct_oper_list.matrix[1][1] 
_pdbx_struct_oper_list.matrix[1][2] 
_pdbx_struct_oper_list.matrix[1][3] 
_pdbx_struct_oper_list.vector[1] 
_pdbx_struct_oper_list.matrix[2][1] 
_pdbx_struct_oper_list.matrix[2][2] 
_pdbx_struct_oper_list.matrix[2][3] 
_pdbx_struct_oper_list.vector[2] 
_pdbx_struct_oper_list.matrix[3][1] 
_pdbx_struct_oper_list.matrix[3][2] 
_pdbx_struct_oper_list.matrix[3][3] 
_pdbx_struct_oper_list.vector[3] 
1 'identity operation'         1_555 x,y,z  1.0000000000 0.0000000000 0.0000000000  0.0000000000   0.0000000000 1.0000000000  0.0000000000  0.0000000000  0.0000000000  0.0000000000  1.0000000000  0.0000000000   
2 'crystal symmetry operation' 4_555 y,x,-z 0.4302673002 0.4748727803 -0.7677016952 -17.0091302782 0.4748727803 -0.8423342564 -0.2548898646 -7.9649111823 -0.7677016952 -0.2548898646 -0.5879330439 -36.6156835834 
# 
_struct_biol.id        1 
_struct_biol.details   ? 
# 
loop_
_struct_conf.conf_type_id 
_struct_conf.id 
_struct_conf.pdbx_PDB_helix_id 
_struct_conf.beg_label_comp_id 
_struct_conf.beg_label_asym_id 
_struct_conf.beg_label_seq_id 
_struct_conf.pdbx_beg_PDB_ins_code 
_struct_conf.end_label_comp_id 
_struct_conf.end_label_asym_id 
_struct_conf.end_label_seq_id 
_struct_conf.pdbx_end_PDB_ins_code 
_struct_conf.beg_auth_comp_id 
_struct_conf.beg_auth_asym_id 
_struct_conf.beg_auth_seq_id 
_struct_conf.end_auth_comp_id 
_struct_conf.end_auth_asym_id 
_struct_conf.end_auth_seq_id 
_struct_conf.pdbx_PDB_helix_class 
_struct_conf.details 
_struct_conf.pdbx_PDB_helix_length 
HELX_P HELX_P1 1 PRO A 59 ? THR A 63 ? PRO A 226 THR A 230 5 ? 5 
HELX_P HELX_P2 2 LEU A 70 ? MSE A 74 ? LEU A 237 MSE A 241 5 ? 5 
HELX_P HELX_P3 3 PRO A 77 ? ALA A 81 ? PRO A 244 ALA A 248 5 ? 5 
# 
_struct_conf_type.id          HELX_P 
_struct_conf_type.criteria    ? 
_struct_conf_type.reference   ? 
# 
loop_
_struct_conn.id 
_struct_conn.conn_type_id 
_struct_conn.pdbx_leaving_atom_flag 
_struct_conn.pdbx_PDB_id 
_struct_conn.ptnr1_label_asym_id 
_struct_conn.ptnr1_label_comp_id 
_struct_conn.ptnr1_label_seq_id 
_struct_conn.ptnr1_label_atom_id 
_struct_conn.pdbx_ptnr1_label_alt_id 
_struct_conn.pdbx_ptnr1_PDB_ins_code 
_struct_conn.pdbx_ptnr1_standard_comp_id 
_struct_conn.ptnr1_symmetry 
_struct_conn.ptnr2_label_asym_id 
_struct_conn.ptnr2_label_comp_id 
_struct_conn.ptnr2_label_seq_id 
_struct_conn.ptnr2_label_atom_id 
_struct_conn.pdbx_ptnr2_label_alt_id 
_struct_conn.pdbx_ptnr2_PDB_ins_code 
_struct_conn.ptnr1_auth_asym_id 
_struct_conn.ptnr1_auth_comp_id 
_struct_conn.ptnr1_auth_seq_id 
_struct_conn.ptnr2_auth_asym_id 
_struct_conn.ptnr2_auth_comp_id 
_struct_conn.ptnr2_auth_seq_id 
_struct_conn.ptnr2_symmetry 
_struct_conn.pdbx_ptnr3_label_atom_id 
_struct_conn.pdbx_ptnr3_label_seq_id 
_struct_conn.pdbx_ptnr3_label_comp_id 
_struct_conn.pdbx_ptnr3_label_asym_id 
_struct_conn.pdbx_ptnr3_label_alt_id 
_struct_conn.pdbx_ptnr3_PDB_ins_code 
_struct_conn.details 
_struct_conn.pdbx_dist_value 
_struct_conn.pdbx_value_order 
_struct_conn.pdbx_role 
disulf1 disulf ?    ? A CYS 12  SG ? ? ? 1_555 A CYS 56  SG ? ? A CYS 179 A CYS 223 1_555 ? ? ? ? ? ? ? 2.038 ? ? 
disulf2 disulf ?    ? A CYS 113 SG ? ? ? 1_555 A CYS 162 SG ? ? A CYS 280 A CYS 329 1_555 ? ? ? ? ? ? ? 2.029 ? ? 
disulf3 disulf ?    ? A CYS 124 SG ? ? ? 1_555 A CYS 145 SG ? ? A CYS 291 A CYS 312 1_555 ? ? ? ? ? ? ? 2.039 ? ? 
disulf4 disulf ?    ? A CYS 146 SG ? ? ? 1_555 A CYS 149 SG ? ? A CYS 313 A CYS 316 1_555 ? ? ? ? ? ? ? 2.035 ? ? 
covale1 covale both ? A ILE 16  C  ? ? ? 1_555 A MSE 17  N  ? ? A ILE 183 A MSE 184 1_555 ? ? ? ? ? ? ? 1.327 ? ? 
covale2 covale both ? A MSE 17  C  ? ? ? 1_555 A GLY 18  N  ? ? A MSE 184 A GLY 185 1_555 ? ? ? ? ? ? ? 1.329 ? ? 
covale3 covale both ? A ASP 73  C  ? ? ? 1_555 A MSE 74  N  ? ? A ASP 240 A MSE 241 1_555 ? ? ? ? ? ? ? 1.328 ? ? 
covale4 covale both ? A MSE 74  C  ? ? ? 1_555 A ILE 75  N  ? ? A MSE 241 A ILE 242 1_555 ? ? ? ? ? ? ? 1.334 ? ? 
covale5 covale both ? A GLY 165 C  ? ? ? 1_555 A MSE 166 N  ? ? A GLY 332 A MSE 333 1_555 ? ? ? ? ? ? ? 1.330 ? ? 
covale6 covale both ? A MSE 166 C  ? ? ? 1_555 A GLU 167 N  ? ? A MSE 333 A GLU 334 1_555 ? ? ? ? ? ? ? 1.328 ? ? 
# 
loop_
_struct_conn_type.id 
_struct_conn_type.criteria 
_struct_conn_type.reference 
disulf ? ? 
covale ? ? 
# 
loop_
_pdbx_modification_feature.ordinal 
_pdbx_modification_feature.label_comp_id 
_pdbx_modification_feature.label_asym_id 
_pdbx_modification_feature.label_seq_id 
_pdbx_modification_feature.label_alt_id 
_pdbx_modification_feature.modified_residue_label_comp_id 
_pdbx_modification_feature.modified_residue_label_asym_id 
_pdbx_modification_feature.modified_residue_label_seq_id 
_pdbx_modification_feature.modified_residue_label_alt_id 
_pdbx_modification_feature.auth_comp_id 
_pdbx_modification_feature.auth_asym_id 
_pdbx_modification_feature.auth_seq_id 
_pdbx_modification_feature.PDB_ins_code 
_pdbx_modification_feature.symmetry 
_pdbx_modification_feature.modified_residue_auth_comp_id 
_pdbx_modification_feature.modified_residue_auth_asym_id 
_pdbx_modification_feature.modified_residue_auth_seq_id 
_pdbx_modification_feature.modified_residue_PDB_ins_code 
_pdbx_modification_feature.modified_residue_symmetry 
_pdbx_modification_feature.comp_id_linking_atom 
_pdbx_modification_feature.modified_residue_id_linking_atom 
_pdbx_modification_feature.modified_residue_id 
_pdbx_modification_feature.ref_pcm_id 
_pdbx_modification_feature.ref_comp_id 
_pdbx_modification_feature.type 
_pdbx_modification_feature.category 
1 MSE A 17  ? .   . .   . MSE A 184 ? 1_555 .   . .   . .     .  .  MET 1 MSE Selenomethionine 'Named protein modification' 
2 MSE A 74  ? .   . .   . MSE A 241 ? 1_555 .   . .   . .     .  .  MET 1 MSE Selenomethionine 'Named protein modification' 
3 MSE A 166 ? .   . .   . MSE A 333 ? 1_555 .   . .   . .     .  .  MET 1 MSE Selenomethionine 'Named protein modification' 
4 CYS A 12  ? CYS A 56  ? CYS A 179 ? 1_555 CYS A 223 ? 1_555 SG SG .   . .   None             'Disulfide bridge'           
5 CYS A 113 ? CYS A 162 ? CYS A 280 ? 1_555 CYS A 329 ? 1_555 SG SG .   . .   None             'Disulfide bridge'           
6 CYS A 124 ? CYS A 145 ? CYS A 291 ? 1_555 CYS A 312 ? 1_555 SG SG .   . .   None             'Disulfide bridge'           
7 CYS A 146 ? CYS A 149 ? CYS A 313 ? 1_555 CYS A 316 ? 1_555 SG SG .   . .   None             'Disulfide bridge'           
# 
_struct_mon_prot_cis.pdbx_id                1 
_struct_mon_prot_cis.label_comp_id          LEU 
_struct_mon_prot_cis.label_seq_id           151 
_struct_mon_prot_cis.label_asym_id          A 
_struct_mon_prot_cis.label_alt_id           . 
_struct_mon_prot_cis.pdbx_PDB_ins_code      ? 
_struct_mon_prot_cis.auth_comp_id           LEU 
_struct_mon_prot_cis.auth_seq_id            318 
_struct_mon_prot_cis.auth_asym_id           A 
_struct_mon_prot_cis.pdbx_label_comp_id_2   PRO 
_struct_mon_prot_cis.pdbx_label_seq_id_2    152 
_struct_mon_prot_cis.pdbx_label_asym_id_2   A 
_struct_mon_prot_cis.pdbx_PDB_ins_code_2    ? 
_struct_mon_prot_cis.pdbx_auth_comp_id_2    PRO 
_struct_mon_prot_cis.pdbx_auth_seq_id_2     319 
_struct_mon_prot_cis.pdbx_auth_asym_id_2    A 
_struct_mon_prot_cis.pdbx_PDB_model_num     1 
_struct_mon_prot_cis.pdbx_omega_angle       1.97 
# 
loop_
_struct_sheet.id 
_struct_sheet.type 
_struct_sheet.number_strands 
_struct_sheet.details 
A ? 8 ? 
B ? 3 ? 
# 
loop_
_struct_sheet_order.sheet_id 
_struct_sheet_order.range_id_1 
_struct_sheet_order.range_id_2 
_struct_sheet_order.offset 
_struct_sheet_order.sense 
A 1 2 ? anti-parallel 
A 2 3 ? anti-parallel 
A 3 4 ? anti-parallel 
A 4 5 ? anti-parallel 
A 5 6 ? anti-parallel 
A 6 7 ? anti-parallel 
A 7 8 ? anti-parallel 
B 1 2 ? parallel      
B 2 3 ? anti-parallel 
# 
loop_
_struct_sheet_range.sheet_id 
_struct_sheet_range.id 
_struct_sheet_range.beg_label_comp_id 
_struct_sheet_range.beg_label_asym_id 
_struct_sheet_range.beg_label_seq_id 
_struct_sheet_range.pdbx_beg_PDB_ins_code 
_struct_sheet_range.end_label_comp_id 
_struct_sheet_range.end_label_asym_id 
_struct_sheet_range.end_label_seq_id 
_struct_sheet_range.pdbx_end_PDB_ins_code 
_struct_sheet_range.beg_auth_comp_id 
_struct_sheet_range.beg_auth_asym_id 
_struct_sheet_range.beg_auth_seq_id 
_struct_sheet_range.end_auth_comp_id 
_struct_sheet_range.end_auth_asym_id 
_struct_sheet_range.end_auth_seq_id 
A 1 MSE A 17  ? LYS A 22  ? MSE A 184 LYS A 189 
A 2 LEU A 25  ? ASP A 30  ? LEU A 192 ASP A 197 
A 3 TYR A 33  ? LEU A 39  ? TYR A 200 LEU A 206 
A 4 TRP A 43  ? LEU A 50  ? TRP A 210 LEU A 217 
A 5 VAL A 106 ? PHE A 110 ? VAL A 273 PHE A 277 
A 6 LEU A 154 ? THR A 158 ? LEU A 321 THR A 325 
A 7 GLY A 161 ? TYR A 164 ? GLY A 328 TYR A 331 
A 8 THR A 131 ? ARG A 132 ? THR A 298 ARG A 299 
B 1 THR A 117 ? LEU A 120 ? THR A 284 LEU A 287 
B 2 ASP A 143 ? CYS A 146 ? ASP A 310 CYS A 313 
B 3 ILE A 168 ? PRO A 170 ? ILE A 335 PRO A 337 
# 
loop_
_pdbx_struct_sheet_hbond.sheet_id 
_pdbx_struct_sheet_hbond.range_id_1 
_pdbx_struct_sheet_hbond.range_id_2 
_pdbx_struct_sheet_hbond.range_1_label_atom_id 
_pdbx_struct_sheet_hbond.range_1_label_comp_id 
_pdbx_struct_sheet_hbond.range_1_label_asym_id 
_pdbx_struct_sheet_hbond.range_1_label_seq_id 
_pdbx_struct_sheet_hbond.range_1_PDB_ins_code 
_pdbx_struct_sheet_hbond.range_1_auth_atom_id 
_pdbx_struct_sheet_hbond.range_1_auth_comp_id 
_pdbx_struct_sheet_hbond.range_1_auth_asym_id 
_pdbx_struct_sheet_hbond.range_1_auth_seq_id 
_pdbx_struct_sheet_hbond.range_2_label_atom_id 
_pdbx_struct_sheet_hbond.range_2_label_comp_id 
_pdbx_struct_sheet_hbond.range_2_label_asym_id 
_pdbx_struct_sheet_hbond.range_2_label_seq_id 
_pdbx_struct_sheet_hbond.range_2_PDB_ins_code 
_pdbx_struct_sheet_hbond.range_2_auth_atom_id 
_pdbx_struct_sheet_hbond.range_2_auth_comp_id 
_pdbx_struct_sheet_hbond.range_2_auth_asym_id 
_pdbx_struct_sheet_hbond.range_2_auth_seq_id 
A 1 2 N ALA A 20  ? N ALA A 187 O ILE A 27  ? O ILE A 194 
A 2 3 N ALA A 26  ? N ALA A 193 O SER A 37  ? O SER A 204 
A 3 4 N GLU A 36  ? N GLU A 203 O ARG A 47  ? O ARG A 214 
A 4 5 N ALA A 48  ? N ALA A 215 O ILE A 108 ? O ILE A 275 
A 5 6 N ASP A 109 ? N ASP A 276 O ARG A 155 ? O ARG A 322 
A 6 7 N TYR A 156 ? N TYR A 323 O TRP A 163 ? O TRP A 330 
A 7 8 O TYR A 164 ? O TYR A 331 N THR A 131 ? N THR A 298 
B 1 2 N THR A 119 ? N THR A 286 O CYS A 146 ? O CYS A 313 
B 2 3 N CYS A 145 ? N CYS A 312 O ARG A 169 ? O ARG A 336 
# 
_struct_site.id                   AC1 
_struct_site.pdbx_evidence_code   Software 
_struct_site.pdbx_auth_asym_id    A 
_struct_site.pdbx_auth_comp_id    GOL 
_struct_site.pdbx_auth_seq_id     401 
_struct_site.pdbx_auth_ins_code   ? 
_struct_site.pdbx_num_residues    3 
_struct_site.details              'BINDING SITE FOR RESIDUE GOL A 401' 
# 
loop_
_struct_site_gen.id 
_struct_site_gen.site_id 
_struct_site_gen.pdbx_num_res 
_struct_site_gen.label_comp_id 
_struct_site_gen.label_asym_id 
_struct_site_gen.label_seq_id 
_struct_site_gen.pdbx_auth_ins_code 
_struct_site_gen.auth_comp_id 
_struct_site_gen.auth_asym_id 
_struct_site_gen.auth_seq_id 
_struct_site_gen.label_atom_id 
_struct_site_gen.label_alt_id 
_struct_site_gen.symmetry 
_struct_site_gen.details 
1 AC1 3 TRP A 34  ? TRP A 201 . ? 6_765 ? 
2 AC1 3 PRO A 114 ? PRO A 281 . ? 1_555 ? 
3 AC1 3 HOH C .   ? HOH A 602 . ? 1_555 ? 
# 
_pdbx_entry_details.entry_id                   4OIE 
_pdbx_entry_details.compound_details           ? 
_pdbx_entry_details.source_details             ? 
_pdbx_entry_details.nonpolymer_details         ? 
_pdbx_entry_details.sequence_details           ? 
_pdbx_entry_details.has_ligand_of_interest     ? 
_pdbx_entry_details.has_protein_modification   Y 
# 
loop_
_pdbx_validate_torsion.id 
_pdbx_validate_torsion.PDB_model_num 
_pdbx_validate_torsion.auth_comp_id 
_pdbx_validate_torsion.auth_asym_id 
_pdbx_validate_torsion.auth_seq_id 
_pdbx_validate_torsion.PDB_ins_code 
_pdbx_validate_torsion.label_alt_id 
_pdbx_validate_torsion.phi 
_pdbx_validate_torsion.psi 
1 1 LYS A 189 ? ? -175.43 137.14  
2 1 ASP A 197 ? ? -142.80 -153.00 
3 1 ASP A 208 ? ? 67.85   -56.52  
4 1 SER A 315 ? ? -150.29 36.63   
5 1 LYS A 343 ? ? -92.34  -80.66  
6 1 THR A 344 ? ? -75.31  48.37   
# 
_pdbx_SG_project.id                    1 
_pdbx_SG_project.project_name          ? 
_pdbx_SG_project.full_name_of_center   'Center for Structural Genomics of Infectious Diseases' 
_pdbx_SG_project.initial_of_center     CSGID 
# 
loop_
_pdbx_struct_mod_residue.id 
_pdbx_struct_mod_residue.label_asym_id 
_pdbx_struct_mod_residue.label_comp_id 
_pdbx_struct_mod_residue.label_seq_id 
_pdbx_struct_mod_residue.auth_asym_id 
_pdbx_struct_mod_residue.auth_comp_id 
_pdbx_struct_mod_residue.auth_seq_id 
_pdbx_struct_mod_residue.PDB_ins_code 
_pdbx_struct_mod_residue.parent_comp_id 
_pdbx_struct_mod_residue.details 
1 A MSE 17  A MSE 184 ? MET SELENOMETHIONINE 
2 A MSE 74  A MSE 241 ? MET SELENOMETHIONINE 
3 A MSE 166 A MSE 333 ? MET SELENOMETHIONINE 
# 
loop_
_pdbx_unobs_or_zero_occ_residues.id 
_pdbx_unobs_or_zero_occ_residues.PDB_model_num 
_pdbx_unobs_or_zero_occ_residues.polymer_flag 
_pdbx_unobs_or_zero_occ_residues.occupancy_flag 
_pdbx_unobs_or_zero_occ_residues.auth_asym_id 
_pdbx_unobs_or_zero_occ_residues.auth_comp_id 
_pdbx_unobs_or_zero_occ_residues.auth_seq_id 
_pdbx_unobs_or_zero_occ_residues.PDB_ins_code 
_pdbx_unobs_or_zero_occ_residues.label_asym_id 
_pdbx_unobs_or_zero_occ_residues.label_comp_id 
_pdbx_unobs_or_zero_occ_residues.label_seq_id 
1 1 Y 1 A MSE 168 ? A MSE 1 
2 1 Y 1 A ALA 169 ? A ALA 2 
3 1 Y 1 A SER 170 ? A SER 3 
4 1 Y 1 A MSE 171 ? A MSE 4 
5 1 Y 1 A ARG 172 ? A ARG 5 
6 1 Y 1 A GLU 173 ? A GLU 6 
7 1 Y 1 A SER 174 ? A SER 7 
8 1 Y 1 A ASN 175 ? A ASN 8 
# 
loop_
_chem_comp_atom.comp_id 
_chem_comp_atom.atom_id 
_chem_comp_atom.type_symbol 
_chem_comp_atom.pdbx_aromatic_flag 
_chem_comp_atom.pdbx_stereo_config 
_chem_comp_atom.pdbx_ordinal 
ALA N    N  N N 1   
ALA CA   C  N S 2   
ALA C    C  N N 3   
ALA O    O  N N 4   
ALA CB   C  N N 5   
ALA OXT  O  N N 6   
ALA H    H  N N 7   
ALA H2   H  N N 8   
ALA HA   H  N N 9   
ALA HB1  H  N N 10  
ALA HB2  H  N N 11  
ALA HB3  H  N N 12  
ALA HXT  H  N N 13  
ARG N    N  N N 14  
ARG CA   C  N S 15  
ARG C    C  N N 16  
ARG O    O  N N 17  
ARG CB   C  N N 18  
ARG CG   C  N N 19  
ARG CD   C  N N 20  
ARG NE   N  N N 21  
ARG CZ   C  N N 22  
ARG NH1  N  N N 23  
ARG NH2  N  N N 24  
ARG OXT  O  N N 25  
ARG H    H  N N 26  
ARG H2   H  N N 27  
ARG HA   H  N N 28  
ARG HB2  H  N N 29  
ARG HB3  H  N N 30  
ARG HG2  H  N N 31  
ARG HG3  H  N N 32  
ARG HD2  H  N N 33  
ARG HD3  H  N N 34  
ARG HE   H  N N 35  
ARG HH11 H  N N 36  
ARG HH12 H  N N 37  
ARG HH21 H  N N 38  
ARG HH22 H  N N 39  
ARG HXT  H  N N 40  
ASN N    N  N N 41  
ASN CA   C  N S 42  
ASN C    C  N N 43  
ASN O    O  N N 44  
ASN CB   C  N N 45  
ASN CG   C  N N 46  
ASN OD1  O  N N 47  
ASN ND2  N  N N 48  
ASN OXT  O  N N 49  
ASN H    H  N N 50  
ASN H2   H  N N 51  
ASN HA   H  N N 52  
ASN HB2  H  N N 53  
ASN HB3  H  N N 54  
ASN HD21 H  N N 55  
ASN HD22 H  N N 56  
ASN HXT  H  N N 57  
ASP N    N  N N 58  
ASP CA   C  N S 59  
ASP C    C  N N 60  
ASP O    O  N N 61  
ASP CB   C  N N 62  
ASP CG   C  N N 63  
ASP OD1  O  N N 64  
ASP OD2  O  N N 65  
ASP OXT  O  N N 66  
ASP H    H  N N 67  
ASP H2   H  N N 68  
ASP HA   H  N N 69  
ASP HB2  H  N N 70  
ASP HB3  H  N N 71  
ASP HD2  H  N N 72  
ASP HXT  H  N N 73  
CYS N    N  N N 74  
CYS CA   C  N R 75  
CYS C    C  N N 76  
CYS O    O  N N 77  
CYS CB   C  N N 78  
CYS SG   S  N N 79  
CYS OXT  O  N N 80  
CYS H    H  N N 81  
CYS H2   H  N N 82  
CYS HA   H  N N 83  
CYS HB2  H  N N 84  
CYS HB3  H  N N 85  
CYS HG   H  N N 86  
CYS HXT  H  N N 87  
GLN N    N  N N 88  
GLN CA   C  N S 89  
GLN C    C  N N 90  
GLN O    O  N N 91  
GLN CB   C  N N 92  
GLN CG   C  N N 93  
GLN CD   C  N N 94  
GLN OE1  O  N N 95  
GLN NE2  N  N N 96  
GLN OXT  O  N N 97  
GLN H    H  N N 98  
GLN H2   H  N N 99  
GLN HA   H  N N 100 
GLN HB2  H  N N 101 
GLN HB3  H  N N 102 
GLN HG2  H  N N 103 
GLN HG3  H  N N 104 
GLN HE21 H  N N 105 
GLN HE22 H  N N 106 
GLN HXT  H  N N 107 
GLU N    N  N N 108 
GLU CA   C  N S 109 
GLU C    C  N N 110 
GLU O    O  N N 111 
GLU CB   C  N N 112 
GLU CG   C  N N 113 
GLU CD   C  N N 114 
GLU OE1  O  N N 115 
GLU OE2  O  N N 116 
GLU OXT  O  N N 117 
GLU H    H  N N 118 
GLU H2   H  N N 119 
GLU HA   H  N N 120 
GLU HB2  H  N N 121 
GLU HB3  H  N N 122 
GLU HG2  H  N N 123 
GLU HG3  H  N N 124 
GLU HE2  H  N N 125 
GLU HXT  H  N N 126 
GLY N    N  N N 127 
GLY CA   C  N N 128 
GLY C    C  N N 129 
GLY O    O  N N 130 
GLY OXT  O  N N 131 
GLY H    H  N N 132 
GLY H2   H  N N 133 
GLY HA2  H  N N 134 
GLY HA3  H  N N 135 
GLY HXT  H  N N 136 
GOL C1   C  N N 137 
GOL O1   O  N N 138 
GOL C2   C  N N 139 
GOL O2   O  N N 140 
GOL C3   C  N N 141 
GOL O3   O  N N 142 
GOL H11  H  N N 143 
GOL H12  H  N N 144 
GOL HO1  H  N N 145 
GOL H2   H  N N 146 
GOL HO2  H  N N 147 
GOL H31  H  N N 148 
GOL H32  H  N N 149 
GOL HO3  H  N N 150 
HIS N    N  N N 151 
HIS CA   C  N S 152 
HIS C    C  N N 153 
HIS O    O  N N 154 
HIS CB   C  N N 155 
HIS CG   C  Y N 156 
HIS ND1  N  Y N 157 
HIS CD2  C  Y N 158 
HIS CE1  C  Y N 159 
HIS NE2  N  Y N 160 
HIS OXT  O  N N 161 
HIS H    H  N N 162 
HIS H2   H  N N 163 
HIS HA   H  N N 164 
HIS HB2  H  N N 165 
HIS HB3  H  N N 166 
HIS HD1  H  N N 167 
HIS HD2  H  N N 168 
HIS HE1  H  N N 169 
HIS HE2  H  N N 170 
HIS HXT  H  N N 171 
HOH O    O  N N 172 
HOH H1   H  N N 173 
HOH H2   H  N N 174 
ILE N    N  N N 175 
ILE CA   C  N S 176 
ILE C    C  N N 177 
ILE O    O  N N 178 
ILE CB   C  N S 179 
ILE CG1  C  N N 180 
ILE CG2  C  N N 181 
ILE CD1  C  N N 182 
ILE OXT  O  N N 183 
ILE H    H  N N 184 
ILE H2   H  N N 185 
ILE HA   H  N N 186 
ILE HB   H  N N 187 
ILE HG12 H  N N 188 
ILE HG13 H  N N 189 
ILE HG21 H  N N 190 
ILE HG22 H  N N 191 
ILE HG23 H  N N 192 
ILE HD11 H  N N 193 
ILE HD12 H  N N 194 
ILE HD13 H  N N 195 
ILE HXT  H  N N 196 
LEU N    N  N N 197 
LEU CA   C  N S 198 
LEU C    C  N N 199 
LEU O    O  N N 200 
LEU CB   C  N N 201 
LEU CG   C  N N 202 
LEU CD1  C  N N 203 
LEU CD2  C  N N 204 
LEU OXT  O  N N 205 
LEU H    H  N N 206 
LEU H2   H  N N 207 
LEU HA   H  N N 208 
LEU HB2  H  N N 209 
LEU HB3  H  N N 210 
LEU HG   H  N N 211 
LEU HD11 H  N N 212 
LEU HD12 H  N N 213 
LEU HD13 H  N N 214 
LEU HD21 H  N N 215 
LEU HD22 H  N N 216 
LEU HD23 H  N N 217 
LEU HXT  H  N N 218 
LYS N    N  N N 219 
LYS CA   C  N S 220 
LYS C    C  N N 221 
LYS O    O  N N 222 
LYS CB   C  N N 223 
LYS CG   C  N N 224 
LYS CD   C  N N 225 
LYS CE   C  N N 226 
LYS NZ   N  N N 227 
LYS OXT  O  N N 228 
LYS H    H  N N 229 
LYS H2   H  N N 230 
LYS HA   H  N N 231 
LYS HB2  H  N N 232 
LYS HB3  H  N N 233 
LYS HG2  H  N N 234 
LYS HG3  H  N N 235 
LYS HD2  H  N N 236 
LYS HD3  H  N N 237 
LYS HE2  H  N N 238 
LYS HE3  H  N N 239 
LYS HZ1  H  N N 240 
LYS HZ2  H  N N 241 
LYS HZ3  H  N N 242 
LYS HXT  H  N N 243 
MSE N    N  N N 244 
MSE CA   C  N S 245 
MSE C    C  N N 246 
MSE O    O  N N 247 
MSE OXT  O  N N 248 
MSE CB   C  N N 249 
MSE CG   C  N N 250 
MSE SE   SE N N 251 
MSE CE   C  N N 252 
MSE H    H  N N 253 
MSE H2   H  N N 254 
MSE HA   H  N N 255 
MSE HXT  H  N N 256 
MSE HB2  H  N N 257 
MSE HB3  H  N N 258 
MSE HG2  H  N N 259 
MSE HG3  H  N N 260 
MSE HE1  H  N N 261 
MSE HE2  H  N N 262 
MSE HE3  H  N N 263 
PHE N    N  N N 264 
PHE CA   C  N S 265 
PHE C    C  N N 266 
PHE O    O  N N 267 
PHE CB   C  N N 268 
PHE CG   C  Y N 269 
PHE CD1  C  Y N 270 
PHE CD2  C  Y N 271 
PHE CE1  C  Y N 272 
PHE CE2  C  Y N 273 
PHE CZ   C  Y N 274 
PHE OXT  O  N N 275 
PHE H    H  N N 276 
PHE H2   H  N N 277 
PHE HA   H  N N 278 
PHE HB2  H  N N 279 
PHE HB3  H  N N 280 
PHE HD1  H  N N 281 
PHE HD2  H  N N 282 
PHE HE1  H  N N 283 
PHE HE2  H  N N 284 
PHE HZ   H  N N 285 
PHE HXT  H  N N 286 
PRO N    N  N N 287 
PRO CA   C  N S 288 
PRO C    C  N N 289 
PRO O    O  N N 290 
PRO CB   C  N N 291 
PRO CG   C  N N 292 
PRO CD   C  N N 293 
PRO OXT  O  N N 294 
PRO H    H  N N 295 
PRO HA   H  N N 296 
PRO HB2  H  N N 297 
PRO HB3  H  N N 298 
PRO HG2  H  N N 299 
PRO HG3  H  N N 300 
PRO HD2  H  N N 301 
PRO HD3  H  N N 302 
PRO HXT  H  N N 303 
SER N    N  N N 304 
SER CA   C  N S 305 
SER C    C  N N 306 
SER O    O  N N 307 
SER CB   C  N N 308 
SER OG   O  N N 309 
SER OXT  O  N N 310 
SER H    H  N N 311 
SER H2   H  N N 312 
SER HA   H  N N 313 
SER HB2  H  N N 314 
SER HB3  H  N N 315 
SER HG   H  N N 316 
SER HXT  H  N N 317 
THR N    N  N N 318 
THR CA   C  N S 319 
THR C    C  N N 320 
THR O    O  N N 321 
THR CB   C  N R 322 
THR OG1  O  N N 323 
THR CG2  C  N N 324 
THR OXT  O  N N 325 
THR H    H  N N 326 
THR H2   H  N N 327 
THR HA   H  N N 328 
THR HB   H  N N 329 
THR HG1  H  N N 330 
THR HG21 H  N N 331 
THR HG22 H  N N 332 
THR HG23 H  N N 333 
THR HXT  H  N N 334 
TRP N    N  N N 335 
TRP CA   C  N S 336 
TRP C    C  N N 337 
TRP O    O  N N 338 
TRP CB   C  N N 339 
TRP CG   C  Y N 340 
TRP CD1  C  Y N 341 
TRP CD2  C  Y N 342 
TRP NE1  N  Y N 343 
TRP CE2  C  Y N 344 
TRP CE3  C  Y N 345 
TRP CZ2  C  Y N 346 
TRP CZ3  C  Y N 347 
TRP CH2  C  Y N 348 
TRP OXT  O  N N 349 
TRP H    H  N N 350 
TRP H2   H  N N 351 
TRP HA   H  N N 352 
TRP HB2  H  N N 353 
TRP HB3  H  N N 354 
TRP HD1  H  N N 355 
TRP HE1  H  N N 356 
TRP HE3  H  N N 357 
TRP HZ2  H  N N 358 
TRP HZ3  H  N N 359 
TRP HH2  H  N N 360 
TRP HXT  H  N N 361 
TYR N    N  N N 362 
TYR CA   C  N S 363 
TYR C    C  N N 364 
TYR O    O  N N 365 
TYR CB   C  N N 366 
TYR CG   C  Y N 367 
TYR CD1  C  Y N 368 
TYR CD2  C  Y N 369 
TYR CE1  C  Y N 370 
TYR CE2  C  Y N 371 
TYR CZ   C  Y N 372 
TYR OH   O  N N 373 
TYR OXT  O  N N 374 
TYR H    H  N N 375 
TYR H2   H  N N 376 
TYR HA   H  N N 377 
TYR HB2  H  N N 378 
TYR HB3  H  N N 379 
TYR HD1  H  N N 380 
TYR HD2  H  N N 381 
TYR HE1  H  N N 382 
TYR HE2  H  N N 383 
TYR HH   H  N N 384 
TYR HXT  H  N N 385 
VAL N    N  N N 386 
VAL CA   C  N S 387 
VAL C    C  N N 388 
VAL O    O  N N 389 
VAL CB   C  N N 390 
VAL CG1  C  N N 391 
VAL CG2  C  N N 392 
VAL OXT  O  N N 393 
VAL H    H  N N 394 
VAL H2   H  N N 395 
VAL HA   H  N N 396 
VAL HB   H  N N 397 
VAL HG11 H  N N 398 
VAL HG12 H  N N 399 
VAL HG13 H  N N 400 
VAL HG21 H  N N 401 
VAL HG22 H  N N 402 
VAL HG23 H  N N 403 
VAL HXT  H  N N 404 
# 
loop_
_chem_comp_bond.comp_id 
_chem_comp_bond.atom_id_1 
_chem_comp_bond.atom_id_2 
_chem_comp_bond.value_order 
_chem_comp_bond.pdbx_aromatic_flag 
_chem_comp_bond.pdbx_stereo_config 
_chem_comp_bond.pdbx_ordinal 
ALA N   CA   sing N N 1   
ALA N   H    sing N N 2   
ALA N   H2   sing N N 3   
ALA CA  C    sing N N 4   
ALA CA  CB   sing N N 5   
ALA CA  HA   sing N N 6   
ALA C   O    doub N N 7   
ALA C   OXT  sing N N 8   
ALA CB  HB1  sing N N 9   
ALA CB  HB2  sing N N 10  
ALA CB  HB3  sing N N 11  
ALA OXT HXT  sing N N 12  
ARG N   CA   sing N N 13  
ARG N   H    sing N N 14  
ARG N   H2   sing N N 15  
ARG CA  C    sing N N 16  
ARG CA  CB   sing N N 17  
ARG CA  HA   sing N N 18  
ARG C   O    doub N N 19  
ARG C   OXT  sing N N 20  
ARG CB  CG   sing N N 21  
ARG CB  HB2  sing N N 22  
ARG CB  HB3  sing N N 23  
ARG CG  CD   sing N N 24  
ARG CG  HG2  sing N N 25  
ARG CG  HG3  sing N N 26  
ARG CD  NE   sing N N 27  
ARG CD  HD2  sing N N 28  
ARG CD  HD3  sing N N 29  
ARG NE  CZ   sing N N 30  
ARG NE  HE   sing N N 31  
ARG CZ  NH1  sing N N 32  
ARG CZ  NH2  doub N N 33  
ARG NH1 HH11 sing N N 34  
ARG NH1 HH12 sing N N 35  
ARG NH2 HH21 sing N N 36  
ARG NH2 HH22 sing N N 37  
ARG OXT HXT  sing N N 38  
ASN N   CA   sing N N 39  
ASN N   H    sing N N 40  
ASN N   H2   sing N N 41  
ASN CA  C    sing N N 42  
ASN CA  CB   sing N N 43  
ASN CA  HA   sing N N 44  
ASN C   O    doub N N 45  
ASN C   OXT  sing N N 46  
ASN CB  CG   sing N N 47  
ASN CB  HB2  sing N N 48  
ASN CB  HB3  sing N N 49  
ASN CG  OD1  doub N N 50  
ASN CG  ND2  sing N N 51  
ASN ND2 HD21 sing N N 52  
ASN ND2 HD22 sing N N 53  
ASN OXT HXT  sing N N 54  
ASP N   CA   sing N N 55  
ASP N   H    sing N N 56  
ASP N   H2   sing N N 57  
ASP CA  C    sing N N 58  
ASP CA  CB   sing N N 59  
ASP CA  HA   sing N N 60  
ASP C   O    doub N N 61  
ASP C   OXT  sing N N 62  
ASP CB  CG   sing N N 63  
ASP CB  HB2  sing N N 64  
ASP CB  HB3  sing N N 65  
ASP CG  OD1  doub N N 66  
ASP CG  OD2  sing N N 67  
ASP OD2 HD2  sing N N 68  
ASP OXT HXT  sing N N 69  
CYS N   CA   sing N N 70  
CYS N   H    sing N N 71  
CYS N   H2   sing N N 72  
CYS CA  C    sing N N 73  
CYS CA  CB   sing N N 74  
CYS CA  HA   sing N N 75  
CYS C   O    doub N N 76  
CYS C   OXT  sing N N 77  
CYS CB  SG   sing N N 78  
CYS CB  HB2  sing N N 79  
CYS CB  HB3  sing N N 80  
CYS SG  HG   sing N N 81  
CYS OXT HXT  sing N N 82  
GLN N   CA   sing N N 83  
GLN N   H    sing N N 84  
GLN N   H2   sing N N 85  
GLN CA  C    sing N N 86  
GLN CA  CB   sing N N 87  
GLN CA  HA   sing N N 88  
GLN C   O    doub N N 89  
GLN C   OXT  sing N N 90  
GLN CB  CG   sing N N 91  
GLN CB  HB2  sing N N 92  
GLN CB  HB3  sing N N 93  
GLN CG  CD   sing N N 94  
GLN CG  HG2  sing N N 95  
GLN CG  HG3  sing N N 96  
GLN CD  OE1  doub N N 97  
GLN CD  NE2  sing N N 98  
GLN NE2 HE21 sing N N 99  
GLN NE2 HE22 sing N N 100 
GLN OXT HXT  sing N N 101 
GLU N   CA   sing N N 102 
GLU N   H    sing N N 103 
GLU N   H2   sing N N 104 
GLU CA  C    sing N N 105 
GLU CA  CB   sing N N 106 
GLU CA  HA   sing N N 107 
GLU C   O    doub N N 108 
GLU C   OXT  sing N N 109 
GLU CB  CG   sing N N 110 
GLU CB  HB2  sing N N 111 
GLU CB  HB3  sing N N 112 
GLU CG  CD   sing N N 113 
GLU CG  HG2  sing N N 114 
GLU CG  HG3  sing N N 115 
GLU CD  OE1  doub N N 116 
GLU CD  OE2  sing N N 117 
GLU OE2 HE2  sing N N 118 
GLU OXT HXT  sing N N 119 
GLY N   CA   sing N N 120 
GLY N   H    sing N N 121 
GLY N   H2   sing N N 122 
GLY CA  C    sing N N 123 
GLY CA  HA2  sing N N 124 
GLY CA  HA3  sing N N 125 
GLY C   O    doub N N 126 
GLY C   OXT  sing N N 127 
GLY OXT HXT  sing N N 128 
GOL C1  O1   sing N N 129 
GOL C1  C2   sing N N 130 
GOL C1  H11  sing N N 131 
GOL C1  H12  sing N N 132 
GOL O1  HO1  sing N N 133 
GOL C2  O2   sing N N 134 
GOL C2  C3   sing N N 135 
GOL C2  H2   sing N N 136 
GOL O2  HO2  sing N N 137 
GOL C3  O3   sing N N 138 
GOL C3  H31  sing N N 139 
GOL C3  H32  sing N N 140 
GOL O3  HO3  sing N N 141 
HIS N   CA   sing N N 142 
HIS N   H    sing N N 143 
HIS N   H2   sing N N 144 
HIS CA  C    sing N N 145 
HIS CA  CB   sing N N 146 
HIS CA  HA   sing N N 147 
HIS C   O    doub N N 148 
HIS C   OXT  sing N N 149 
HIS CB  CG   sing N N 150 
HIS CB  HB2  sing N N 151 
HIS CB  HB3  sing N N 152 
HIS CG  ND1  sing Y N 153 
HIS CG  CD2  doub Y N 154 
HIS ND1 CE1  doub Y N 155 
HIS ND1 HD1  sing N N 156 
HIS CD2 NE2  sing Y N 157 
HIS CD2 HD2  sing N N 158 
HIS CE1 NE2  sing Y N 159 
HIS CE1 HE1  sing N N 160 
HIS NE2 HE2  sing N N 161 
HIS OXT HXT  sing N N 162 
HOH O   H1   sing N N 163 
HOH O   H2   sing N N 164 
ILE N   CA   sing N N 165 
ILE N   H    sing N N 166 
ILE N   H2   sing N N 167 
ILE CA  C    sing N N 168 
ILE CA  CB   sing N N 169 
ILE CA  HA   sing N N 170 
ILE C   O    doub N N 171 
ILE C   OXT  sing N N 172 
ILE CB  CG1  sing N N 173 
ILE CB  CG2  sing N N 174 
ILE CB  HB   sing N N 175 
ILE CG1 CD1  sing N N 176 
ILE CG1 HG12 sing N N 177 
ILE CG1 HG13 sing N N 178 
ILE CG2 HG21 sing N N 179 
ILE CG2 HG22 sing N N 180 
ILE CG2 HG23 sing N N 181 
ILE CD1 HD11 sing N N 182 
ILE CD1 HD12 sing N N 183 
ILE CD1 HD13 sing N N 184 
ILE OXT HXT  sing N N 185 
LEU N   CA   sing N N 186 
LEU N   H    sing N N 187 
LEU N   H2   sing N N 188 
LEU CA  C    sing N N 189 
LEU CA  CB   sing N N 190 
LEU CA  HA   sing N N 191 
LEU C   O    doub N N 192 
LEU C   OXT  sing N N 193 
LEU CB  CG   sing N N 194 
LEU CB  HB2  sing N N 195 
LEU CB  HB3  sing N N 196 
LEU CG  CD1  sing N N 197 
LEU CG  CD2  sing N N 198 
LEU CG  HG   sing N N 199 
LEU CD1 HD11 sing N N 200 
LEU CD1 HD12 sing N N 201 
LEU CD1 HD13 sing N N 202 
LEU CD2 HD21 sing N N 203 
LEU CD2 HD22 sing N N 204 
LEU CD2 HD23 sing N N 205 
LEU OXT HXT  sing N N 206 
LYS N   CA   sing N N 207 
LYS N   H    sing N N 208 
LYS N   H2   sing N N 209 
LYS CA  C    sing N N 210 
LYS CA  CB   sing N N 211 
LYS CA  HA   sing N N 212 
LYS C   O    doub N N 213 
LYS C   OXT  sing N N 214 
LYS CB  CG   sing N N 215 
LYS CB  HB2  sing N N 216 
LYS CB  HB3  sing N N 217 
LYS CG  CD   sing N N 218 
LYS CG  HG2  sing N N 219 
LYS CG  HG3  sing N N 220 
LYS CD  CE   sing N N 221 
LYS CD  HD2  sing N N 222 
LYS CD  HD3  sing N N 223 
LYS CE  NZ   sing N N 224 
LYS CE  HE2  sing N N 225 
LYS CE  HE3  sing N N 226 
LYS NZ  HZ1  sing N N 227 
LYS NZ  HZ2  sing N N 228 
LYS NZ  HZ3  sing N N 229 
LYS OXT HXT  sing N N 230 
MSE N   CA   sing N N 231 
MSE N   H    sing N N 232 
MSE N   H2   sing N N 233 
MSE CA  C    sing N N 234 
MSE CA  CB   sing N N 235 
MSE CA  HA   sing N N 236 
MSE C   O    doub N N 237 
MSE C   OXT  sing N N 238 
MSE OXT HXT  sing N N 239 
MSE CB  CG   sing N N 240 
MSE CB  HB2  sing N N 241 
MSE CB  HB3  sing N N 242 
MSE CG  SE   sing N N 243 
MSE CG  HG2  sing N N 244 
MSE CG  HG3  sing N N 245 
MSE SE  CE   sing N N 246 
MSE CE  HE1  sing N N 247 
MSE CE  HE2  sing N N 248 
MSE CE  HE3  sing N N 249 
PHE N   CA   sing N N 250 
PHE N   H    sing N N 251 
PHE N   H2   sing N N 252 
PHE CA  C    sing N N 253 
PHE CA  CB   sing N N 254 
PHE CA  HA   sing N N 255 
PHE C   O    doub N N 256 
PHE C   OXT  sing N N 257 
PHE CB  CG   sing N N 258 
PHE CB  HB2  sing N N 259 
PHE CB  HB3  sing N N 260 
PHE CG  CD1  doub Y N 261 
PHE CG  CD2  sing Y N 262 
PHE CD1 CE1  sing Y N 263 
PHE CD1 HD1  sing N N 264 
PHE CD2 CE2  doub Y N 265 
PHE CD2 HD2  sing N N 266 
PHE CE1 CZ   doub Y N 267 
PHE CE1 HE1  sing N N 268 
PHE CE2 CZ   sing Y N 269 
PHE CE2 HE2  sing N N 270 
PHE CZ  HZ   sing N N 271 
PHE OXT HXT  sing N N 272 
PRO N   CA   sing N N 273 
PRO N   CD   sing N N 274 
PRO N   H    sing N N 275 
PRO CA  C    sing N N 276 
PRO CA  CB   sing N N 277 
PRO CA  HA   sing N N 278 
PRO C   O    doub N N 279 
PRO C   OXT  sing N N 280 
PRO CB  CG   sing N N 281 
PRO CB  HB2  sing N N 282 
PRO CB  HB3  sing N N 283 
PRO CG  CD   sing N N 284 
PRO CG  HG2  sing N N 285 
PRO CG  HG3  sing N N 286 
PRO CD  HD2  sing N N 287 
PRO CD  HD3  sing N N 288 
PRO OXT HXT  sing N N 289 
SER N   CA   sing N N 290 
SER N   H    sing N N 291 
SER N   H2   sing N N 292 
SER CA  C    sing N N 293 
SER CA  CB   sing N N 294 
SER CA  HA   sing N N 295 
SER C   O    doub N N 296 
SER C   OXT  sing N N 297 
SER CB  OG   sing N N 298 
SER CB  HB2  sing N N 299 
SER CB  HB3  sing N N 300 
SER OG  HG   sing N N 301 
SER OXT HXT  sing N N 302 
THR N   CA   sing N N 303 
THR N   H    sing N N 304 
THR N   H2   sing N N 305 
THR CA  C    sing N N 306 
THR CA  CB   sing N N 307 
THR CA  HA   sing N N 308 
THR C   O    doub N N 309 
THR C   OXT  sing N N 310 
THR CB  OG1  sing N N 311 
THR CB  CG2  sing N N 312 
THR CB  HB   sing N N 313 
THR OG1 HG1  sing N N 314 
THR CG2 HG21 sing N N 315 
THR CG2 HG22 sing N N 316 
THR CG2 HG23 sing N N 317 
THR OXT HXT  sing N N 318 
TRP N   CA   sing N N 319 
TRP N   H    sing N N 320 
TRP N   H2   sing N N 321 
TRP CA  C    sing N N 322 
TRP CA  CB   sing N N 323 
TRP CA  HA   sing N N 324 
TRP C   O    doub N N 325 
TRP C   OXT  sing N N 326 
TRP CB  CG   sing N N 327 
TRP CB  HB2  sing N N 328 
TRP CB  HB3  sing N N 329 
TRP CG  CD1  doub Y N 330 
TRP CG  CD2  sing Y N 331 
TRP CD1 NE1  sing Y N 332 
TRP CD1 HD1  sing N N 333 
TRP CD2 CE2  doub Y N 334 
TRP CD2 CE3  sing Y N 335 
TRP NE1 CE2  sing Y N 336 
TRP NE1 HE1  sing N N 337 
TRP CE2 CZ2  sing Y N 338 
TRP CE3 CZ3  doub Y N 339 
TRP CE3 HE3  sing N N 340 
TRP CZ2 CH2  doub Y N 341 
TRP CZ2 HZ2  sing N N 342 
TRP CZ3 CH2  sing Y N 343 
TRP CZ3 HZ3  sing N N 344 
TRP CH2 HH2  sing N N 345 
TRP OXT HXT  sing N N 346 
TYR N   CA   sing N N 347 
TYR N   H    sing N N 348 
TYR N   H2   sing N N 349 
TYR CA  C    sing N N 350 
TYR CA  CB   sing N N 351 
TYR CA  HA   sing N N 352 
TYR C   O    doub N N 353 
TYR C   OXT  sing N N 354 
TYR CB  CG   sing N N 355 
TYR CB  HB2  sing N N 356 
TYR CB  HB3  sing N N 357 
TYR CG  CD1  doub Y N 358 
TYR CG  CD2  sing Y N 359 
TYR CD1 CE1  sing Y N 360 
TYR CD1 HD1  sing N N 361 
TYR CD2 CE2  doub Y N 362 
TYR CD2 HD2  sing N N 363 
TYR CE1 CZ   doub Y N 364 
TYR CE1 HE1  sing N N 365 
TYR CE2 CZ   sing Y N 366 
TYR CE2 HE2  sing N N 367 
TYR CZ  OH   sing N N 368 
TYR OH  HH   sing N N 369 
TYR OXT HXT  sing N N 370 
VAL N   CA   sing N N 371 
VAL N   H    sing N N 372 
VAL N   H2   sing N N 373 
VAL CA  C    sing N N 374 
VAL CA  CB   sing N N 375 
VAL CA  HA   sing N N 376 
VAL C   O    doub N N 377 
VAL C   OXT  sing N N 378 
VAL CB  CG1  sing N N 379 
VAL CB  CG2  sing N N 380 
VAL CB  HB   sing N N 381 
VAL CG1 HG11 sing N N 382 
VAL CG1 HG12 sing N N 383 
VAL CG1 HG13 sing N N 384 
VAL CG2 HG21 sing N N 385 
VAL CG2 HG22 sing N N 386 
VAL CG2 HG23 sing N N 387 
VAL OXT HXT  sing N N 388 
# 
_atom_sites.entry_id                    4OIE 
_atom_sites.fract_transf_matrix[1][1]   -0.02238900 
_atom_sites.fract_transf_matrix[1][2]   0.00374867 
_atom_sites.fract_transf_matrix[1][3]   0.00492534 
_atom_sites.fract_transf_matrix[2][1]   -0.01163478 
_atom_sites.fract_transf_matrix[2][2]   -0.01504482 
_atom_sites.fract_transf_matrix[2][3]   0.01333686 
_atom_sites.fract_transf_matrix[3][1]   0.00189903 
_atom_sites.fract_transf_matrix[3][2]   0.00369248 
_atom_sites.fract_transf_matrix[3][3]   0.00582203 
_atom_sites.fract_transf_vector[1]      0.707524 
_atom_sites.fract_transf_vector[2]      0.878151 
_atom_sites.fract_transf_vector[3]      0.137444 
# 
loop_
_atom_type.symbol 
C  
N  
O  
S  
SE 
# 
loop_
_atom_site.group_PDB 
_atom_site.id 
_atom_site.type_symbol 
_atom_site.label_atom_id 
_atom_site.label_alt_id 
_atom_site.label_comp_id 
_atom_site.label_asym_id 
_atom_site.label_entity_id 
_atom_site.label_seq_id 
_atom_site.pdbx_PDB_ins_code 
_atom_site.Cartn_x 
_atom_site.Cartn_y 
_atom_site.Cartn_z 
_atom_site.occupancy 
_atom_site.B_iso_or_equiv 
_atom_site.pdbx_formal_charge 
_atom_site.auth_seq_id 
_atom_site.auth_comp_id 
_atom_site.auth_asym_id 
_atom_site.auth_atom_id 
_atom_site.pdbx_PDB_model_num 
ATOM   1    N  N   . THR A 1 9   ? 9.439   -16.400 -12.033 1.00 86.28 ? 176 THR A N   1 
ATOM   2    C  CA  . THR A 1 9   ? 8.333   -15.703 -12.677 1.00 80.35 ? 176 THR A CA  1 
ATOM   3    C  C   . THR A 1 9   ? 7.220   -16.682 -13.038 1.00 79.87 ? 176 THR A C   1 
ATOM   4    O  O   . THR A 1 9   ? 7.478   -17.745 -13.604 1.00 88.62 ? 176 THR A O   1 
ATOM   5    C  CB  . THR A 1 9   ? 8.791   -14.980 -13.962 1.00 78.79 ? 176 THR A CB  1 
ATOM   6    O  OG1 . THR A 1 9   ? 8.838   -15.911 -15.049 1.00 87.43 ? 176 THR A OG1 1 
ATOM   7    C  CG2 . THR A 1 9   ? 10.167  -14.358 -13.768 1.00 67.59 ? 176 THR A CG2 1 
ATOM   8    N  N   . THR A 1 10  ? 5.985   -16.322 -12.701 1.00 59.54 ? 177 THR A N   1 
ATOM   9    C  CA  . THR A 1 10  ? 4.824   -17.133 -13.052 1.00 56.24 ? 177 THR A CA  1 
ATOM   10   C  C   . THR A 1 10  ? 3.542   -16.309 -12.977 1.00 52.11 ? 177 THR A C   1 
ATOM   11   O  O   . THR A 1 10  ? 3.545   -15.194 -12.461 1.00 52.74 ? 177 THR A O   1 
ATOM   12   C  CB  . THR A 1 10  ? 4.688   -18.369 -12.144 1.00 65.25 ? 177 THR A CB  1 
ATOM   13   O  OG1 . THR A 1 10  ? 3.617   -19.194 -12.617 1.00 52.69 ? 177 THR A OG1 1 
ATOM   14   C  CG2 . THR A 1 10  ? 4.402   -17.951 -10.711 1.00 64.05 ? 177 THR A CG2 1 
ATOM   15   N  N   . GLU A 1 11  ? 2.449   -16.868 -13.489 1.00 47.44 ? 178 GLU A N   1 
ATOM   16   C  CA  . GLU A 1 11  ? 1.183   -16.146 -13.576 1.00 40.14 ? 178 GLU A CA  1 
ATOM   17   C  C   . GLU A 1 11  ? 0.144   -16.685 -12.593 1.00 39.28 ? 178 GLU A C   1 
ATOM   18   O  O   . GLU A 1 11  ? 0.017   -17.896 -12.413 1.00 37.26 ? 178 GLU A O   1 
ATOM   19   C  CB  . GLU A 1 11  ? 0.648   -16.209 -15.009 1.00 39.07 ? 178 GLU A CB  1 
ATOM   20   C  CG  . GLU A 1 11  ? -0.618  -15.406 -15.249 1.00 40.58 ? 178 GLU A CG  1 
ATOM   21   C  CD  . GLU A 1 11  ? -0.929  -15.238 -16.725 1.00 43.33 ? 178 GLU A CD  1 
ATOM   22   O  OE1 . GLU A 1 11  ? -0.210  -14.475 -17.406 1.00 45.64 ? 178 GLU A OE1 1 
ATOM   23   O  OE2 . GLU A 1 11  ? -1.893  -15.872 -17.205 1.00 45.42 ? 178 GLU A OE2 1 
ATOM   24   N  N   . CYS A 1 12  ? -0.596  -15.776 -11.962 1.00 30.32 ? 179 CYS A N   1 
ATOM   25   C  CA  . CYS A 1 12  ? -1.604  -16.144 -10.972 1.00 26.45 ? 179 CYS A CA  1 
ATOM   26   C  C   . CYS A 1 12  ? -2.746  -16.952 -11.579 1.00 29.46 ? 179 CYS A C   1 
ATOM   27   O  O   . CYS A 1 12  ? -3.091  -16.781 -12.747 1.00 37.16 ? 179 CYS A O   1 
ATOM   28   C  CB  . CYS A 1 12  ? -2.172  -14.893 -10.297 1.00 25.48 ? 179 CYS A CB  1 
ATOM   29   S  SG  . CYS A 1 12  ? -0.947  -13.843 -9.494  1.00 39.50 ? 179 CYS A SG  1 
ATOM   30   N  N   . ASP A 1 13  ? -3.336  -17.826 -10.769 1.00 34.10 ? 180 ASP A N   1 
ATOM   31   C  CA  . ASP A 1 13  ? -4.476  -18.625 -11.197 1.00 31.53 ? 180 ASP A CA  1 
ATOM   32   C  C   . ASP A 1 13  ? -5.688  -17.724 -11.434 1.00 33.87 ? 180 ASP A C   1 
ATOM   33   O  O   . ASP A 1 13  ? -6.055  -16.927 -10.570 1.00 32.77 ? 180 ASP A O   1 
ATOM   34   C  CB  . ASP A 1 13  ? -4.802  -19.681 -10.141 1.00 36.28 ? 180 ASP A CB  1 
ATOM   35   C  CG  . ASP A 1 13  ? -5.540  -20.876 -10.713 1.00 44.21 ? 180 ASP A CG  1 
ATOM   36   O  OD1 . ASP A 1 13  ? -6.275  -20.708 -11.707 1.00 45.85 ? 180 ASP A OD1 1 
ATOM   37   O  OD2 . ASP A 1 13  ? -5.379  -21.987 -10.166 1.00 56.18 ? 180 ASP A OD2 1 
ATOM   38   N  N   . SER A 1 14  ? -6.305  -17.852 -12.604 1.00 29.68 ? 181 SER A N   1 
ATOM   39   C  CA  . SER A 1 14  ? -7.441  -17.010 -12.963 1.00 32.77 ? 181 SER A CA  1 
ATOM   40   C  C   . SER A 1 14  ? -8.766  -17.746 -12.799 1.00 33.61 ? 181 SER A C   1 
ATOM   41   O  O   . SER A 1 14  ? -9.821  -17.234 -13.178 1.00 39.21 ? 181 SER A O   1 
ATOM   42   C  CB  . SER A 1 14  ? -7.297  -16.497 -14.398 1.00 33.27 ? 181 SER A CB  1 
ATOM   43   O  OG  . SER A 1 14  ? -7.193  -17.570 -15.318 1.00 37.82 ? 181 SER A OG  1 
ATOM   44   N  N   . LYS A 1 15  ? -8.697  -18.945 -12.230 1.00 32.39 ? 182 LYS A N   1 
ATOM   45   C  CA  . LYS A 1 15  ? -9.870  -19.788 -12.008 1.00 39.55 ? 182 LYS A CA  1 
ATOM   46   C  C   . LYS A 1 15  ? -10.927 -19.050 -11.192 1.00 38.36 ? 182 LYS A C   1 
ATOM   47   O  O   . LYS A 1 15  ? -12.048 -18.839 -11.654 1.00 38.44 ? 182 LYS A O   1 
ATOM   48   C  CB  . LYS A 1 15  ? -9.451  -21.082 -11.308 1.00 43.03 ? 182 LYS A CB  1 
ATOM   49   C  CG  . LYS A 1 15  ? -10.569 -22.073 -11.051 1.00 45.69 ? 182 LYS A CG  1 
ATOM   50   C  CD  . LYS A 1 15  ? -9.992  -23.386 -10.541 1.00 58.39 ? 182 LYS A CD  1 
ATOM   51   C  CE  . LYS A 1 15  ? -9.006  -23.147 -9.403  1.00 62.18 ? 182 LYS A CE  1 
ATOM   52   N  NZ  . LYS A 1 15  ? -8.236  -24.372 -9.047  1.00 60.03 ? 182 LYS A NZ  1 
ATOM   53   N  N   . ILE A 1 16  ? -10.562 -18.664 -9.974  1.00 38.60 ? 183 ILE A N   1 
ATOM   54   C  CA  . ILE A 1 16  ? -11.394 -17.779 -9.172  1.00 37.73 ? 183 ILE A CA  1 
ATOM   55   C  C   . ILE A 1 16  ? -10.769 -16.391 -9.212  1.00 32.94 ? 183 ILE A C   1 
ATOM   56   O  O   . ILE A 1 16  ? -9.956  -16.038 -8.361  1.00 39.85 ? 183 ILE A O   1 
ATOM   57   C  CB  . ILE A 1 16  ? -11.512 -18.255 -7.708  1.00 37.92 ? 183 ILE A CB  1 
ATOM   58   C  CG1 . ILE A 1 16  ? -12.049 -19.687 -7.648  1.00 42.39 ? 183 ILE A CG1 1 
ATOM   59   C  CG2 . ILE A 1 16  ? -12.423 -17.326 -6.915  1.00 40.73 ? 183 ILE A CG2 1 
ATOM   60   C  CD1 . ILE A 1 16  ? -13.476 -19.825 -8.136  1.00 40.04 ? 183 ILE A CD1 1 
HETATM 61   N  N   . MSE A 1 17  ? -11.132 -15.619 -10.228 1.00 28.78 ? 184 MSE A N   1 
HETATM 62   C  CA  . MSE A 1 17  ? -10.591 -14.278 -10.400 1.00 20.89 ? 184 MSE A CA  1 
HETATM 63   C  C   . MSE A 1 17  ? -11.614 -13.396 -11.099 1.00 20.65 ? 184 MSE A C   1 
HETATM 64   O  O   . MSE A 1 17  ? -12.134 -13.749 -12.155 1.00 25.51 ? 184 MSE A O   1 
HETATM 65   C  CB  . MSE A 1 17  ? -9.284  -14.318 -11.195 1.00 23.10 ? 184 MSE A CB  1 
HETATM 66   C  CG  . MSE A 1 17  ? -8.709  -12.950 -11.515 1.00 24.08 ? 184 MSE A CG  1 
HETATM 67   SE SE  . MSE A 1 17  ? -6.925  -13.025 -12.309 1.00 35.41 ? 184 MSE A SE  1 
HETATM 68   C  CE  . MSE A 1 17  ? -5.919  -13.633 -10.751 1.00 22.52 ? 184 MSE A CE  1 
ATOM   69   N  N   . GLY A 1 18  ? -11.908 -12.251 -10.492 1.00 17.51 ? 185 GLY A N   1 
ATOM   70   C  CA  . GLY A 1 18  ? -12.917 -11.350 -11.012 1.00 17.17 ? 185 GLY A CA  1 
ATOM   71   C  C   . GLY A 1 18  ? -12.433 -9.916  -11.035 1.00 19.38 ? 185 GLY A C   1 
ATOM   72   O  O   . GLY A 1 18  ? -12.047 -9.363  -10.005 1.00 17.13 ? 185 GLY A O   1 
ATOM   73   N  N   . THR A 1 19  ? -12.446 -9.317  -12.220 1.00 13.31 ? 186 THR A N   1 
ATOM   74   C  CA  . THR A 1 19  ? -12.039 -7.929  -12.388 1.00 13.58 ? 186 THR A CA  1 
ATOM   75   C  C   . THR A 1 19  ? -13.176 -7.157  -13.038 1.00 11.48 ? 186 THR A C   1 
ATOM   76   O  O   . THR A 1 19  ? -13.676 -7.553  -14.085 1.00 15.02 ? 186 THR A O   1 
ATOM   77   C  CB  . THR A 1 19  ? -10.768 -7.810  -13.251 1.00 15.18 ? 186 THR A CB  1 
ATOM   78   O  OG1 . THR A 1 19  ? -9.660  -8.393  -12.555 1.00 15.86 ? 186 THR A OG1 1 
ATOM   79   C  CG2 . THR A 1 19  ? -10.459 -6.352  -13.550 1.00 10.78 ? 186 THR A CG2 1 
ATOM   80   N  N   . ALA A 1 20  ? -13.598 -6.062  -12.415 1.00 12.72 ? 187 ALA A N   1 
ATOM   81   C  CA  . ALA A 1 20  ? -14.757 -5.336  -12.924 1.00 13.14 ? 187 ALA A CA  1 
ATOM   82   C  C   . ALA A 1 20  ? -14.697 -3.849  -12.621 1.00 10.71 ? 187 ALA A C   1 
ATOM   83   O  O   . ALA A 1 20  ? -14.267 -3.443  -11.548 1.00 13.50 ? 187 ALA A O   1 
ATOM   84   C  CB  . ALA A 1 20  ? -16.045 -5.935  -12.366 1.00 11.13 ? 187 ALA A CB  1 
ATOM   85   N  N   . VAL A 1 21  ? -15.140 -3.040  -13.576 1.00 11.59 ? 188 VAL A N   1 
ATOM   86   C  CA  . VAL A 1 21  ? -15.284 -1.609  -13.353 1.00 12.35 ? 188 VAL A CA  1 
ATOM   87   C  C   . VAL A 1 21  ? -16.678 -1.157  -13.786 1.00 16.65 ? 188 VAL A C   1 
ATOM   88   O  O   . VAL A 1 21  ? -17.173 -1.551  -14.842 1.00 19.21 ? 188 VAL A O   1 
ATOM   89   C  CB  . VAL A 1 21  ? -14.186 -0.792  -14.079 1.00 11.31 ? 188 VAL A CB  1 
ATOM   90   C  CG1 . VAL A 1 21  ? -14.191 -1.085  -15.572 1.00 12.14 ? 188 VAL A CG1 1 
ATOM   91   C  CG2 . VAL A 1 21  ? -14.359 0.699   -13.812 1.00 15.24 ? 188 VAL A CG2 1 
ATOM   92   N  N   . LYS A 1 22  ? -17.303 -0.340  -12.944 1.00 15.05 ? 189 LYS A N   1 
ATOM   93   C  CA  . LYS A 1 22  ? -18.684 0.090   -13.126 1.00 14.12 ? 189 LYS A CA  1 
ATOM   94   C  C   . LYS A 1 22  ? -19.033 1.106   -12.043 1.00 22.37 ? 189 LYS A C   1 
ATOM   95   O  O   . LYS A 1 22  ? -18.666 0.926   -10.882 1.00 19.05 ? 189 LYS A O   1 
ATOM   96   C  CB  . LYS A 1 22  ? -19.628 -1.109  -13.024 1.00 19.32 ? 189 LYS A CB  1 
ATOM   97   C  CG  . LYS A 1 22  ? -21.094 -0.770  -13.182 1.00 31.52 ? 189 LYS A CG  1 
ATOM   98   C  CD  . LYS A 1 22  ? -21.957 -2.016  -13.060 1.00 39.50 ? 189 LYS A CD  1 
ATOM   99   C  CE  . LYS A 1 22  ? -23.443 -1.678  -13.064 1.00 48.55 ? 189 LYS A CE  1 
ATOM   100  N  NZ  . LYS A 1 22  ? -23.890 -1.100  -14.370 1.00 47.14 ? 189 LYS A NZ  1 
ATOM   101  N  N   . ASN A 1 23  ? -19.725 2.174   -12.431 1.00 21.84 ? 190 ASN A N   1 
ATOM   102  C  CA  . ASN A 1 23  ? -20.166 3.206   -11.492 1.00 17.18 ? 190 ASN A CA  1 
ATOM   103  C  C   . ASN A 1 23  ? -19.039 3.798   -10.639 1.00 17.77 ? 190 ASN A C   1 
ATOM   104  O  O   . ASN A 1 23  ? -19.178 3.919   -9.423  1.00 19.51 ? 190 ASN A O   1 
ATOM   105  C  CB  . ASN A 1 23  ? -21.285 2.673   -10.586 1.00 21.22 ? 190 ASN A CB  1 
ATOM   106  C  CG  . ASN A 1 23  ? -22.545 2.315   -11.355 1.00 22.34 ? 190 ASN A CG  1 
ATOM   107  O  OD1 . ASN A 1 23  ? -22.946 3.028   -12.274 1.00 24.31 ? 190 ASN A OD1 1 
ATOM   108  N  ND2 . ASN A 1 23  ? -23.174 1.207   -10.980 1.00 22.66 ? 190 ASN A ND2 1 
ATOM   109  N  N   . ASN A 1 24  ? -17.928 4.149   -11.285 1.00 23.96 ? 191 ASN A N   1 
ATOM   110  C  CA  . ASN A 1 24  ? -16.785 4.793   -10.624 1.00 18.32 ? 191 ASN A CA  1 
ATOM   111  C  C   . ASN A 1 24  ? -16.037 3.911   -9.623  1.00 17.44 ? 191 ASN A C   1 
ATOM   112  O  O   . ASN A 1 24  ? -15.330 4.412   -8.748  1.00 16.81 ? 191 ASN A O   1 
ATOM   113  C  CB  . ASN A 1 24  ? -17.197 6.111   -9.958  1.00 21.32 ? 191 ASN A CB  1 
ATOM   114  C  CG  . ASN A 1 24  ? -17.885 7.057   -10.916 1.00 26.49 ? 191 ASN A CG  1 
ATOM   115  O  OD1 . ASN A 1 24  ? -17.469 7.204   -12.065 1.00 38.08 ? 191 ASN A OD1 1 
ATOM   116  N  ND2 . ASN A 1 24  ? -18.951 7.700   -10.452 1.00 28.74 ? 191 ASN A ND2 1 
ATOM   117  N  N   . LEU A 1 25  ? -16.193 2.598   -9.750  1.00 18.68 ? 192 LEU A N   1 
ATOM   118  C  CA  . LEU A 1 25  ? -15.466 1.664   -8.898  1.00 14.10 ? 192 LEU A CA  1 
ATOM   119  C  C   . LEU A 1 25  ? -14.851 0.562   -9.743  1.00 15.27 ? 192 LEU A C   1 
ATOM   120  O  O   . LEU A 1 25  ? -15.553 -0.123  -10.483 1.00 13.69 ? 192 LEU A O   1 
ATOM   121  C  CB  . LEU A 1 25  ? -16.394 1.053   -7.847  1.00 17.54 ? 192 LEU A CB  1 
ATOM   122  C  CG  . LEU A 1 25  ? -15.853 -0.185  -7.126  1.00 15.86 ? 192 LEU A CG  1 
ATOM   123  C  CD1 . LEU A 1 25  ? -14.611 0.149   -6.305  1.00 18.01 ? 192 LEU A CD1 1 
ATOM   124  C  CD2 . LEU A 1 25  ? -16.927 -0.823  -6.257  1.00 16.07 ? 192 LEU A CD2 1 
ATOM   125  N  N   . ALA A 1 26  ? -13.537 0.395   -9.633  1.00 13.79 ? 193 ALA A N   1 
ATOM   126  C  CA  . ALA A 1 26  ? -12.840 -0.664  -10.350 1.00 12.48 ? 193 ALA A CA  1 
ATOM   127  C  C   . ALA A 1 26  ? -12.257 -1.668  -9.363  1.00 14.13 ? 193 ALA A C   1 
ATOM   128  O  O   . ALA A 1 26  ? -11.560 -1.293  -8.419  1.00 15.00 ? 193 ALA A O   1 
ATOM   129  C  CB  . ALA A 1 26  ? -11.747 -0.083  -11.237 1.00 9.74  ? 193 ALA A CB  1 
ATOM   130  N  N   . ILE A 1 27  ? -12.549 -2.945  -9.588  1.00 10.26 ? 194 ILE A N   1 
ATOM   131  C  CA  . ILE A 1 27  ? -12.128 -4.006  -8.685  1.00 10.89 ? 194 ILE A CA  1 
ATOM   132  C  C   . ILE A 1 27  ? -11.253 -5.033  -9.395  1.00 11.09 ? 194 ILE A C   1 
ATOM   133  O  O   . ILE A 1 27  ? -11.601 -5.514  -10.469 1.00 11.10 ? 194 ILE A O   1 
ATOM   134  C  CB  . ILE A 1 27  ? -13.350 -4.730  -8.075  1.00 15.95 ? 194 ILE A CB  1 
ATOM   135  C  CG1 . ILE A 1 27  ? -14.172 -3.759  -7.225  1.00 15.29 ? 194 ILE A CG1 1 
ATOM   136  C  CG2 . ILE A 1 27  ? -12.911 -5.929  -7.245  1.00 14.17 ? 194 ILE A CG2 1 
ATOM   137  C  CD1 . ILE A 1 27  ? -15.457 -4.349  -6.700  1.00 29.10 ? 194 ILE A CD1 1 
ATOM   138  N  N   . HIS A 1 28  ? -10.106 -5.344  -8.799  1.00 12.66 ? 195 HIS A N   1 
ATOM   139  C  CA  . HIS A 1 28  ? -9.298  -6.479  -9.229  1.00 13.56 ? 195 HIS A CA  1 
ATOM   140  C  C   . HIS A 1 28  ? -9.292  -7.466  -8.073  1.00 14.11 ? 195 HIS A C   1 
ATOM   141  O  O   . HIS A 1 28  ? -8.827  -7.139  -6.985  1.00 13.88 ? 195 HIS A O   1 
ATOM   142  C  CB  . HIS A 1 28  ? -7.861  -6.057  -9.541  1.00 12.61 ? 195 HIS A CB  1 
ATOM   143  C  CG  . HIS A 1 28  ? -7.722  -5.214  -10.774 1.00 16.69 ? 195 HIS A CG  1 
ATOM   144  N  ND1 . HIS A 1 28  ? -8.006  -3.865  -10.789 1.00 9.54  ? 195 HIS A ND1 1 
ATOM   145  C  CD2 . HIS A 1 28  ? -7.308  -5.526  -12.025 1.00 16.23 ? 195 HIS A CD2 1 
ATOM   146  C  CE1 . HIS A 1 28  ? -7.786  -3.386  -12.002 1.00 14.80 ? 195 HIS A CE1 1 
ATOM   147  N  NE2 . HIS A 1 28  ? -7.361  -4.373  -12.769 1.00 9.97  ? 195 HIS A NE2 1 
ATOM   148  N  N   . SER A 1 29  ? -9.804  -8.673  -8.297  1.00 14.70 ? 196 SER A N   1 
ATOM   149  C  CA  . SER A 1 29  ? -9.945  -9.617  -7.194  1.00 16.19 ? 196 SER A CA  1 
ATOM   150  C  C   . SER A 1 29  ? -9.725  -11.074 -7.579  1.00 14.17 ? 196 SER A C   1 
ATOM   151  O  O   . SER A 1 29  ? -9.955  -11.475 -8.720  1.00 14.02 ? 196 SER A O   1 
ATOM   152  C  CB  . SER A 1 29  ? -11.325 -9.467  -6.538  1.00 14.74 ? 196 SER A CB  1 
ATOM   153  O  OG  . SER A 1 29  ? -12.357 -9.931  -7.396  1.00 14.11 ? 196 SER A OG  1 
ATOM   154  N  N   . ASP A 1 30  ? -9.266  -11.854 -6.606  1.00 17.14 ? 197 ASP A N   1 
ATOM   155  C  CA  . ASP A 1 30  ? -9.267  -13.308 -6.704  1.00 19.65 ? 197 ASP A CA  1 
ATOM   156  C  C   . ASP A 1 30  ? -9.592  -13.904 -5.333  1.00 23.53 ? 197 ASP A C   1 
ATOM   157  O  O   . ASP A 1 30  ? -10.254 -13.260 -4.515  1.00 21.44 ? 197 ASP A O   1 
ATOM   158  C  CB  . ASP A 1 30  ? -7.948  -13.856 -7.275  1.00 23.55 ? 197 ASP A CB  1 
ATOM   159  C  CG  . ASP A 1 30  ? -6.727  -13.423 -6.485  1.00 25.02 ? 197 ASP A CG  1 
ATOM   160  O  OD1 . ASP A 1 30  ? -6.883  -12.851 -5.388  1.00 22.26 ? 197 ASP A OD1 1 
ATOM   161  O  OD2 . ASP A 1 30  ? -5.600  -13.671 -6.966  1.00 27.13 ? 197 ASP A OD2 1 
ATOM   162  N  N   . LEU A 1 31  ? -9.121  -15.117 -5.073  1.00 26.33 ? 198 LEU A N   1 
ATOM   163  C  CA  . LEU A 1 31  ? -9.457  -15.797 -3.825  1.00 30.08 ? 198 LEU A CA  1 
ATOM   164  C  C   . LEU A 1 31  ? -8.911  -15.082 -2.586  1.00 22.18 ? 198 LEU A C   1 
ATOM   165  O  O   . LEU A 1 31  ? -9.536  -15.106 -1.526  1.00 32.02 ? 198 LEU A O   1 
ATOM   166  C  CB  . LEU A 1 31  ? -8.990  -17.254 -3.858  1.00 35.10 ? 198 LEU A CB  1 
ATOM   167  C  CG  . LEU A 1 31  ? -9.364  -18.117 -2.649  1.00 52.59 ? 198 LEU A CG  1 
ATOM   168  C  CD1 . LEU A 1 31  ? -10.860 -18.054 -2.377  1.00 46.61 ? 198 LEU A CD1 1 
ATOM   169  C  CD2 . LEU A 1 31  ? -8.917  -19.557 -2.854  1.00 51.43 ? 198 LEU A CD2 1 
ATOM   170  N  N   . SER A 1 32  ? -7.759  -14.433 -2.719  1.00 24.51 ? 199 SER A N   1 
ATOM   171  C  CA  . SER A 1 32  ? -7.114  -13.804 -1.567  1.00 24.99 ? 199 SER A CA  1 
ATOM   172  C  C   . SER A 1 32  ? -6.944  -12.287 -1.688  1.00 24.91 ? 199 SER A C   1 
ATOM   173  O  O   . SER A 1 32  ? -6.751  -11.603 -0.682  1.00 20.43 ? 199 SER A O   1 
ATOM   174  C  CB  . SER A 1 32  ? -5.762  -14.466 -1.283  1.00 27.22 ? 199 SER A CB  1 
ATOM   175  O  OG  . SER A 1 32  ? -4.901  -14.376 -2.405  1.00 38.75 ? 199 SER A OG  1 
ATOM   176  N  N   . TYR A 1 33  ? -7.010  -11.767 -2.911  1.00 21.29 ? 200 TYR A N   1 
ATOM   177  C  CA  . TYR A 1 33  ? -6.860  -10.330 -3.139  1.00 21.14 ? 200 TYR A CA  1 
ATOM   178  C  C   . TYR A 1 33  ? -8.194  -9.656  -3.449  1.00 15.91 ? 200 TYR A C   1 
ATOM   179  O  O   . TYR A 1 33  ? -9.010  -10.192 -4.197  1.00 16.18 ? 200 TYR A O   1 
ATOM   180  C  CB  . TYR A 1 33  ? -5.892  -10.056 -4.295  1.00 18.74 ? 200 TYR A CB  1 
ATOM   181  C  CG  . TYR A 1 33  ? -4.420  -10.167 -3.959  1.00 22.87 ? 200 TYR A CG  1 
ATOM   182  C  CD1 . TYR A 1 33  ? -3.985  -10.866 -2.838  1.00 19.72 ? 200 TYR A CD1 1 
ATOM   183  C  CD2 . TYR A 1 33  ? -3.465  -9.559  -4.765  1.00 16.83 ? 200 TYR A CD2 1 
ATOM   184  C  CE1 . TYR A 1 33  ? -2.637  -10.963 -2.536  1.00 18.23 ? 200 TYR A CE1 1 
ATOM   185  C  CE2 . TYR A 1 33  ? -2.117  -9.649  -4.471  1.00 26.70 ? 200 TYR A CE2 1 
ATOM   186  C  CZ  . TYR A 1 33  ? -1.707  -10.351 -3.356  1.00 16.96 ? 200 TYR A CZ  1 
ATOM   187  O  OH  . TYR A 1 33  ? -0.363  -10.434 -3.066  1.00 22.29 ? 200 TYR A OH  1 
ATOM   188  N  N   . TRP A 1 34  ? -8.406  -8.478  -2.871  1.00 15.87 ? 201 TRP A N   1 
ATOM   189  C  CA  . TRP A 1 34  ? -9.547  -7.637  -3.220  1.00 14.38 ? 201 TRP A CA  1 
ATOM   190  C  C   . TRP A 1 34  ? -9.078  -6.187  -3.308  1.00 13.36 ? 201 TRP A C   1 
ATOM   191  O  O   . TRP A 1 34  ? -8.837  -5.537  -2.291  1.00 14.67 ? 201 TRP A O   1 
ATOM   192  C  CB  . TRP A 1 34  ? -10.680 -7.779  -2.199  1.00 14.64 ? 201 TRP A CB  1 
ATOM   193  C  CG  . TRP A 1 34  ? -11.935 -7.035  -2.592  1.00 13.74 ? 201 TRP A CG  1 
ATOM   194  C  CD1 . TRP A 1 34  ? -12.206 -5.714  -2.378  1.00 14.78 ? 201 TRP A CD1 1 
ATOM   195  C  CD2 . TRP A 1 34  ? -13.077 -7.573  -3.270  1.00 17.12 ? 201 TRP A CD2 1 
ATOM   196  N  NE1 . TRP A 1 34  ? -13.447 -5.397  -2.880  1.00 17.06 ? 201 TRP A NE1 1 
ATOM   197  C  CE2 . TRP A 1 34  ? -14.003 -6.521  -3.431  1.00 22.08 ? 201 TRP A CE2 1 
ATOM   198  C  CE3 . TRP A 1 34  ? -13.410 -8.843  -3.754  1.00 21.81 ? 201 TRP A CE3 1 
ATOM   199  C  CZ2 . TRP A 1 34  ? -15.235 -6.699  -4.056  1.00 19.09 ? 201 TRP A CZ2 1 
ATOM   200  C  CZ3 . TRP A 1 34  ? -14.636 -9.017  -4.375  1.00 25.88 ? 201 TRP A CZ3 1 
ATOM   201  C  CH2 . TRP A 1 34  ? -15.532 -7.951  -4.519  1.00 25.48 ? 201 TRP A CH2 1 
ATOM   202  N  N   . ILE A 1 35  ? -8.943  -5.688  -4.530  1.00 12.78 ? 202 ILE A N   1 
ATOM   203  C  CA  . ILE A 1 35  ? -8.332  -4.386  -4.757  1.00 14.63 ? 202 ILE A CA  1 
ATOM   204  C  C   . ILE A 1 35  ? -9.328  -3.401  -5.364  1.00 13.41 ? 202 ILE A C   1 
ATOM   205  O  O   . ILE A 1 35  ? -9.888  -3.653  -6.429  1.00 13.16 ? 202 ILE A O   1 
ATOM   206  C  CB  . ILE A 1 35  ? -7.099  -4.534  -5.673  1.00 11.87 ? 202 ILE A CB  1 
ATOM   207  C  CG1 . ILE A 1 35  ? -6.113  -5.533  -5.058  1.00 14.18 ? 202 ILE A CG1 1 
ATOM   208  C  CG2 . ILE A 1 35  ? -6.427  -3.199  -5.894  1.00 11.84 ? 202 ILE A CG2 1 
ATOM   209  C  CD1 . ILE A 1 35  ? -5.020  -5.991  -6.000  1.00 14.42 ? 202 ILE A CD1 1 
ATOM   210  N  N   . GLU A 1 36  ? -9.546  -2.278  -4.686  1.00 9.43  ? 203 GLU A N   1 
ATOM   211  C  CA  . GLU A 1 36  ? -10.540 -1.306  -5.129  1.00 9.58  ? 203 GLU A CA  1 
ATOM   212  C  C   . GLU A 1 36  ? -9.928  0.032   -5.516  1.00 11.10 ? 203 GLU A C   1 
ATOM   213  O  O   . GLU A 1 36  ? -9.221  0.656   -4.728  1.00 14.00 ? 203 GLU A O   1 
ATOM   214  C  CB  . GLU A 1 36  ? -11.610 -1.083  -4.051  1.00 15.48 ? 203 GLU A CB  1 
ATOM   215  C  CG  . GLU A 1 36  ? -12.439 -2.316  -3.728  1.00 18.02 ? 203 GLU A CG  1 
ATOM   216  C  CD  . GLU A 1 36  ? -13.663 -2.000  -2.881  1.00 22.21 ? 203 GLU A CD  1 
ATOM   217  O  OE1 . GLU A 1 36  ? -13.743 -0.881  -2.327  1.00 18.54 ? 203 GLU A OE1 1 
ATOM   218  O  OE2 . GLU A 1 36  ? -14.549 -2.873  -2.772  1.00 23.69 ? 203 GLU A OE2 1 
ATOM   219  N  N   . SER A 1 37  ? -10.219 0.467   -6.735  1.00 12.60 ? 204 SER A N   1 
ATOM   220  C  CA  . SER A 1 37  ? -9.835  1.788   -7.204  1.00 10.20 ? 204 SER A CA  1 
ATOM   221  C  C   . SER A 1 37  ? -11.094 2.569   -7.556  1.00 13.19 ? 204 SER A C   1 
ATOM   222  O  O   . SER A 1 37  ? -12.049 2.008   -8.090  1.00 15.27 ? 204 SER A O   1 
ATOM   223  C  CB  . SER A 1 37  ? -8.925  1.675   -8.424  1.00 13.68 ? 204 SER A CB  1 
ATOM   224  O  OG  . SER A 1 37  ? -8.812  2.924   -9.085  1.00 30.97 ? 204 SER A OG  1 
ATOM   225  N  N   . ARG A 1 38  ? -11.105 3.860   -7.251  1.00 13.82 ? 205 ARG A N   1 
ATOM   226  C  CA  . ARG A 1 38  ? -12.317 4.651   -7.427  1.00 14.13 ? 205 ARG A CA  1 
ATOM   227  C  C   . ARG A 1 38  ? -12.055 5.996   -8.087  1.00 16.87 ? 205 ARG A C   1 
ATOM   228  O  O   . ARG A 1 38  ? -10.946 6.526   -8.033  1.00 20.34 ? 205 ARG A O   1 
ATOM   229  C  CB  . ARG A 1 38  ? -13.025 4.852   -6.082  1.00 13.63 ? 205 ARG A CB  1 
ATOM   230  C  CG  . ARG A 1 38  ? -13.519 3.558   -5.448  1.00 15.29 ? 205 ARG A CG  1 
ATOM   231  C  CD  . ARG A 1 38  ? -14.165 3.797   -4.095  1.00 14.08 ? 205 ARG A CD  1 
ATOM   232  N  NE  . ARG A 1 38  ? -14.619 2.548   -3.491  1.00 19.03 ? 205 ARG A NE  1 
ATOM   233  C  CZ  . ARG A 1 38  ? -15.839 2.041   -3.643  1.00 18.70 ? 205 ARG A CZ  1 
ATOM   234  N  NH1 . ARG A 1 38  ? -16.743 2.682   -4.374  1.00 15.40 ? 205 ARG A NH1 1 
ATOM   235  N  NH2 . ARG A 1 38  ? -16.156 0.893   -3.056  1.00 16.11 ? 205 ARG A NH2 1 
ATOM   236  N  N   . LEU A 1 39  ? -13.095 6.538   -8.713  1.00 20.00 ? 206 LEU A N   1 
ATOM   237  C  CA  . LEU A 1 39  ? -13.016 7.845   -9.345  1.00 19.51 ? 206 LEU A CA  1 
ATOM   238  C  C   . LEU A 1 39  ? -13.545 8.927   -8.416  1.00 25.63 ? 206 LEU A C   1 
ATOM   239  O  O   . LEU A 1 39  ? -14.719 8.928   -8.047  1.00 19.77 ? 206 LEU A O   1 
ATOM   240  C  CB  . LEU A 1 39  ? -13.791 7.860   -10.666 1.00 19.52 ? 206 LEU A CB  1 
ATOM   241  C  CG  . LEU A 1 39  ? -13.946 9.228   -11.339 1.00 16.46 ? 206 LEU A CG  1 
ATOM   242  C  CD1 . LEU A 1 39  ? -12.590 9.838   -11.660 1.00 23.08 ? 206 LEU A CD1 1 
ATOM   243  C  CD2 . LEU A 1 39  ? -14.796 9.123   -12.595 1.00 24.06 ? 206 LEU A CD2 1 
ATOM   244  N  N   . ASN A 1 40  ? -12.653 9.830   -8.029  1.00 26.42 ? 207 ASN A N   1 
ATOM   245  C  CA  . ASN A 1 40  ? -13.004 11.032  -7.289  1.00 27.87 ? 207 ASN A CA  1 
ATOM   246  C  C   . ASN A 1 40  ? -12.047 12.119  -7.755  1.00 30.14 ? 207 ASN A C   1 
ATOM   247  O  O   . ASN A 1 40  ? -10.905 12.178  -7.299  1.00 32.80 ? 207 ASN A O   1 
ATOM   248  C  CB  . ASN A 1 40  ? -12.871 10.798  -5.786  1.00 26.14 ? 207 ASN A CB  1 
ATOM   249  C  CG  . ASN A 1 40  ? -13.323 11.991  -4.968  1.00 41.42 ? 207 ASN A CG  1 
ATOM   250  O  OD1 . ASN A 1 40  ? -14.236 12.717  -5.361  1.00 40.89 ? 207 ASN A OD1 1 
ATOM   251  N  ND2 . ASN A 1 40  ? -12.679 12.205  -3.826  1.00 40.57 ? 207 ASN A ND2 1 
ATOM   252  N  N   . ASP A 1 41  ? -12.520 12.955  -8.680  1.00 31.03 ? 208 ASP A N   1 
ATOM   253  C  CA  . ASP A 1 41  ? -11.678 13.859  -9.473  1.00 32.85 ? 208 ASP A CA  1 
ATOM   254  C  C   . ASP A 1 41  ? -10.788 13.071  -10.433 1.00 34.87 ? 208 ASP A C   1 
ATOM   255  O  O   . ASP A 1 41  ? -10.819 13.296  -11.641 1.00 32.72 ? 208 ASP A O   1 
ATOM   256  C  CB  . ASP A 1 41  ? -10.840 14.803  -8.599  1.00 44.83 ? 208 ASP A CB  1 
ATOM   257  C  CG  . ASP A 1 41  ? -11.686 15.647  -7.669  1.00 47.56 ? 208 ASP A CG  1 
ATOM   258  O  OD1 . ASP A 1 41  ? -12.838 15.968  -8.031  1.00 44.65 ? 208 ASP A OD1 1 
ATOM   259  O  OD2 . ASP A 1 41  ? -11.193 15.993  -6.574  1.00 48.27 ? 208 ASP A OD2 1 
ATOM   260  N  N   . THR A 1 42  ? -9.991  12.153  -9.889  1.00 26.36 ? 209 THR A N   1 
ATOM   261  C  CA  . THR A 1 42  ? -9.209  11.231  -10.705 1.00 27.81 ? 209 THR A CA  1 
ATOM   262  C  C   . THR A 1 42  ? -9.356  9.809   -10.176 1.00 21.79 ? 209 THR A C   1 
ATOM   263  O  O   . THR A 1 42  ? -9.790  9.604   -9.040  1.00 20.51 ? 209 THR A O   1 
ATOM   264  C  CB  . THR A 1 42  ? -7.707  11.595  -10.729 1.00 37.30 ? 209 THR A CB  1 
ATOM   265  O  OG1 . THR A 1 42  ? -7.165  11.496  -9.406  1.00 38.16 ? 209 THR A OG1 1 
ATOM   266  C  CG2 . THR A 1 42  ? -7.492  13.003  -11.269 1.00 32.28 ? 209 THR A CG2 1 
ATOM   267  N  N   . TRP A 1 43  ? -8.996  8.835   -11.007 1.00 23.58 ? 210 TRP A N   1 
ATOM   268  C  CA  . TRP A 1 43  ? -8.982  7.434   -10.603 1.00 20.24 ? 210 TRP A CA  1 
ATOM   269  C  C   . TRP A 1 43  ? -7.724  7.138   -9.804  1.00 22.48 ? 210 TRP A C   1 
ATOM   270  O  O   . TRP A 1 43  ? -6.625  7.513   -10.209 1.00 25.21 ? 210 TRP A O   1 
ATOM   271  C  CB  . TRP A 1 43  ? -8.998  6.520   -11.828 1.00 22.37 ? 210 TRP A CB  1 
ATOM   272  C  CG  . TRP A 1 43  ? -10.302 6.454   -12.548 1.00 18.10 ? 210 TRP A CG  1 
ATOM   273  C  CD1 . TRP A 1 43  ? -10.704 7.241   -13.590 1.00 27.38 ? 210 TRP A CD1 1 
ATOM   274  C  CD2 . TRP A 1 43  ? -11.373 5.535   -12.302 1.00 20.61 ? 210 TRP A CD2 1 
ATOM   275  N  NE1 . TRP A 1 43  ? -11.963 6.872   -14.001 1.00 24.89 ? 210 TRP A NE1 1 
ATOM   276  C  CE2 . TRP A 1 43  ? -12.396 5.828   -13.227 1.00 19.17 ? 210 TRP A CE2 1 
ATOM   277  C  CE3 . TRP A 1 43  ? -11.569 4.494   -11.386 1.00 22.99 ? 210 TRP A CE3 1 
ATOM   278  C  CZ2 . TRP A 1 43  ? -13.596 5.120   -13.262 1.00 22.12 ? 210 TRP A CZ2 1 
ATOM   279  C  CZ3 . TRP A 1 43  ? -12.763 3.791   -11.425 1.00 18.06 ? 210 TRP A CZ3 1 
ATOM   280  C  CH2 . TRP A 1 43  ? -13.761 4.108   -12.355 1.00 19.64 ? 210 TRP A CH2 1 
ATOM   281  N  N   . LYS A 1 44  ? -7.890  6.454   -8.677  1.00 17.84 ? 211 LYS A N   1 
ATOM   282  C  CA  . LYS A 1 44  ? -6.756  6.027   -7.870  1.00 22.22 ? 211 LYS A CA  1 
ATOM   283  C  C   . LYS A 1 44  ? -7.144  4.919   -6.899  1.00 15.48 ? 211 LYS A C   1 
ATOM   284  O  O   . LYS A 1 44  ? -8.322  4.733   -6.592  1.00 15.08 ? 211 LYS A O   1 
ATOM   285  C  CB  . LYS A 1 44  ? -6.147  7.213   -7.117  1.00 27.24 ? 211 LYS A CB  1 
ATOM   286  C  CG  . LYS A 1 44  ? -7.165  8.087   -6.417  1.00 19.00 ? 211 LYS A CG  1 
ATOM   287  C  CD  . LYS A 1 44  ? -6.519  9.348   -5.876  1.00 26.65 ? 211 LYS A CD  1 
ATOM   288  C  CE  . LYS A 1 44  ? -7.541  10.213  -5.159  1.00 28.63 ? 211 LYS A CE  1 
ATOM   289  N  NZ  . LYS A 1 44  ? -8.640  10.653  -6.067  1.00 25.04 ? 211 LYS A NZ  1 
ATOM   290  N  N   . LEU A 1 45  ? -6.142  4.179   -6.436  1.00 14.47 ? 212 LEU A N   1 
ATOM   291  C  CA  . LEU A 1 45  ? -6.344  3.103   -5.476  1.00 20.36 ? 212 LEU A CA  1 
ATOM   292  C  C   . LEU A 1 45  ? -7.010  3.633   -4.211  1.00 15.71 ? 212 LEU A C   1 
ATOM   293  O  O   . LEU A 1 45  ? -6.683  4.724   -3.748  1.00 17.86 ? 212 LEU A O   1 
ATOM   294  C  CB  . LEU A 1 45  ? -5.000  2.470   -5.118  1.00 14.48 ? 212 LEU A CB  1 
ATOM   295  C  CG  . LEU A 1 45  ? -5.034  1.271   -4.173  1.00 12.88 ? 212 LEU A CG  1 
ATOM   296  C  CD1 . LEU A 1 45  ? -5.724  0.100   -4.839  1.00 15.20 ? 212 LEU A CD1 1 
ATOM   297  C  CD2 . LEU A 1 45  ? -3.631  0.896   -3.745  1.00 15.45 ? 212 LEU A CD2 1 
ATOM   298  N  N   . GLU A 1 46  ? -7.945  2.865   -3.660  1.00 13.74 ? 213 GLU A N   1 
ATOM   299  C  CA  . GLU A 1 46  ? -8.631  3.274   -2.436  1.00 18.34 ? 213 GLU A CA  1 
ATOM   300  C  C   . GLU A 1 46  ? -8.510  2.240   -1.328  1.00 16.63 ? 213 GLU A C   1 
ATOM   301  O  O   . GLU A 1 46  ? -8.307  2.591   -0.169  1.00 17.01 ? 213 GLU A O   1 
ATOM   302  C  CB  . GLU A 1 46  ? -10.106 3.587   -2.708  1.00 20.33 ? 213 GLU A CB  1 
ATOM   303  C  CG  . GLU A 1 46  ? -10.329 4.848   -3.531  1.00 20.58 ? 213 GLU A CG  1 
ATOM   304  C  CD  . GLU A 1 46  ? -9.934  6.117   -2.790  1.00 23.89 ? 213 GLU A CD  1 
ATOM   305  O  OE1 . GLU A 1 46  ? -9.861  6.089   -1.542  1.00 25.77 ? 213 GLU A OE1 1 
ATOM   306  O  OE2 . GLU A 1 46  ? -9.699  7.146   -3.458  1.00 31.45 ? 213 GLU A OE2 1 
ATOM   307  N  N   . ARG A 1 47  ? -8.636  0.968   -1.682  1.00 16.17 ? 214 ARG A N   1 
ATOM   308  C  CA  . ARG A 1 47  ? -8.524  -0.093  -0.690  1.00 19.38 ? 214 ARG A CA  1 
ATOM   309  C  C   . ARG A 1 47  ? -7.985  -1.382  -1.295  1.00 14.54 ? 214 ARG A C   1 
ATOM   310  O  O   . ARG A 1 47  ? -8.257  -1.705  -2.447  1.00 15.08 ? 214 ARG A O   1 
ATOM   311  C  CB  . ARG A 1 47  ? -9.876  -0.351  -0.014  1.00 18.13 ? 214 ARG A CB  1 
ATOM   312  C  CG  . ARG A 1 47  ? -9.802  -1.295  1.180   1.00 23.14 ? 214 ARG A CG  1 
ATOM   313  C  CD  . ARG A 1 47  ? -11.157 -1.466  1.850   1.00 31.99 ? 214 ARG A CD  1 
ATOM   314  N  NE  . ARG A 1 47  ? -11.709 -0.189  2.294   1.00 41.13 ? 214 ARG A NE  1 
ATOM   315  C  CZ  . ARG A 1 47  ? -11.344 0.436   3.410   1.00 48.87 ? 214 ARG A CZ  1 
ATOM   316  N  NH1 . ARG A 1 47  ? -10.420 -0.095  4.199   1.00 46.12 ? 214 ARG A NH1 1 
ATOM   317  N  NH2 . ARG A 1 47  ? -11.900 1.596   3.734   1.00 45.01 ? 214 ARG A NH2 1 
ATOM   318  N  N   . ALA A 1 48  ? -7.205  -2.110  -0.508  1.00 16.44 ? 215 ALA A N   1 
ATOM   319  C  CA  . ALA A 1 48  ? -6.700  -3.404  -0.929  1.00 14.63 ? 215 ALA A CA  1 
ATOM   320  C  C   . ALA A 1 48  ? -6.718  -4.354  0.256   1.00 13.70 ? 215 ALA A C   1 
ATOM   321  O  O   . ALA A 1 48  ? -6.049  -4.118  1.258   1.00 18.36 ? 215 ALA A O   1 
ATOM   322  C  CB  . ALA A 1 48  ? -5.296  -3.275  -1.491  1.00 13.17 ? 215 ALA A CB  1 
ATOM   323  N  N   . VAL A 1 49  ? -7.503  -5.418  0.145   1.00 15.47 ? 216 VAL A N   1 
ATOM   324  C  CA  . VAL A 1 49  ? -7.530  -6.442  1.176   1.00 16.53 ? 216 VAL A CA  1 
ATOM   325  C  C   . VAL A 1 49  ? -6.782  -7.663  0.674   1.00 15.27 ? 216 VAL A C   1 
ATOM   326  O  O   . VAL A 1 49  ? -7.226  -8.332  -0.257  1.00 18.75 ? 216 VAL A O   1 
ATOM   327  C  CB  . VAL A 1 49  ? -8.964  -6.848  1.553   1.00 21.20 ? 216 VAL A CB  1 
ATOM   328  C  CG1 . VAL A 1 49  ? -8.933  -7.891  2.660   1.00 26.52 ? 216 VAL A CG1 1 
ATOM   329  C  CG2 . VAL A 1 49  ? -9.767  -5.629  1.984   1.00 21.92 ? 216 VAL A CG2 1 
ATOM   330  N  N   . LEU A 1 50  ? -5.637  -7.940  1.288   1.00 21.32 ? 217 LEU A N   1 
ATOM   331  C  CA  . LEU A 1 50  ? -4.825  -9.084  0.909   1.00 20.88 ? 217 LEU A CA  1 
ATOM   332  C  C   . LEU A 1 50  ? -4.859  -10.119 2.028   1.00 21.06 ? 217 LEU A C   1 
ATOM   333  O  O   . LEU A 1 50  ? -4.165  -9.970  3.035   1.00 21.46 ? 217 LEU A O   1 
ATOM   334  C  CB  . LEU A 1 50  ? -3.387  -8.642  0.638   1.00 18.13 ? 217 LEU A CB  1 
ATOM   335  C  CG  . LEU A 1 50  ? -3.214  -7.361  -0.188  1.00 18.99 ? 217 LEU A CG  1 
ATOM   336  C  CD1 . LEU A 1 50  ? -1.738  -7.042  -0.394  1.00 20.95 ? 217 LEU A CD1 1 
ATOM   337  C  CD2 . LEU A 1 50  ? -3.942  -7.442  -1.523  1.00 16.15 ? 217 LEU A CD2 1 
ATOM   338  N  N   . GLY A 1 51  ? -5.680  -11.152 1.851   1.00 28.67 ? 218 GLY A N   1 
ATOM   339  C  CA  . GLY A 1 51  ? -5.831  -12.204 2.844   1.00 31.96 ? 218 GLY A CA  1 
ATOM   340  C  C   . GLY A 1 51  ? -4.490  -12.807 3.208   1.00 32.17 ? 218 GLY A C   1 
ATOM   341  O  O   . GLY A 1 51  ? -4.159  -12.956 4.384   1.00 34.82 ? 218 GLY A O   1 
ATOM   342  N  N   . GLU A 1 52  ? -3.722  -13.155 2.181   1.00 31.20 ? 219 GLU A N   1 
ATOM   343  C  CA  . GLU A 1 52  ? -2.330  -13.553 2.339   1.00 34.82 ? 219 GLU A CA  1 
ATOM   344  C  C   . GLU A 1 52  ? -1.559  -12.987 1.154   1.00 36.44 ? 219 GLU A C   1 
ATOM   345  O  O   . GLU A 1 52  ? -2.033  -13.042 0.021   1.00 33.45 ? 219 GLU A O   1 
ATOM   346  C  CB  . GLU A 1 52  ? -2.190  -15.078 2.376   1.00 45.18 ? 219 GLU A CB  1 
ATOM   347  C  CG  . GLU A 1 52  ? -2.920  -15.769 3.524   1.00 56.93 ? 219 GLU A CG  1 
ATOM   348  C  CD  . GLU A 1 52  ? -2.350  -15.417 4.887   1.00 56.11 ? 219 GLU A CD  1 
ATOM   349  O  OE1 . GLU A 1 52  ? -1.115  -15.271 4.999   1.00 49.01 ? 219 GLU A OE1 1 
ATOM   350  O  OE2 . GLU A 1 52  ? -3.138  -15.283 5.849   1.00 51.63 ? 219 GLU A OE2 1 
ATOM   351  N  N   . VAL A 1 53  ? -0.378  -12.434 1.411   1.00 30.32 ? 220 VAL A N   1 
ATOM   352  C  CA  . VAL A 1 53  ? 0.443   -11.886 0.339   1.00 28.43 ? 220 VAL A CA  1 
ATOM   353  C  C   . VAL A 1 53  ? 1.077   -13.019 -0.464  1.00 39.40 ? 220 VAL A C   1 
ATOM   354  O  O   . VAL A 1 53  ? 1.630   -13.959 0.107   1.00 44.95 ? 220 VAL A O   1 
ATOM   355  C  CB  . VAL A 1 53  ? 1.542   -10.957 0.888   1.00 37.26 ? 220 VAL A CB  1 
ATOM   356  C  CG1 . VAL A 1 53  ? 2.343   -10.341 -0.253  1.00 32.61 ? 220 VAL A CG1 1 
ATOM   357  C  CG2 . VAL A 1 53  ? 0.934   -9.871  1.765   1.00 38.96 ? 220 VAL A CG2 1 
ATOM   358  N  N   . LYS A 1 54  ? 0.992   -12.934 -1.789  1.00 31.58 ? 221 LYS A N   1 
ATOM   359  C  CA  . LYS A 1 54  ? 1.540   -13.977 -2.647  1.00 27.91 ? 221 LYS A CA  1 
ATOM   360  C  C   . LYS A 1 54  ? 2.449   -13.415 -3.738  1.00 35.68 ? 221 LYS A C   1 
ATOM   361  O  O   . LYS A 1 54  ? 2.543   -12.200 -3.922  1.00 30.08 ? 221 LYS A O   1 
ATOM   362  C  CB  . LYS A 1 54  ? 0.421   -14.823 -3.260  1.00 31.77 ? 221 LYS A CB  1 
ATOM   363  C  CG  . LYS A 1 54  ? -0.533  -14.053 -4.165  1.00 32.29 ? 221 LYS A CG  1 
ATOM   364  C  CD  . LYS A 1 54  ? -1.570  -14.991 -4.770  1.00 37.10 ? 221 LYS A CD  1 
ATOM   365  C  CE  . LYS A 1 54  ? -2.516  -14.260 -5.711  1.00 33.48 ? 221 LYS A CE  1 
ATOM   366  N  NZ  . LYS A 1 54  ? -3.329  -13.243 -4.999  1.00 29.03 ? 221 LYS A NZ  1 
ATOM   367  N  N   . SER A 1 55  ? 3.117   -14.313 -4.454  1.00 31.61 ? 222 SER A N   1 
ATOM   368  C  CA  . SER A 1 55  ? 4.080   -13.923 -5.475  1.00 34.20 ? 222 SER A CA  1 
ATOM   369  C  C   . SER A 1 55  ? 3.806   -14.599 -6.813  1.00 43.81 ? 222 SER A C   1 
ATOM   370  O  O   . SER A 1 55  ? 4.162   -15.759 -7.025  1.00 48.78 ? 222 SER A O   1 
ATOM   371  C  CB  . SER A 1 55  ? 5.499   -14.252 -5.024  1.00 42.06 ? 222 SER A CB  1 
ATOM   372  O  OG  . SER A 1 55  ? 6.441   -13.857 -6.004  1.00 53.16 ? 222 SER A OG  1 
ATOM   373  N  N   . CYS A 1 56  ? 3.166   -13.860 -7.709  1.00 31.96 ? 223 CYS A N   1 
ATOM   374  C  CA  . CYS A 1 56  ? 2.935   -14.312 -9.073  1.00 29.99 ? 223 CYS A CA  1 
ATOM   375  C  C   . CYS A 1 56  ? 2.599   -13.094 -9.916  1.00 33.24 ? 223 CYS A C   1 
ATOM   376  O  O   . CYS A 1 56  ? 2.548   -11.977 -9.404  1.00 31.36 ? 223 CYS A O   1 
ATOM   377  C  CB  . CYS A 1 56  ? 1.810   -15.345 -9.132  1.00 27.22 ? 223 CYS A CB  1 
ATOM   378  S  SG  . CYS A 1 56  ? 0.303   -14.874 -8.258  1.00 31.91 ? 223 CYS A SG  1 
ATOM   379  N  N   . THR A 1 57  ? 2.382   -13.298 -11.208 1.00 27.57 ? 224 THR A N   1 
ATOM   380  C  CA  . THR A 1 57  ? 2.056   -12.181 -12.078 1.00 31.00 ? 224 THR A CA  1 
ATOM   381  C  C   . THR A 1 57  ? 0.559   -12.131 -12.333 1.00 23.85 ? 224 THR A C   1 
ATOM   382  O  O   . THR A 1 57  ? -0.039  -13.114 -12.769 1.00 26.73 ? 224 THR A O   1 
ATOM   383  C  CB  . THR A 1 57  ? 2.808   -12.263 -13.418 1.00 30.51 ? 224 THR A CB  1 
ATOM   384  O  OG1 . THR A 1 57  ? 4.207   -12.451 -13.169 1.00 42.88 ? 224 THR A OG1 1 
ATOM   385  C  CG2 . THR A 1 57  ? 2.608   -10.986 -14.214 1.00 38.24 ? 224 THR A CG2 1 
ATOM   386  N  N   . TRP A 1 58  ? -0.048  -10.987 -12.035 1.00 24.52 ? 225 TRP A N   1 
ATOM   387  C  CA  . TRP A 1 58  ? -1.454  -10.777 -12.339 1.00 20.09 ? 225 TRP A CA  1 
ATOM   388  C  C   . TRP A 1 58  ? -1.606  -10.787 -13.856 1.00 20.08 ? 225 TRP A C   1 
ATOM   389  O  O   . TRP A 1 58  ? -0.961  -9.997  -14.549 1.00 20.22 ? 225 TRP A O   1 
ATOM   390  C  CB  . TRP A 1 58  ? -1.944  -9.447  -11.761 1.00 17.50 ? 225 TRP A CB  1 
ATOM   391  C  CG  . TRP A 1 58  ? -3.443  -9.357  -11.685 1.00 21.45 ? 225 TRP A CG  1 
ATOM   392  C  CD1 . TRP A 1 58  ? -4.296  -8.967  -12.679 1.00 16.87 ? 225 TRP A CD1 1 
ATOM   393  C  CD2 . TRP A 1 58  ? -4.263  -9.680  -10.556 1.00 17.04 ? 225 TRP A CD2 1 
ATOM   394  N  NE1 . TRP A 1 58  ? -5.598  -9.026  -12.236 1.00 17.15 ? 225 TRP A NE1 1 
ATOM   395  C  CE2 . TRP A 1 58  ? -5.604  -9.459  -10.935 1.00 16.72 ? 225 TRP A CE2 1 
ATOM   396  C  CE3 . TRP A 1 58  ? -3.995  -10.131 -9.258  1.00 15.60 ? 225 TRP A CE3 1 
ATOM   397  C  CZ2 . TRP A 1 58  ? -6.670  -9.674  -10.065 1.00 23.70 ? 225 TRP A CZ2 1 
ATOM   398  C  CZ3 . TRP A 1 58  ? -5.057  -10.344 -8.396  1.00 22.33 ? 225 TRP A CZ3 1 
ATOM   399  C  CH2 . TRP A 1 58  ? -6.378  -10.115 -8.804  1.00 17.33 ? 225 TRP A CH2 1 
ATOM   400  N  N   . PRO A 1 59  ? -2.438  -11.699 -14.379 1.00 20.55 ? 226 PRO A N   1 
ATOM   401  C  CA  . PRO A 1 59  ? -2.610  -11.856 -15.828 1.00 21.09 ? 226 PRO A CA  1 
ATOM   402  C  C   . PRO A 1 59  ? -3.179  -10.601 -16.481 1.00 24.81 ? 226 PRO A C   1 
ATOM   403  O  O   . PRO A 1 59  ? -4.098  -9.983  -15.936 1.00 23.63 ? 226 PRO A O   1 
ATOM   404  C  CB  . PRO A 1 59  ? -3.602  -13.019 -15.942 1.00 21.10 ? 226 PRO A CB  1 
ATOM   405  C  CG  . PRO A 1 59  ? -4.280  -13.082 -14.627 1.00 21.35 ? 226 PRO A CG  1 
ATOM   406  C  CD  . PRO A 1 59  ? -3.274  -12.644 -13.619 1.00 22.13 ? 226 PRO A CD  1 
ATOM   407  N  N   . GLU A 1 60  ? -2.633  -10.230 -17.634 1.00 16.34 ? 227 GLU A N   1 
ATOM   408  C  CA  . GLU A 1 60  ? -3.087  -9.042  -18.347 1.00 21.06 ? 227 GLU A CA  1 
ATOM   409  C  C   . GLU A 1 60  ? -4.531  -9.183  -18.831 1.00 17.08 ? 227 GLU A C   1 
ATOM   410  O  O   . GLU A 1 60  ? -5.238  -8.187  -18.989 1.00 17.67 ? 227 GLU A O   1 
ATOM   411  C  CB  . GLU A 1 60  ? -2.157  -8.730  -19.520 1.00 23.49 ? 227 GLU A CB  1 
ATOM   412  C  CG  . GLU A 1 60  ? -0.822  -8.112  -19.122 1.00 28.58 ? 227 GLU A CG  1 
ATOM   413  C  CD  . GLU A 1 60  ? -0.941  -6.647  -18.728 1.00 36.24 ? 227 GLU A CD  1 
ATOM   414  O  OE1 . GLU A 1 60  ? -2.058  -6.088  -18.794 1.00 30.10 ? 227 GLU A OE1 1 
ATOM   415  O  OE2 . GLU A 1 60  ? 0.091   -6.049  -18.356 1.00 40.08 ? 227 GLU A OE2 1 
ATOM   416  N  N   . THR A 1 61  ? -4.957  -10.422 -19.057 1.00 16.94 ? 228 THR A N   1 
ATOM   417  C  CA  . THR A 1 61  ? -6.322  -10.712 -19.489 1.00 15.22 ? 228 THR A CA  1 
ATOM   418  C  C   . THR A 1 61  ? -7.358  -10.193 -18.495 1.00 16.63 ? 228 THR A C   1 
ATOM   419  O  O   . THR A 1 61  ? -8.499  -9.913  -18.865 1.00 15.18 ? 228 THR A O   1 
ATOM   420  C  CB  . THR A 1 61  ? -6.545  -12.224 -19.660 1.00 21.36 ? 228 THR A CB  1 
ATOM   421  O  OG1 . THR A 1 61  ? -6.200  -12.897 -18.440 1.00 19.83 ? 228 THR A OG1 1 
ATOM   422  C  CG2 . THR A 1 61  ? -5.693  -12.775 -20.801 1.00 16.50 ? 228 THR A CG2 1 
ATOM   423  N  N   . HIS A 1 62  ? -6.948  -10.079 -17.235 1.00 15.65 ? 229 HIS A N   1 
ATOM   424  C  CA  . HIS A 1 62  ? -7.830  -9.651  -16.156 1.00 19.64 ? 229 HIS A CA  1 
ATOM   425  C  C   . HIS A 1 62  ? -7.364  -8.321  -15.571 1.00 18.23 ? 229 HIS A C   1 
ATOM   426  O  O   . HIS A 1 62  ? -7.643  -8.010  -14.413 1.00 16.69 ? 229 HIS A O   1 
ATOM   427  C  CB  . HIS A 1 62  ? -7.880  -10.713 -15.051 1.00 15.99 ? 229 HIS A CB  1 
ATOM   428  C  CG  . HIS A 1 62  ? -8.476  -12.018 -15.487 1.00 17.38 ? 229 HIS A CG  1 
ATOM   429  N  ND1 . HIS A 1 62  ? -7.946  -12.775 -16.508 1.00 15.86 ? 229 HIS A ND1 1 
ATOM   430  C  CD2 . HIS A 1 62  ? -9.553  -12.700 -15.032 1.00 19.88 ? 229 HIS A CD2 1 
ATOM   431  C  CE1 . HIS A 1 62  ? -8.675  -13.867 -16.668 1.00 18.54 ? 229 HIS A CE1 1 
ATOM   432  N  NE2 . HIS A 1 62  ? -9.655  -13.846 -15.786 1.00 18.80 ? 229 HIS A NE2 1 
ATOM   433  N  N   . THR A 1 63  ? -6.651  -7.542  -16.377 1.00 16.10 ? 230 THR A N   1 
ATOM   434  C  CA  . THR A 1 63  ? -6.110  -6.266  -15.930 1.00 14.36 ? 230 THR A CA  1 
ATOM   435  C  C   . THR A 1 63  ? -6.757  -5.115  -16.682 1.00 15.72 ? 230 THR A C   1 
ATOM   436  O  O   . THR A 1 63  ? -6.770  -5.103  -17.913 1.00 16.13 ? 230 THR A O   1 
ATOM   437  C  CB  . THR A 1 63  ? -4.582  -6.199  -16.148 1.00 12.61 ? 230 THR A CB  1 
ATOM   438  O  OG1 . THR A 1 63  ? -3.957  -7.324  -15.521 1.00 16.18 ? 230 THR A OG1 1 
ATOM   439  C  CG2 . THR A 1 63  ? -4.011  -4.919  -15.562 1.00 15.23 ? 230 THR A CG2 1 
ATOM   440  N  N   . LEU A 1 64  ? -7.299  -4.157  -15.936 1.00 10.62 ? 231 LEU A N   1 
ATOM   441  C  CA  . LEU A 1 64  ? -7.862  -2.939  -16.510 1.00 13.09 ? 231 LEU A CA  1 
ATOM   442  C  C   . LEU A 1 64  ? -6.776  -1.884  -16.653 1.00 15.86 ? 231 LEU A C   1 
ATOM   443  O  O   . LEU A 1 64  ? -5.852  -1.839  -15.843 1.00 18.16 ? 231 LEU A O   1 
ATOM   444  C  CB  . LEU A 1 64  ? -8.968  -2.383  -15.608 1.00 10.41 ? 231 LEU A CB  1 
ATOM   445  C  CG  . LEU A 1 64  ? -10.266 -3.179  -15.447 1.00 11.94 ? 231 LEU A CG  1 
ATOM   446  C  CD1 . LEU A 1 64  ? -11.008 -2.726  -14.197 1.00 10.24 ? 231 LEU A CD1 1 
ATOM   447  C  CD2 . LEU A 1 64  ? -11.148 -3.028  -16.677 1.00 10.95 ? 231 LEU A CD2 1 
ATOM   448  N  N   . TRP A 1 65  ? -6.883  -1.052  -17.685 1.00 16.55 ? 232 TRP A N   1 
ATOM   449  C  CA  . TRP A 1 65  ? -6.055  0.149   -17.800 1.00 15.33 ? 232 TRP A CA  1 
ATOM   450  C  C   . TRP A 1 65  ? -4.554  -0.168  -17.732 1.00 14.88 ? 232 TRP A C   1 
ATOM   451  O  O   . TRP A 1 65  ? -3.813  0.447   -16.962 1.00 14.44 ? 232 TRP A O   1 
ATOM   452  C  CB  . TRP A 1 65  ? -6.456  1.130   -16.691 1.00 13.43 ? 232 TRP A CB  1 
ATOM   453  C  CG  . TRP A 1 65  ? -6.103  2.564   -16.932 1.00 16.43 ? 232 TRP A CG  1 
ATOM   454  C  CD1 . TRP A 1 65  ? -5.573  3.106   -18.067 1.00 19.51 ? 232 TRP A CD1 1 
ATOM   455  C  CD2 . TRP A 1 65  ? -6.256  3.644   -16.005 1.00 19.07 ? 232 TRP A CD2 1 
ATOM   456  N  NE1 . TRP A 1 65  ? -5.388  4.458   -17.902 1.00 18.84 ? 232 TRP A NE1 1 
ATOM   457  C  CE2 . TRP A 1 65  ? -5.798  4.812   -16.642 1.00 16.94 ? 232 TRP A CE2 1 
ATOM   458  C  CE3 . TRP A 1 65  ? -6.734  3.734   -14.692 1.00 14.67 ? 232 TRP A CE3 1 
ATOM   459  C  CZ2 . TRP A 1 65  ? -5.805  6.057   -16.014 1.00 14.44 ? 232 TRP A CZ2 1 
ATOM   460  C  CZ3 . TRP A 1 65  ? -6.738  4.971   -14.069 1.00 16.91 ? 232 TRP A CZ3 1 
ATOM   461  C  CH2 . TRP A 1 65  ? -6.278  6.115   -14.731 1.00 14.93 ? 232 TRP A CH2 1 
ATOM   462  N  N   . GLY A 1 66  ? -4.114  -1.124  -18.544 1.00 15.83 ? 233 GLY A N   1 
ATOM   463  C  CA  . GLY A 1 66  ? -2.745  -1.608  -18.483 1.00 16.42 ? 233 GLY A CA  1 
ATOM   464  C  C   . GLY A 1 66  ? -1.829  -1.108  -19.585 1.00 21.87 ? 233 GLY A C   1 
ATOM   465  O  O   . GLY A 1 66  ? -0.802  -1.724  -19.875 1.00 22.00 ? 233 GLY A O   1 
ATOM   466  N  N   . ASP A 1 67  ? -2.196  0.010   -20.199 1.00 22.91 ? 234 ASP A N   1 
ATOM   467  C  CA  . ASP A 1 67  ? -1.380  0.606   -21.250 1.00 30.55 ? 234 ASP A CA  1 
ATOM   468  C  C   . ASP A 1 67  ? -0.322  1.541   -20.663 1.00 33.15 ? 234 ASP A C   1 
ATOM   469  O  O   . ASP A 1 67  ? -0.637  2.435   -19.873 1.00 31.01 ? 234 ASP A O   1 
ATOM   470  C  CB  . ASP A 1 67  ? -2.261  1.361   -22.249 1.00 21.47 ? 234 ASP A CB  1 
ATOM   471  C  CG  . ASP A 1 67  ? -3.051  2.483   -21.599 1.00 39.61 ? 234 ASP A CG  1 
ATOM   472  O  OD1 . ASP A 1 67  ? -4.032  2.184   -20.885 1.00 33.06 ? 234 ASP A OD1 1 
ATOM   473  O  OD2 . ASP A 1 67  ? -2.690  3.662   -21.800 1.00 44.43 ? 234 ASP A OD2 1 
ATOM   474  N  N   . GLY A 1 68  ? 0.930   1.310   -21.048 1.00 35.79 ? 235 GLY A N   1 
ATOM   475  C  CA  . GLY A 1 68  ? 2.040   2.156   -20.648 1.00 41.04 ? 235 GLY A CA  1 
ATOM   476  C  C   . GLY A 1 68  ? 2.144   2.399   -19.154 1.00 38.08 ? 235 GLY A C   1 
ATOM   477  O  O   . GLY A 1 68  ? 1.985   3.530   -18.692 1.00 38.36 ? 235 GLY A O   1 
ATOM   478  N  N   . ILE A 1 69  ? 2.414   1.343   -18.394 1.00 36.49 ? 236 ILE A N   1 
ATOM   479  C  CA  . ILE A 1 69  ? 2.496   1.473   -16.945 1.00 35.74 ? 236 ILE A CA  1 
ATOM   480  C  C   . ILE A 1 69  ? 3.930   1.631   -16.442 1.00 31.48 ? 236 ILE A C   1 
ATOM   481  O  O   . ILE A 1 69  ? 4.870   1.049   -16.987 1.00 26.82 ? 236 ILE A O   1 
ATOM   482  C  CB  . ILE A 1 69  ? 1.793   0.304   -16.209 1.00 34.06 ? 236 ILE A CB  1 
ATOM   483  C  CG1 . ILE A 1 69  ? 2.556   -1.006  -16.401 1.00 34.68 ? 236 ILE A CG1 1 
ATOM   484  C  CG2 . ILE A 1 69  ? 0.352   0.164   -16.675 1.00 24.63 ? 236 ILE A CG2 1 
ATOM   485  C  CD1 . ILE A 1 69  ? 3.303   -1.457  -15.167 1.00 29.58 ? 236 ILE A CD1 1 
ATOM   486  N  N   . LEU A 1 70  ? 4.081   2.439   -15.401 1.00 19.43 ? 237 LEU A N   1 
ATOM   487  C  CA  . LEU A 1 70  ? 5.359   2.606   -14.730 1.00 35.72 ? 237 LEU A CA  1 
ATOM   488  C  C   . LEU A 1 70  ? 5.369   1.641   -13.555 1.00 27.20 ? 237 LEU A C   1 
ATOM   489  O  O   . LEU A 1 70  ? 4.593   1.805   -12.616 1.00 28.53 ? 237 LEU A O   1 
ATOM   490  C  CB  . LEU A 1 70  ? 5.496   4.044   -14.225 1.00 29.85 ? 237 LEU A CB  1 
ATOM   491  C  CG  . LEU A 1 70  ? 6.887   4.679   -14.209 1.00 39.54 ? 237 LEU A CG  1 
ATOM   492  C  CD1 . LEU A 1 70  ? 7.352   4.970   -15.624 1.00 32.15 ? 237 LEU A CD1 1 
ATOM   493  C  CD2 . LEU A 1 70  ? 6.882   5.949   -13.373 1.00 29.62 ? 237 LEU A CD2 1 
ATOM   494  N  N   . GLU A 1 71  ? 6.231   0.629   -13.611 1.00 26.11 ? 238 GLU A N   1 
ATOM   495  C  CA  . GLU A 1 71  ? 6.268   -0.397  -12.569 1.00 30.58 ? 238 GLU A CA  1 
ATOM   496  C  C   . GLU A 1 71  ? 6.580   0.165   -11.182 1.00 28.51 ? 238 GLU A C   1 
ATOM   497  O  O   . GLU A 1 71  ? 6.134   -0.377  -10.170 1.00 33.66 ? 238 GLU A O   1 
ATOM   498  C  CB  . GLU A 1 71  ? 7.263   -1.505  -12.924 1.00 30.63 ? 238 GLU A CB  1 
ATOM   499  C  CG  . GLU A 1 71  ? 6.789   -2.445  -14.013 1.00 35.18 ? 238 GLU A CG  1 
ATOM   500  C  CD  . GLU A 1 71  ? 7.746   -3.595  -14.234 1.00 46.09 ? 238 GLU A CD  1 
ATOM   501  O  OE1 . GLU A 1 71  ? 8.807   -3.617  -13.576 1.00 48.09 ? 238 GLU A OE1 1 
ATOM   502  O  OE2 . GLU A 1 71  ? 7.440   -4.478  -15.062 1.00 51.28 ? 238 GLU A OE2 1 
ATOM   503  N  N   . SER A 1 72  ? 7.338   1.257   -11.141 1.00 28.01 ? 239 SER A N   1 
ATOM   504  C  CA  . SER A 1 72  ? 7.694   1.888   -9.875  1.00 24.34 ? 239 SER A CA  1 
ATOM   505  C  C   . SER A 1 72  ? 6.521   2.668   -9.283  1.00 25.90 ? 239 SER A C   1 
ATOM   506  O  O   . SER A 1 72  ? 6.577   3.104   -8.134  1.00 28.16 ? 239 SER A O   1 
ATOM   507  C  CB  . SER A 1 72  ? 8.908   2.805   -10.048 1.00 26.16 ? 239 SER A CB  1 
ATOM   508  O  OG  . SER A 1 72  ? 8.645   3.825   -10.992 1.00 33.54 ? 239 SER A OG  1 
ATOM   509  N  N   . ASP A 1 73  ? 5.465   2.839   -10.074 1.00 23.56 ? 240 ASP A N   1 
ATOM   510  C  CA  . ASP A 1 73  ? 4.257   3.527   -9.621  1.00 25.59 ? 240 ASP A CA  1 
ATOM   511  C  C   . ASP A 1 73  ? 3.199   2.554   -9.100  1.00 25.53 ? 240 ASP A C   1 
ATOM   512  O  O   . ASP A 1 73  ? 2.180   2.970   -8.547  1.00 22.87 ? 240 ASP A O   1 
ATOM   513  C  CB  . ASP A 1 73  ? 3.660   4.371   -10.753 1.00 21.92 ? 240 ASP A CB  1 
ATOM   514  C  CG  . ASP A 1 73  ? 4.247   5.768   -10.818 1.00 34.10 ? 240 ASP A CG  1 
ATOM   515  O  OD1 . ASP A 1 73  ? 5.331   5.992   -10.238 1.00 34.72 ? 240 ASP A OD1 1 
ATOM   516  O  OD2 . ASP A 1 73  ? 3.621   6.642   -11.452 1.00 31.16 ? 240 ASP A OD2 1 
HETATM 517  N  N   . MSE A 1 74  ? 3.444   1.261   -9.282  1.00 20.98 ? 241 MSE A N   1 
HETATM 518  C  CA  . MSE A 1 74  ? 2.492   0.241   -8.869  1.00 16.90 ? 241 MSE A CA  1 
HETATM 519  C  C   . MSE A 1 74  ? 2.510   0.092   -7.358  1.00 21.07 ? 241 MSE A C   1 
HETATM 520  O  O   . MSE A 1 74  ? 3.431   -0.510  -6.813  1.00 24.36 ? 241 MSE A O   1 
HETATM 521  C  CB  . MSE A 1 74  ? 2.828   -1.101  -9.526  1.00 20.18 ? 241 MSE A CB  1 
HETATM 522  C  CG  . MSE A 1 74  ? 2.790   -1.086  -11.053 1.00 21.52 ? 241 MSE A CG  1 
HETATM 523  SE SE  . MSE A 1 74  ? 1.012   -0.705  -11.775 1.00 29.76 ? 241 MSE A SE  1 
HETATM 524  C  CE  . MSE A 1 74  ? 1.216   1.203   -12.129 1.00 18.84 ? 241 MSE A CE  1 
ATOM   525  N  N   . ILE A 1 75  ? 1.489   0.632   -6.689  1.00 18.19 ? 242 ILE A N   1 
ATOM   526  C  CA  . ILE A 1 75  ? 1.407   0.600   -5.228  1.00 18.29 ? 242 ILE A CA  1 
ATOM   527  C  C   . ILE A 1 75  ? 1.646   -0.800  -4.678  1.00 16.26 ? 242 ILE A C   1 
ATOM   528  O  O   . ILE A 1 75  ? 2.550   -1.012  -3.869  1.00 21.39 ? 242 ILE A O   1 
ATOM   529  C  CB  . ILE A 1 75  ? 0.051   1.122   -4.711  1.00 21.86 ? 242 ILE A CB  1 
ATOM   530  C  CG1 . ILE A 1 75  ? -0.125  2.596   -5.080  1.00 15.73 ? 242 ILE A CG1 1 
ATOM   531  C  CG2 . ILE A 1 75  ? -0.049  0.936   -3.200  1.00 16.63 ? 242 ILE A CG2 1 
ATOM   532  C  CD1 . ILE A 1 75  ? 0.976   3.483   -4.561  1.00 20.33 ? 242 ILE A CD1 1 
ATOM   533  N  N   . ILE A 1 76  ? 0.836   -1.755  -5.119  1.00 14.12 ? 243 ILE A N   1 
ATOM   534  C  CA  . ILE A 1 76  ? 1.097   -3.149  -4.811  1.00 16.21 ? 243 ILE A CA  1 
ATOM   535  C  C   . ILE A 1 76  ? 2.074   -3.658  -5.860  1.00 23.78 ? 243 ILE A C   1 
ATOM   536  O  O   . ILE A 1 76  ? 1.741   -3.698  -7.046  1.00 17.27 ? 243 ILE A O   1 
ATOM   537  C  CB  . ILE A 1 76  ? -0.185  -3.992  -4.849  1.00 17.36 ? 243 ILE A CB  1 
ATOM   538  C  CG1 . ILE A 1 76  ? -1.232  -3.409  -3.897  1.00 16.62 ? 243 ILE A CG1 1 
ATOM   539  C  CG2 . ILE A 1 76  ? 0.120   -5.441  -4.495  1.00 15.63 ? 243 ILE A CG2 1 
ATOM   540  C  CD1 . ILE A 1 76  ? -2.576  -4.098  -3.980  1.00 20.78 ? 243 ILE A CD1 1 
ATOM   541  N  N   . PRO A 1 77  ? 3.292   -4.027  -5.429  1.00 22.95 ? 244 PRO A N   1 
ATOM   542  C  CA  . PRO A 1 77  ? 4.355   -4.459  -6.343  1.00 17.55 ? 244 PRO A CA  1 
ATOM   543  C  C   . PRO A 1 77  ? 3.884   -5.538  -7.311  1.00 14.79 ? 244 PRO A C   1 
ATOM   544  O  O   . PRO A 1 77  ? 3.146   -6.440  -6.918  1.00 18.52 ? 244 PRO A O   1 
ATOM   545  C  CB  . PRO A 1 77  ? 5.413   -5.021  -5.394  1.00 26.50 ? 244 PRO A CB  1 
ATOM   546  C  CG  . PRO A 1 77  ? 5.231   -4.238  -4.143  1.00 25.19 ? 244 PRO A CG  1 
ATOM   547  C  CD  . PRO A 1 77  ? 3.742   -4.025  -4.026  1.00 20.93 ? 244 PRO A CD  1 
ATOM   548  N  N   . VAL A 1 78  ? 4.303   -5.435  -8.568  1.00 22.84 ? 245 VAL A N   1 
ATOM   549  C  CA  . VAL A 1 78  ? 3.909   -6.403  -9.584  1.00 20.12 ? 245 VAL A CA  1 
ATOM   550  C  C   . VAL A 1 78  ? 4.462   -7.791  -9.265  1.00 19.58 ? 245 VAL A C   1 
ATOM   551  O  O   . VAL A 1 78  ? 3.899   -8.804  -9.674  1.00 25.35 ? 245 VAL A O   1 
ATOM   552  C  CB  . VAL A 1 78  ? 4.347   -5.958  -10.997 1.00 28.58 ? 245 VAL A CB  1 
ATOM   553  C  CG1 . VAL A 1 78  ? 3.598   -4.700  -11.412 1.00 22.90 ? 245 VAL A CG1 1 
ATOM   554  C  CG2 . VAL A 1 78  ? 5.847   -5.725  -11.045 1.00 34.36 ? 245 VAL A CG2 1 
ATOM   555  N  N   . THR A 1 79  ? 5.565   -7.830  -8.524  1.00 29.41 ? 246 THR A N   1 
ATOM   556  C  CA  . THR A 1 79  ? 6.140   -9.092  -8.076  1.00 31.28 ? 246 THR A CA  1 
ATOM   557  C  C   . THR A 1 79  ? 5.279   -9.734  -6.990  1.00 36.63 ? 246 THR A C   1 
ATOM   558  O  O   . THR A 1 79  ? 5.364   -10.937 -6.746  1.00 41.09 ? 246 THR A O   1 
ATOM   559  C  CB  . THR A 1 79  ? 7.576   -8.905  -7.550  1.00 36.58 ? 246 THR A CB  1 
ATOM   560  O  OG1 . THR A 1 79  ? 7.622   -7.779  -6.665  1.00 38.69 ? 246 THR A OG1 1 
ATOM   561  C  CG2 . THR A 1 79  ? 8.538   -8.666  -8.704  1.00 40.02 ? 246 THR A CG2 1 
ATOM   562  N  N   . LEU A 1 80  ? 4.449   -8.920  -6.344  1.00 27.85 ? 247 LEU A N   1 
ATOM   563  C  CA  . LEU A 1 80  ? 3.541   -9.408  -5.310  1.00 30.84 ? 247 LEU A CA  1 
ATOM   564  C  C   . LEU A 1 80  ? 2.110   -9.510  -5.831  1.00 25.55 ? 247 LEU A C   1 
ATOM   565  O  O   . LEU A 1 80  ? 1.158   -9.219  -5.107  1.00 27.36 ? 247 LEU A O   1 
ATOM   566  C  CB  . LEU A 1 80  ? 3.588   -8.493  -4.084  1.00 26.50 ? 247 LEU A CB  1 
ATOM   567  C  CG  . LEU A 1 80  ? 4.933   -8.417  -3.361  1.00 32.51 ? 247 LEU A CG  1 
ATOM   568  C  CD1 . LEU A 1 80  ? 4.875   -7.420  -2.214  1.00 27.28 ? 247 LEU A CD1 1 
ATOM   569  C  CD2 . LEU A 1 80  ? 5.340   -9.793  -2.857  1.00 32.87 ? 247 LEU A CD2 1 
ATOM   570  N  N   . ALA A 1 81  ? 1.977   -9.925  -7.089  1.00 22.46 ? 248 ALA A N   1 
ATOM   571  C  CA  . ALA A 1 81  ? 0.680   -10.070 -7.754  1.00 20.36 ? 248 ALA A CA  1 
ATOM   572  C  C   . ALA A 1 81  ? -0.106  -8.763  -7.844  1.00 21.59 ? 248 ALA A C   1 
ATOM   573  O  O   . ALA A 1 81  ? -1.333  -8.770  -7.945  1.00 22.09 ? 248 ALA A O   1 
ATOM   574  C  CB  . ALA A 1 81  ? -0.153  -11.163 -7.097  1.00 15.98 ? 248 ALA A CB  1 
ATOM   575  N  N   . GLY A 1 82  ? 0.607   -7.644  -7.804  1.00 21.16 ? 249 GLY A N   1 
ATOM   576  C  CA  . GLY A 1 82  ? -0.010  -6.351  -8.021  1.00 20.42 ? 249 GLY A CA  1 
ATOM   577  C  C   . GLY A 1 82  ? -0.367  -6.212  -9.487  1.00 22.20 ? 249 GLY A C   1 
ATOM   578  O  O   . GLY A 1 82  ? 0.490   -6.403  -10.352 1.00 22.22 ? 249 GLY A O   1 
ATOM   579  N  N   . PRO A 1 83  ? -1.638  -5.899  -9.781  1.00 19.78 ? 250 PRO A N   1 
ATOM   580  C  CA  . PRO A 1 83  ? -2.060  -5.741  -11.177 1.00 17.15 ? 250 PRO A CA  1 
ATOM   581  C  C   . PRO A 1 83  ? -1.246  -4.664  -11.883 1.00 17.24 ? 250 PRO A C   1 
ATOM   582  O  O   . PRO A 1 83  ? -1.094  -3.561  -11.354 1.00 16.83 ? 250 PRO A O   1 
ATOM   583  C  CB  . PRO A 1 83  ? -3.521  -5.299  -11.052 1.00 17.67 ? 250 PRO A CB  1 
ATOM   584  C  CG  . PRO A 1 83  ? -3.968  -5.841  -9.738  1.00 14.04 ? 250 PRO A CG  1 
ATOM   585  C  CD  . PRO A 1 83  ? -2.762  -5.750  -8.841  1.00 16.59 ? 250 PRO A CD  1 
ATOM   586  N  N   . ARG A 1 84  ? -0.712  -4.983  -13.058 1.00 17.40 ? 251 ARG A N   1 
ATOM   587  C  CA  . ARG A 1 84  ? -0.020  -3.991  -13.865 1.00 14.37 ? 251 ARG A CA  1 
ATOM   588  C  C   . ARG A 1 84  ? -1.045  -3.027  -14.446 1.00 19.83 ? 251 ARG A C   1 
ATOM   589  O  O   . ARG A 1 84  ? -1.255  -2.981  -15.659 1.00 18.86 ? 251 ARG A O   1 
ATOM   590  C  CB  . ARG A 1 84  ? 0.767   -4.661  -14.991 1.00 22.70 ? 251 ARG A CB  1 
ATOM   591  C  CG  . ARG A 1 84  ? 1.864   -5.593  -14.514 1.00 24.22 ? 251 ARG A CG  1 
ATOM   592  C  CD  . ARG A 1 84  ? 2.648   -6.148  -15.691 1.00 34.89 ? 251 ARG A CD  1 
ATOM   593  N  NE  . ARG A 1 84  ? 3.200   -5.085  -16.529 1.00 27.69 ? 251 ARG A NE  1 
ATOM   594  C  CZ  . ARG A 1 84  ? 4.437   -4.612  -16.419 1.00 42.92 ? 251 ARG A CZ  1 
ATOM   595  N  NH1 . ARG A 1 84  ? 5.259   -5.111  -15.507 1.00 43.70 ? 251 ARG A NH1 1 
ATOM   596  N  NH2 . ARG A 1 84  ? 4.853   -3.643  -17.224 1.00 48.35 ? 251 ARG A NH2 1 
ATOM   597  N  N   . SER A 1 85  ? -1.677  -2.259  -13.563 1.00 17.69 ? 252 SER A N   1 
ATOM   598  C  CA  . SER A 1 85  ? -2.785  -1.392  -13.923 1.00 13.14 ? 252 SER A CA  1 
ATOM   599  C  C   . SER A 1 85  ? -2.548  0.009   -13.397 1.00 17.99 ? 252 SER A C   1 
ATOM   600  O  O   . SER A 1 85  ? -1.942  0.188   -12.337 1.00 15.26 ? 252 SER A O   1 
ATOM   601  C  CB  . SER A 1 85  ? -4.081  -1.937  -13.320 1.00 13.49 ? 252 SER A CB  1 
ATOM   602  O  OG  . SER A 1 85  ? -5.157  -1.032  -13.502 1.00 15.65 ? 252 SER A OG  1 
ATOM   603  N  N   . ASN A 1 86  ? -3.044  1.005   -14.121 1.00 11.16 ? 253 ASN A N   1 
ATOM   604  C  CA  . ASN A 1 86  ? -2.965  2.378   -13.641 1.00 12.53 ? 253 ASN A CA  1 
ATOM   605  C  C   . ASN A 1 86  ? -3.953  2.635   -12.501 1.00 15.03 ? 253 ASN A C   1 
ATOM   606  O  O   . ASN A 1 86  ? -3.918  3.689   -11.862 1.00 16.16 ? 253 ASN A O   1 
ATOM   607  C  CB  . ASN A 1 86  ? -3.160  3.380   -14.784 1.00 17.20 ? 253 ASN A CB  1 
ATOM   608  C  CG  . ASN A 1 86  ? -1.948  3.470   -15.694 1.00 25.46 ? 253 ASN A CG  1 
ATOM   609  O  OD1 . ASN A 1 86  ? -0.810  3.525   -15.227 1.00 22.93 ? 253 ASN A OD1 1 
ATOM   610  N  ND2 . ASN A 1 86  ? -2.188  3.478   -17.000 1.00 26.81 ? 253 ASN A ND2 1 
ATOM   611  N  N   . HIS A 1 87  ? -4.828  1.664   -12.251 1.00 13.10 ? 254 HIS A N   1 
ATOM   612  C  CA  . HIS A 1 87  ? -5.700  1.692   -11.078 1.00 11.14 ? 254 HIS A CA  1 
ATOM   613  C  C   . HIS A 1 87  ? -4.898  1.384   -9.816  1.00 13.20 ? 254 HIS A C   1 
ATOM   614  O  O   . HIS A 1 87  ? -5.304  1.745   -8.713  1.00 14.09 ? 254 HIS A O   1 
ATOM   615  C  CB  . HIS A 1 87  ? -6.837  0.672   -11.210 1.00 13.66 ? 254 HIS A CB  1 
ATOM   616  C  CG  . HIS A 1 87  ? -7.858  1.025   -12.244 1.00 11.22 ? 254 HIS A CG  1 
ATOM   617  N  ND1 . HIS A 1 87  ? -8.714  2.099   -12.112 1.00 13.86 ? 254 HIS A ND1 1 
ATOM   618  C  CD2 . HIS A 1 87  ? -8.178  0.436   -13.421 1.00 9.96  ? 254 HIS A CD2 1 
ATOM   619  C  CE1 . HIS A 1 87  ? -9.505  2.163   -13.166 1.00 16.02 ? 254 HIS A CE1 1 
ATOM   620  N  NE2 . HIS A 1 87  ? -9.201  1.163   -13.977 1.00 14.72 ? 254 HIS A NE2 1 
ATOM   621  N  N   . ASN A 1 88  ? -3.767  0.704   -9.992  1.00 14.28 ? 255 ASN A N   1 
ATOM   622  C  CA  . ASN A 1 88  ? -2.876  0.339   -8.891  1.00 9.35  ? 255 ASN A CA  1 
ATOM   623  C  C   . ASN A 1 88  ? -1.876  1.467   -8.629  1.00 18.03 ? 255 ASN A C   1 
ATOM   624  O  O   . ASN A 1 88  ? -0.662  1.257   -8.601  1.00 14.98 ? 255 ASN A O   1 
ATOM   625  C  CB  . ASN A 1 88  ? -2.153  -0.974  -9.225  1.00 17.01 ? 255 ASN A CB  1 
ATOM   626  C  CG  . ASN A 1 88  ? -1.350  -1.527  -8.057  1.00 14.57 ? 255 ASN A CG  1 
ATOM   627  O  OD1 . ASN A 1 88  ? -1.485  -1.074  -6.921  1.00 15.20 ? 255 ASN A OD1 1 
ATOM   628  N  ND2 . ASN A 1 88  ? -0.504  -2.514  -8.339  1.00 15.93 ? 255 ASN A ND2 1 
ATOM   629  N  N   . ARG A 1 89  ? -2.406  2.673   -8.455  1.00 14.46 ? 256 ARG A N   1 
ATOM   630  C  CA  . ARG A 1 89  ? -1.588  3.856   -8.239  1.00 13.41 ? 256 ARG A CA  1 
ATOM   631  C  C   . ARG A 1 89  ? -2.238  4.794   -7.239  1.00 14.98 ? 256 ARG A C   1 
ATOM   632  O  O   . ARG A 1 89  ? -3.456  4.800   -7.067  1.00 16.99 ? 256 ARG A O   1 
ATOM   633  C  CB  . ARG A 1 89  ? -1.394  4.623   -9.547  1.00 16.48 ? 256 ARG A CB  1 
ATOM   634  C  CG  . ARG A 1 89  ? -0.608  3.906   -10.621 1.00 20.40 ? 256 ARG A CG  1 
ATOM   635  C  CD  . ARG A 1 89  ? -0.346  4.851   -11.785 1.00 20.58 ? 256 ARG A CD  1 
ATOM   636  N  NE  . ARG A 1 89  ? -1.577  5.474   -12.265 1.00 18.73 ? 256 ARG A NE  1 
ATOM   637  C  CZ  . ARG A 1 89  ? -1.619  6.471   -13.145 1.00 24.36 ? 256 ARG A CZ  1 
ATOM   638  N  NH1 . ARG A 1 89  ? -0.495  6.967   -13.640 1.00 22.11 ? 256 ARG A NH1 1 
ATOM   639  N  NH2 . ARG A 1 89  ? -2.784  6.976   -13.526 1.00 18.66 ? 256 ARG A NH2 1 
ATOM   640  N  N   . ARG A 1 90  ? -1.410  5.598   -6.587  1.00 16.57 ? 257 ARG A N   1 
ATOM   641  C  CA  . ARG A 1 90  ? -1.889  6.721   -5.800  1.00 18.24 ? 257 ARG A CA  1 
ATOM   642  C  C   . ARG A 1 90  ? -0.863  7.836   -5.946  1.00 20.85 ? 257 ARG A C   1 
ATOM   643  O  O   . ARG A 1 90  ? 0.337   7.592   -5.828  1.00 19.71 ? 257 ARG A O   1 
ATOM   644  C  CB  . ARG A 1 90  ? -2.055  6.334   -4.331  1.00 17.88 ? 257 ARG A CB  1 
ATOM   645  C  CG  . ARG A 1 90  ? -2.696  7.411   -3.475  1.00 15.30 ? 257 ARG A CG  1 
ATOM   646  C  CD  . ARG A 1 90  ? -4.216  7.286   -3.435  1.00 17.33 ? 257 ARG A CD  1 
ATOM   647  N  NE  . ARG A 1 90  ? -4.817  8.281   -2.550  1.00 15.46 ? 257 ARG A NE  1 
ATOM   648  C  CZ  . ARG A 1 90  ? -6.088  8.272   -2.160  1.00 18.03 ? 257 ARG A CZ  1 
ATOM   649  N  NH1 . ARG A 1 90  ? -6.904  7.311   -2.568  1.00 20.43 ? 257 ARG A NH1 1 
ATOM   650  N  NH2 . ARG A 1 90  ? -6.544  9.221   -1.355  1.00 17.87 ? 257 ARG A NH2 1 
ATOM   651  N  N   . PRO A 1 91  ? -1.330  9.058   -6.241  1.00 18.52 ? 258 PRO A N   1 
ATOM   652  C  CA  . PRO A 1 91  ? -0.439  10.210  -6.422  1.00 23.51 ? 258 PRO A CA  1 
ATOM   653  C  C   . PRO A 1 91  ? 0.442   10.449  -5.201  1.00 28.21 ? 258 PRO A C   1 
ATOM   654  O  O   . PRO A 1 91  ? -0.057  10.449  -4.071  1.00 18.96 ? 258 PRO A O   1 
ATOM   655  C  CB  . PRO A 1 91  ? -1.414  11.378  -6.597  1.00 30.37 ? 258 PRO A CB  1 
ATOM   656  C  CG  . PRO A 1 91  ? -2.653  10.752  -7.141  1.00 28.91 ? 258 PRO A CG  1 
ATOM   657  C  CD  . PRO A 1 91  ? -2.742  9.405   -6.484  1.00 19.06 ? 258 PRO A CD  1 
ATOM   658  N  N   . GLY A 1 92  ? 1.738   10.639  -5.433  1.00 25.40 ? 259 GLY A N   1 
ATOM   659  C  CA  . GLY A 1 92  ? 2.673   10.924  -4.361  1.00 24.01 ? 259 GLY A CA  1 
ATOM   660  C  C   . GLY A 1 92  ? 3.231   9.678   -3.703  1.00 29.77 ? 259 GLY A C   1 
ATOM   661  O  O   . GLY A 1 92  ? 3.942   9.762   -2.701  1.00 33.35 ? 259 GLY A O   1 
ATOM   662  N  N   . TYR A 1 93  ? 2.906   8.518   -4.262  1.00 25.09 ? 260 TYR A N   1 
ATOM   663  C  CA  . TYR A 1 93  ? 3.381   7.253   -3.717  1.00 25.71 ? 260 TYR A CA  1 
ATOM   664  C  C   . TYR A 1 93  ? 3.991   6.375   -4.801  1.00 22.76 ? 260 TYR A C   1 
ATOM   665  O  O   . TYR A 1 93  ? 3.487   6.318   -5.922  1.00 27.20 ? 260 TYR A O   1 
ATOM   666  C  CB  . TYR A 1 93  ? 2.242   6.511   -3.012  1.00 26.34 ? 260 TYR A CB  1 
ATOM   667  C  CG  . TYR A 1 93  ? 1.706   7.238   -1.800  1.00 20.72 ? 260 TYR A CG  1 
ATOM   668  C  CD1 . TYR A 1 93  ? 2.265   7.039   -0.545  1.00 20.80 ? 260 TYR A CD1 1 
ATOM   669  C  CD2 . TYR A 1 93  ? 0.649   8.131   -1.912  1.00 21.73 ? 260 TYR A CD2 1 
ATOM   670  C  CE1 . TYR A 1 93  ? 1.784   7.708   0.565   1.00 13.85 ? 260 TYR A CE1 1 
ATOM   671  C  CE2 . TYR A 1 93  ? 0.160   8.801   -0.807  1.00 19.53 ? 260 TYR A CE2 1 
ATOM   672  C  CZ  . TYR A 1 93  ? 0.732   8.586   0.427   1.00 18.17 ? 260 TYR A CZ  1 
ATOM   673  O  OH  . TYR A 1 93  ? 0.252   9.251   1.530   1.00 18.94 ? 260 TYR A OH  1 
ATOM   674  N  N   . LYS A 1 94  ? 5.081   5.697   -4.458  1.00 27.90 ? 261 LYS A N   1 
ATOM   675  C  CA  . LYS A 1 94  ? 5.714   4.752   -5.367  1.00 27.07 ? 261 LYS A CA  1 
ATOM   676  C  C   . LYS A 1 94  ? 5.444   3.332   -4.899  1.00 24.39 ? 261 LYS A C   1 
ATOM   677  O  O   . LYS A 1 94  ? 4.767   3.126   -3.889  1.00 28.32 ? 261 LYS A O   1 
ATOM   678  C  CB  . LYS A 1 94  ? 7.220   5.000   -5.442  1.00 29.70 ? 261 LYS A CB  1 
ATOM   679  C  CG  . LYS A 1 94  ? 7.602   6.293   -6.135  1.00 29.03 ? 261 LYS A CG  1 
ATOM   680  C  CD  . LYS A 1 94  ? 7.212   6.255   -7.600  1.00 37.83 ? 261 LYS A CD  1 
ATOM   681  C  CE  . LYS A 1 94  ? 7.741   7.463   -8.354  1.00 42.52 ? 261 LYS A CE  1 
ATOM   682  N  NZ  . LYS A 1 94  ? 7.496   7.340   -9.817  1.00 35.64 ? 261 LYS A NZ  1 
ATOM   683  N  N   . THR A 1 95  ? 5.976   2.358   -5.634  1.00 19.94 ? 262 THR A N   1 
ATOM   684  C  CA  . THR A 1 95  ? 5.791   0.951   -5.299  1.00 16.25 ? 262 THR A CA  1 
ATOM   685  C  C   . THR A 1 95  ? 6.247   0.647   -3.872  1.00 25.33 ? 262 THR A C   1 
ATOM   686  O  O   . THR A 1 95  ? 7.305   1.099   -3.432  1.00 26.44 ? 262 THR A O   1 
ATOM   687  C  CB  . THR A 1 95  ? 6.504   0.020   -6.308  1.00 22.45 ? 262 THR A CB  1 
ATOM   688  O  OG1 . THR A 1 95  ? 6.304   -1.345  -5.925  1.00 23.81 ? 262 THR A OG1 1 
ATOM   689  C  CG2 . THR A 1 95  ? 7.997   0.317   -6.372  1.00 28.04 ? 262 THR A CG2 1 
ATOM   690  N  N   . GLN A 1 96  ? 5.429   -0.106  -3.146  1.00 22.66 ? 263 GLN A N   1 
ATOM   691  C  CA  . GLN A 1 96  ? 5.690   -0.367  -1.739  1.00 21.56 ? 263 GLN A CA  1 
ATOM   692  C  C   . GLN A 1 96  ? 6.475   -1.660  -1.545  1.00 23.93 ? 263 GLN A C   1 
ATOM   693  O  O   . GLN A 1 96  ? 5.954   -2.644  -1.020  1.00 19.33 ? 263 GLN A O   1 
ATOM   694  C  CB  . GLN A 1 96  ? 4.373   -0.410  -0.965  1.00 17.27 ? 263 GLN A CB  1 
ATOM   695  C  CG  . GLN A 1 96  ? 3.568   0.877   -1.081  1.00 15.12 ? 263 GLN A CG  1 
ATOM   696  C  CD  . GLN A 1 96  ? 4.191   2.019   -0.307  1.00 18.39 ? 263 GLN A CD  1 
ATOM   697  O  OE1 . GLN A 1 96  ? 4.302   1.963   0.918   1.00 20.18 ? 263 GLN A OE1 1 
ATOM   698  N  NE2 . GLN A 1 96  ? 4.610   3.061   -1.017  1.00 17.25 ? 263 GLN A NE2 1 
ATOM   699  N  N   . ASN A 1 97  ? 7.735   -1.648  -1.970  1.00 24.31 ? 264 ASN A N   1 
ATOM   700  C  CA  . ASN A 1 97  ? 8.577   -2.835  -1.882  1.00 32.77 ? 264 ASN A CA  1 
ATOM   701  C  C   . ASN A 1 97  ? 8.887   -3.234  -0.441  1.00 31.99 ? 264 ASN A C   1 
ATOM   702  O  O   . ASN A 1 97  ? 9.157   -4.400  -0.151  1.00 31.07 ? 264 ASN A O   1 
ATOM   703  C  CB  . ASN A 1 97  ? 9.872   -2.656  -2.688  1.00 31.24 ? 264 ASN A CB  1 
ATOM   704  C  CG  . ASN A 1 97  ? 10.562  -1.330  -2.411  1.00 40.21 ? 264 ASN A CG  1 
ATOM   705  O  OD1 . ASN A 1 97  ? 9.947   -0.266  -2.478  1.00 33.15 ? 264 ASN A OD1 1 
ATOM   706  N  ND2 . ASN A 1 97  ? 11.854  -1.389  -2.101  1.00 49.19 ? 264 ASN A ND2 1 
ATOM   707  N  N   . GLN A 1 98  ? 8.831   -2.260  0.460   1.00 35.00 ? 265 GLN A N   1 
ATOM   708  C  CA  . GLN A 1 98  ? 9.121   -2.509  1.867   1.00 33.31 ? 265 GLN A CA  1 
ATOM   709  C  C   . GLN A 1 98  ? 7.898   -2.308  2.761   1.00 31.05 ? 265 GLN A C   1 
ATOM   710  O  O   . GLN A 1 98  ? 8.000   -1.751  3.854   1.00 25.60 ? 265 GLN A O   1 
ATOM   711  C  CB  . GLN A 1 98  ? 10.287  -1.636  2.335   1.00 27.37 ? 265 GLN A CB  1 
ATOM   712  C  CG  . GLN A 1 98  ? 11.610  -1.979  1.662   1.00 31.18 ? 265 GLN A CG  1 
ATOM   713  C  CD  . GLN A 1 98  ? 12.756  -1.111  2.143   1.00 45.07 ? 265 GLN A CD  1 
ATOM   714  O  OE1 . GLN A 1 98  ? 12.563  0.046   2.518   1.00 46.02 ? 265 GLN A OE1 1 
ATOM   715  N  NE2 . GLN A 1 98  ? 13.961  -1.669  2.137   1.00 50.24 ? 265 GLN A NE2 1 
ATOM   716  N  N   . GLY A 1 99  ? 6.743   -2.766  2.287   1.00 29.19 ? 266 GLY A N   1 
ATOM   717  C  CA  . GLY A 1 99  ? 5.537   -2.770  3.094   1.00 26.49 ? 266 GLY A CA  1 
ATOM   718  C  C   . GLY A 1 99  ? 5.564   -3.946  4.052   1.00 25.87 ? 266 GLY A C   1 
ATOM   719  O  O   . GLY A 1 99  ? 6.451   -4.791  3.964   1.00 25.27 ? 266 GLY A O   1 
ATOM   720  N  N   . PRO A 1 100 ? 4.594   -4.009  4.974   1.00 20.51 ? 267 PRO A N   1 
ATOM   721  C  CA  . PRO A 1 100 ? 4.548   -5.086  5.973   1.00 22.24 ? 267 PRO A CA  1 
ATOM   722  C  C   . PRO A 1 100 ? 4.017   -6.393  5.391   1.00 26.51 ? 267 PRO A C   1 
ATOM   723  O  O   . PRO A 1 100 ? 3.038   -6.936  5.900   1.00 28.48 ? 267 PRO A O   1 
ATOM   724  C  CB  . PRO A 1 100 ? 3.568   -4.541  7.015   1.00 25.46 ? 267 PRO A CB  1 
ATOM   725  C  CG  . PRO A 1 100 ? 2.651   -3.664  6.227   1.00 20.06 ? 267 PRO A CG  1 
ATOM   726  C  CD  . PRO A 1 100 ? 3.509   -3.030  5.163   1.00 20.12 ? 267 PRO A CD  1 
ATOM   727  N  N   . TRP A 1 101 ? 4.676   -6.900  4.353   1.00 28.83 ? 268 TRP A N   1 
ATOM   728  C  CA  . TRP A 1 101 ? 4.156   -8.034  3.590   1.00 29.83 ? 268 TRP A CA  1 
ATOM   729  C  C   . TRP A 1 101 ? 4.282   -9.390  4.288   1.00 29.98 ? 268 TRP A C   1 
ATOM   730  O  O   . TRP A 1 101 ? 3.714   -10.383 3.829   1.00 33.75 ? 268 TRP A O   1 
ATOM   731  C  CB  . TRP A 1 101 ? 4.810   -8.096  2.207   1.00 24.63 ? 268 TRP A CB  1 
ATOM   732  C  CG  . TRP A 1 101 ? 4.740   -6.806  1.440   1.00 25.11 ? 268 TRP A CG  1 
ATOM   733  C  CD1 . TRP A 1 101 ? 5.789   -6.111  0.912   1.00 25.23 ? 268 TRP A CD1 1 
ATOM   734  C  CD2 . TRP A 1 101 ? 3.561   -6.055  1.123   1.00 21.53 ? 268 TRP A CD2 1 
ATOM   735  N  NE1 . TRP A 1 101 ? 5.338   -4.979  0.280   1.00 24.01 ? 268 TRP A NE1 1 
ATOM   736  C  CE2 . TRP A 1 101 ? 3.974   -4.920  0.397   1.00 22.27 ? 268 TRP A CE2 1 
ATOM   737  C  CE3 . TRP A 1 101 ? 2.198   -6.232  1.380   1.00 24.54 ? 268 TRP A CE3 1 
ATOM   738  C  CZ2 . TRP A 1 101 ? 3.072   -3.966  -0.073  1.00 26.20 ? 268 TRP A CZ2 1 
ATOM   739  C  CZ3 . TRP A 1 101 ? 1.306   -5.284  0.914   1.00 23.07 ? 268 TRP A CZ3 1 
ATOM   740  C  CH2 . TRP A 1 101 ? 1.747   -4.165  0.195   1.00 22.29 ? 268 TRP A CH2 1 
ATOM   741  N  N   . ASP A 1 102 ? 5.018   -9.433  5.393   1.00 35.16 ? 269 ASP A N   1 
ATOM   742  C  CA  . ASP A 1 102 ? 5.236   -10.694 6.098   1.00 32.37 ? 269 ASP A CA  1 
ATOM   743  C  C   . ASP A 1 102 ? 4.339   -10.848 7.323   1.00 40.74 ? 269 ASP A C   1 
ATOM   744  O  O   . ASP A 1 102 ? 4.499   -11.785 8.105   1.00 36.40 ? 269 ASP A O   1 
ATOM   745  C  CB  . ASP A 1 102 ? 6.707   -10.841 6.502   1.00 42.62 ? 269 ASP A CB  1 
ATOM   746  C  CG  . ASP A 1 102 ? 7.635   -10.943 5.306   1.00 44.50 ? 269 ASP A CG  1 
ATOM   747  O  OD1 . ASP A 1 102 ? 7.173   -11.385 4.234   1.00 39.36 ? 269 ASP A OD1 1 
ATOM   748  O  OD2 . ASP A 1 102 ? 8.824   -10.585 5.436   1.00 44.45 ? 269 ASP A OD2 1 
ATOM   749  N  N   . GLU A 1 103 ? 3.388   -9.932  7.481   1.00 37.66 ? 270 GLU A N   1 
ATOM   750  C  CA  . GLU A 1 103 ? 2.529   -9.923  8.661   1.00 30.11 ? 270 GLU A CA  1 
ATOM   751  C  C   . GLU A 1 103 ? 1.293   -10.803 8.493   1.00 33.45 ? 270 GLU A C   1 
ATOM   752  O  O   . GLU A 1 103 ? 0.490   -10.939 9.418   1.00 31.68 ? 270 GLU A O   1 
ATOM   753  C  CB  . GLU A 1 103 ? 2.114   -8.490  9.002   1.00 30.44 ? 270 GLU A CB  1 
ATOM   754  C  CG  . GLU A 1 103 ? 3.284   -7.533  9.162   1.00 31.24 ? 270 GLU A CG  1 
ATOM   755  C  CD  . GLU A 1 103 ? 4.274   -7.984  10.223  1.00 44.11 ? 270 GLU A CD  1 
ATOM   756  O  OE1 . GLU A 1 103 ? 3.835   -8.355  11.333  1.00 38.41 ? 270 GLU A OE1 1 
ATOM   757  O  OE2 . GLU A 1 103 ? 5.491   -7.971  9.945   1.00 44.42 ? 270 GLU A OE2 1 
ATOM   758  N  N   . GLY A 1 104 ? 1.147   -11.402 7.315   1.00 34.73 ? 271 GLY A N   1 
ATOM   759  C  CA  . GLY A 1 104 ? -0.017  -12.214 7.012   1.00 28.19 ? 271 GLY A CA  1 
ATOM   760  C  C   . GLY A 1 104 ? -1.075  -11.397 6.297   1.00 27.04 ? 271 GLY A C   1 
ATOM   761  O  O   . GLY A 1 104 ? -0.818  -10.846 5.226   1.00 32.32 ? 271 GLY A O   1 
ATOM   762  N  N   . ARG A 1 105 ? -2.264  -11.312 6.887   1.00 22.33 ? 272 ARG A N   1 
ATOM   763  C  CA  . ARG A 1 105 ? -3.328  -10.490 6.322   1.00 22.11 ? 272 ARG A CA  1 
ATOM   764  C  C   . ARG A 1 105 ? -2.932  -9.021  6.383   1.00 23.37 ? 272 ARG A C   1 
ATOM   765  O  O   . ARG A 1 105 ? -2.549  -8.515  7.435   1.00 23.16 ? 272 ARG A O   1 
ATOM   766  C  CB  . ARG A 1 105 ? -4.646  -10.709 7.066   1.00 28.27 ? 272 ARG A CB  1 
ATOM   767  C  CG  . ARG A 1 105 ? -5.849  -10.045 6.403   1.00 27.14 ? 272 ARG A CG  1 
ATOM   768  C  CD  . ARG A 1 105 ? -7.085  -10.134 7.284   1.00 40.03 ? 272 ARG A CD  1 
ATOM   769  N  NE  . ARG A 1 105 ? -8.325  -9.888  6.548   1.00 46.57 ? 272 ARG A NE  1 
ATOM   770  C  CZ  . ARG A 1 105 ? -8.911  -8.700  6.434   1.00 50.59 ? 272 ARG A CZ  1 
ATOM   771  N  NH1 . ARG A 1 105 ? -8.370  -7.631  7.003   1.00 54.08 ? 272 ARG A NH1 1 
ATOM   772  N  NH2 . ARG A 1 105 ? -10.040 -8.580  5.748   1.00 40.78 ? 272 ARG A NH2 1 
ATOM   773  N  N   . VAL A 1 106 ? -3.006  -8.343  5.242   1.00 23.34 ? 273 VAL A N   1 
ATOM   774  C  CA  . VAL A 1 106 ? -2.640  -6.935  5.166   1.00 18.75 ? 273 VAL A CA  1 
ATOM   775  C  C   . VAL A 1 106 ? -3.719  -6.168  4.419   1.00 21.10 ? 273 VAL A C   1 
ATOM   776  O  O   . VAL A 1 106 ? -4.086  -6.526  3.301   1.00 17.33 ? 273 VAL A O   1 
ATOM   777  C  CB  . VAL A 1 106 ? -1.292  -6.729  4.446   1.00 21.53 ? 273 VAL A CB  1 
ATOM   778  C  CG1 . VAL A 1 106 ? -0.980  -5.243  4.303   1.00 23.32 ? 273 VAL A CG1 1 
ATOM   779  C  CG2 . VAL A 1 106 ? -0.169  -7.444  5.185   1.00 24.14 ? 273 VAL A CG2 1 
ATOM   780  N  N   . GLU A 1 107 ? -4.239  -5.119  5.046   1.00 22.40 ? 274 GLU A N   1 
ATOM   781  C  CA  . GLU A 1 107 ? -5.209  -4.261  4.385   1.00 15.95 ? 274 GLU A CA  1 
ATOM   782  C  C   . GLU A 1 107 ? -4.611  -2.885  4.149   1.00 17.40 ? 274 GLU A C   1 
ATOM   783  O  O   . GLU A 1 107 ? -4.011  -2.295  5.048   1.00 15.30 ? 274 GLU A O   1 
ATOM   784  C  CB  . GLU A 1 107 ? -6.496  -4.153  5.201   1.00 18.91 ? 274 GLU A CB  1 
ATOM   785  C  CG  . GLU A 1 107 ? -7.534  -3.228  4.589   1.00 22.27 ? 274 GLU A CG  1 
ATOM   786  C  CD  . GLU A 1 107 ? -8.872  -3.309  5.295   1.00 39.64 ? 274 GLU A CD  1 
ATOM   787  O  OE1 . GLU A 1 107 ? -9.036  -4.193  6.163   1.00 38.95 ? 274 GLU A OE1 1 
ATOM   788  O  OE2 . GLU A 1 107 ? -9.760  -2.490  4.979   1.00 43.48 ? 274 GLU A OE2 1 
ATOM   789  N  N   . ILE A 1 108 ? -4.775  -2.388  2.929   1.00 15.12 ? 275 ILE A N   1 
ATOM   790  C  CA  . ILE A 1 108 ? -4.292  -1.066  2.567   1.00 15.50 ? 275 ILE A CA  1 
ATOM   791  C  C   . ILE A 1 108 ? -5.472  -0.144  2.317   1.00 14.89 ? 275 ILE A C   1 
ATOM   792  O  O   . ILE A 1 108 ? -6.442  -0.523  1.662   1.00 18.30 ? 275 ILE A O   1 
ATOM   793  C  CB  . ILE A 1 108 ? -3.427  -1.106  1.289   1.00 17.42 ? 275 ILE A CB  1 
ATOM   794  C  CG1 . ILE A 1 108 ? -2.336  -2.172  1.411   1.00 22.04 ? 275 ILE A CG1 1 
ATOM   795  C  CG2 . ILE A 1 108 ? -2.816  0.266   1.005   1.00 12.21 ? 275 ILE A CG2 1 
ATOM   796  C  CD1 . ILE A 1 108 ? -1.488  -2.323  0.165   1.00 22.76 ? 275 ILE A CD1 1 
ATOM   797  N  N   . ASP A 1 109 ? -5.401  1.061   2.863   1.00 13.42 ? 276 ASP A N   1 
ATOM   798  C  CA  . ASP A 1 109 ? -6.310  2.123   2.463   1.00 19.22 ? 276 ASP A CA  1 
ATOM   799  C  C   . ASP A 1 109 ? -5.613  3.461   2.613   1.00 17.23 ? 276 ASP A C   1 
ATOM   800  O  O   . ASP A 1 109 ? -4.426  3.519   2.931   1.00 17.21 ? 276 ASP A O   1 
ATOM   801  C  CB  . ASP A 1 109 ? -7.639  2.081   3.234   1.00 17.99 ? 276 ASP A CB  1 
ATOM   802  C  CG  . ASP A 1 109 ? -7.458  2.068   4.742   1.00 26.59 ? 276 ASP A CG  1 
ATOM   803  O  OD1 . ASP A 1 109 ? -6.396  2.501   5.237   1.00 25.63 ? 276 ASP A OD1 1 
ATOM   804  O  OD2 . ASP A 1 109 ? -8.397  1.627   5.438   1.00 38.77 ? 276 ASP A OD2 1 
ATOM   805  N  N   . PHE A 1 110 ? -6.350  4.535   2.381   1.00 16.08 ? 277 PHE A N   1 
ATOM   806  C  CA  . PHE A 1 110 ? -5.772  5.859   2.499   1.00 17.32 ? 277 PHE A CA  1 
ATOM   807  C  C   . PHE A 1 110 ? -6.537  6.662   3.535   1.00 23.00 ? 277 PHE A C   1 
ATOM   808  O  O   . PHE A 1 110 ? -7.575  7.263   3.259   1.00 20.77 ? 277 PHE A O   1 
ATOM   809  C  CB  . PHE A 1 110 ? -5.676  6.529   1.131   1.00 18.35 ? 277 PHE A CB  1 
ATOM   810  C  CG  . PHE A 1 110 ? -4.797  5.773   0.179   1.00 15.44 ? 277 PHE A CG  1 
ATOM   811  C  CD1 . PHE A 1 110 ? -3.447  6.071   0.078   1.00 15.99 ? 277 PHE A CD1 1 
ATOM   812  C  CD2 . PHE A 1 110 ? -5.305  4.725   -0.574  1.00 17.46 ? 277 PHE A CD2 1 
ATOM   813  C  CE1 . PHE A 1 110 ? -2.630  5.359   -0.774  1.00 18.41 ? 277 PHE A CE1 1 
ATOM   814  C  CE2 . PHE A 1 110 ? -4.490  4.011   -1.430  1.00 16.55 ? 277 PHE A CE2 1 
ATOM   815  C  CZ  . PHE A 1 110 ? -3.152  4.329   -1.531  1.00 17.65 ? 277 PHE A CZ  1 
ATOM   816  N  N   . ASP A 1 111 ? -6.003  6.621   4.749   1.00 20.78 ? 278 ASP A N   1 
ATOM   817  C  CA  . ASP A 1 111 ? -6.664  7.157   5.923   1.00 22.17 ? 278 ASP A CA  1 
ATOM   818  C  C   . ASP A 1 111 ? -5.621  7.215   7.025   1.00 19.67 ? 278 ASP A C   1 
ATOM   819  O  O   . ASP A 1 111 ? -4.590  6.544   6.952   1.00 18.47 ? 278 ASP A O   1 
ATOM   820  C  CB  . ASP A 1 111 ? -7.815  6.240   6.339   1.00 21.64 ? 278 ASP A CB  1 
ATOM   821  C  CG  . ASP A 1 111 ? -8.931  6.985   7.045   1.00 33.92 ? 278 ASP A CG  1 
ATOM   822  O  OD1 . ASP A 1 111 ? -8.648  8.003   7.711   1.00 33.54 ? 278 ASP A OD1 1 
ATOM   823  O  OD2 . ASP A 1 111 ? -10.097 6.551   6.927   1.00 46.92 ? 278 ASP A OD2 1 
ATOM   824  N  N   . TYR A 1 112 ? -5.882  8.020   8.046   1.00 18.39 ? 279 TYR A N   1 
ATOM   825  C  CA  . TYR A 1 112 ? -4.923  8.198   9.126   1.00 18.79 ? 279 TYR A CA  1 
ATOM   826  C  C   . TYR A 1 112 ? -5.018  7.072   10.146  1.00 15.28 ? 279 TYR A C   1 
ATOM   827  O  O   . TYR A 1 112 ? -6.104  6.568   10.430  1.00 18.19 ? 279 TYR A O   1 
ATOM   828  C  CB  . TYR A 1 112 ? -5.144  9.545   9.815   1.00 17.10 ? 279 TYR A CB  1 
ATOM   829  C  CG  . TYR A 1 112 ? -4.943  10.747  8.914   1.00 19.59 ? 279 TYR A CG  1 
ATOM   830  C  CD1 . TYR A 1 112 ? -3.711  11.390  8.841   1.00 18.98 ? 279 TYR A CD1 1 
ATOM   831  C  CD2 . TYR A 1 112 ? -5.984  11.238  8.136   1.00 21.42 ? 279 TYR A CD2 1 
ATOM   832  C  CE1 . TYR A 1 112 ? -3.526  12.491  8.017   1.00 16.74 ? 279 TYR A CE1 1 
ATOM   833  C  CE2 . TYR A 1 112 ? -5.808  12.335  7.312   1.00 17.95 ? 279 TYR A CE2 1 
ATOM   834  C  CZ  . TYR A 1 112 ? -4.579  12.957  7.256   1.00 17.29 ? 279 TYR A CZ  1 
ATOM   835  O  OH  . TYR A 1 112 ? -4.409  14.046  6.435   1.00 29.41 ? 279 TYR A OH  1 
ATOM   836  N  N   . CYS A 1 113 ? -3.875  6.668   10.687  1.00 16.72 ? 280 CYS A N   1 
ATOM   837  C  CA  . CYS A 1 113 ? -3.870  5.758   11.820  1.00 19.25 ? 280 CYS A CA  1 
ATOM   838  C  C   . CYS A 1 113 ? -4.390  6.519   13.031  1.00 24.38 ? 280 CYS A C   1 
ATOM   839  O  O   . CYS A 1 113 ? -4.097  7.704   13.187  1.00 19.96 ? 280 CYS A O   1 
ATOM   840  C  CB  . CYS A 1 113 ? -2.460  5.232   12.088  1.00 15.36 ? 280 CYS A CB  1 
ATOM   841  S  SG  . CYS A 1 113 ? -1.821  4.177   10.775  1.00 20.08 ? 280 CYS A SG  1 
ATOM   842  N  N   . PRO A 1 114 ? -5.174  5.845   13.884  1.00 19.19 ? 281 PRO A N   1 
ATOM   843  C  CA  . PRO A 1 114 ? -5.782  6.487   15.054  1.00 24.00 ? 281 PRO A CA  1 
ATOM   844  C  C   . PRO A 1 114 ? -4.764  7.153   15.981  1.00 24.19 ? 281 PRO A C   1 
ATOM   845  O  O   . PRO A 1 114 ? -3.787  6.525   16.389  1.00 24.35 ? 281 PRO A O   1 
ATOM   846  C  CB  . PRO A 1 114 ? -6.484  5.324   15.770  1.00 30.03 ? 281 PRO A CB  1 
ATOM   847  C  CG  . PRO A 1 114 ? -5.883  4.075   15.191  1.00 28.56 ? 281 PRO A CG  1 
ATOM   848  C  CD  . PRO A 1 114 ? -5.541  4.423   13.782  1.00 22.71 ? 281 PRO A CD  1 
ATOM   849  N  N   . GLY A 1 115 ? -4.998  8.425   16.292  1.00 19.55 ? 282 GLY A N   1 
ATOM   850  C  CA  . GLY A 1 115 ? -4.149  9.163   17.208  1.00 19.85 ? 282 GLY A CA  1 
ATOM   851  C  C   . GLY A 1 115 ? -2.931  9.794   16.561  1.00 15.34 ? 282 GLY A C   1 
ATOM   852  O  O   . GLY A 1 115 ? -2.132  10.439  17.237  1.00 22.82 ? 282 GLY A O   1 
ATOM   853  N  N   . THR A 1 116 ? -2.785  9.619   15.252  1.00 17.49 ? 283 THR A N   1 
ATOM   854  C  CA  . THR A 1 116 ? -1.594  10.094  14.556  1.00 15.49 ? 283 THR A CA  1 
ATOM   855  C  C   . THR A 1 116 ? -1.910  11.211  13.572  1.00 17.62 ? 283 THR A C   1 
ATOM   856  O  O   . THR A 1 116 ? -3.050  11.360  13.127  1.00 17.69 ? 283 THR A O   1 
ATOM   857  C  CB  . THR A 1 116 ? -0.909  8.959   13.775  1.00 16.32 ? 283 THR A CB  1 
ATOM   858  O  OG1 . THR A 1 116 ? -1.714  8.603   12.642  1.00 20.20 ? 283 THR A OG1 1 
ATOM   859  C  CG2 . THR A 1 116 ? -0.708  7.738   14.660  1.00 16.27 ? 283 THR A CG2 1 
ATOM   860  N  N   . THR A 1 117 ? -0.886  11.988  13.234  1.00 18.00 ? 284 THR A N   1 
ATOM   861  C  CA  . THR A 1 117 ? -0.992  13.012  12.203  1.00 18.20 ? 284 THR A CA  1 
ATOM   862  C  C   . THR A 1 117 ? 0.146   12.859  11.201  1.00 23.58 ? 284 THR A C   1 
ATOM   863  O  O   . THR A 1 117 ? 1.208   12.325  11.529  1.00 17.71 ? 284 THR A O   1 
ATOM   864  C  CB  . THR A 1 117 ? -0.947  14.437  12.797  1.00 27.36 ? 284 THR A CB  1 
ATOM   865  O  OG1 . THR A 1 117 ? 0.303   14.643  13.465  1.00 27.04 ? 284 THR A OG1 1 
ATOM   866  C  CG2 . THR A 1 117 ? -2.086  14.649  13.779  1.00 16.29 ? 284 THR A CG2 1 
ATOM   867  N  N   . VAL A 1 118 ? -0.088  13.319  9.977   1.00 22.30 ? 285 VAL A N   1 
ATOM   868  C  CA  . VAL A 1 118 ? 0.941   13.318  8.943   1.00 27.92 ? 285 VAL A CA  1 
ATOM   869  C  C   . VAL A 1 118 ? 1.048   14.710  8.332   1.00 29.70 ? 285 VAL A C   1 
ATOM   870  O  O   . VAL A 1 118 ? 0.040   15.305  7.946   1.00 28.08 ? 285 VAL A O   1 
ATOM   871  C  CB  . VAL A 1 118 ? 0.635   12.295  7.832   1.00 20.79 ? 285 VAL A CB  1 
ATOM   872  C  CG1 . VAL A 1 118 ? 1.742   12.303  6.788   1.00 15.00 ? 285 VAL A CG1 1 
ATOM   873  C  CG2 . VAL A 1 118 ? 0.470   10.906  8.419   1.00 17.01 ? 285 VAL A CG2 1 
ATOM   874  N  N   . THR A 1 119 ? 2.268   15.231  8.256   1.00 26.14 ? 286 THR A N   1 
ATOM   875  C  CA  . THR A 1 119 ? 2.492   16.576  7.737   1.00 27.44 ? 286 THR A CA  1 
ATOM   876  C  C   . THR A 1 119 ? 3.450   16.560  6.546   1.00 31.36 ? 286 THR A C   1 
ATOM   877  O  O   . THR A 1 119 ? 4.475   15.879  6.575   1.00 30.52 ? 286 THR A O   1 
ATOM   878  C  CB  . THR A 1 119 ? 3.061   17.511  8.828   1.00 41.24 ? 286 THR A CB  1 
ATOM   879  O  OG1 . THR A 1 119 ? 2.210   17.484  9.982   1.00 38.11 ? 286 THR A OG1 1 
ATOM   880  C  CG2 . THR A 1 119 ? 3.164   18.940  8.315   1.00 33.68 ? 286 THR A CG2 1 
ATOM   881  N  N   . LEU A 1 120 ? 3.110   17.304  5.497   1.00 33.88 ? 287 LEU A N   1 
ATOM   882  C  CA  . LEU A 1 120 ? 4.013   17.464  4.361   1.00 36.89 ? 287 LEU A CA  1 
ATOM   883  C  C   . LEU A 1 120 ? 5.121   18.454  4.697   1.00 38.85 ? 287 LEU A C   1 
ATOM   884  O  O   . LEU A 1 120 ? 4.860   19.628  4.957   1.00 43.29 ? 287 LEU A O   1 
ATOM   885  C  CB  . LEU A 1 120 ? 3.258   17.932  3.115   1.00 40.88 ? 287 LEU A CB  1 
ATOM   886  C  CG  . LEU A 1 120 ? 2.785   16.841  2.155   1.00 42.23 ? 287 LEU A CG  1 
ATOM   887  C  CD1 . LEU A 1 120 ? 1.708   15.984  2.802   1.00 41.54 ? 287 LEU A CD1 1 
ATOM   888  C  CD2 . LEU A 1 120 ? 2.289   17.449  0.850   1.00 43.45 ? 287 LEU A CD2 1 
ATOM   889  N  N   . SER A 1 121 ? 6.357   17.971  4.694   1.00 45.67 ? 288 SER A N   1 
ATOM   890  C  CA  . SER A 1 121 ? 7.506   18.816  4.981   1.00 44.06 ? 288 SER A CA  1 
ATOM   891  C  C   . SER A 1 121 ? 8.728   18.314  4.233   1.00 43.07 ? 288 SER A C   1 
ATOM   892  O  O   . SER A 1 121 ? 8.891   17.113  4.025   1.00 37.96 ? 288 SER A O   1 
ATOM   893  C  CB  . SER A 1 121 ? 7.792   18.854  6.485   1.00 50.48 ? 288 SER A CB  1 
ATOM   894  O  OG  . SER A 1 121 ? 6.763   19.531  7.186   1.00 57.73 ? 288 SER A OG  1 
ATOM   895  N  N   . GLU A 1 122 ? 9.588   19.240  3.828   1.00 58.23 ? 289 GLU A N   1 
ATOM   896  C  CA  . GLU A 1 122 ? 10.819  18.886  3.139   1.00 55.89 ? 289 GLU A CA  1 
ATOM   897  C  C   . GLU A 1 122 ? 11.850  18.384  4.146   1.00 57.50 ? 289 GLU A C   1 
ATOM   898  O  O   . GLU A 1 122 ? 12.886  17.832  3.770   1.00 47.96 ? 289 GLU A O   1 
ATOM   899  C  CB  . GLU A 1 122 ? 11.368  20.092  2.381   1.00 63.69 ? 289 GLU A CB  1 
ATOM   900  C  CG  . GLU A 1 122 ? 10.348  20.827  1.529   1.00 59.46 ? 289 GLU A CG  1 
ATOM   901  C  CD  . GLU A 1 122 ? 10.913  22.101  0.928   1.00 63.14 ? 289 GLU A CD  1 
ATOM   902  O  OE1 . GLU A 1 122 ? 11.962  22.571  1.418   1.00 62.03 ? 289 GLU A OE1 1 
ATOM   903  O  OE2 . GLU A 1 122 ? 10.314  22.628  -0.032  1.00 63.07 ? 289 GLU A OE2 1 
ATOM   904  N  N   . SER A 1 123 ? 11.553  18.576  5.429   1.00 45.79 ? 290 SER A N   1 
ATOM   905  C  CA  . SER A 1 123 ? 12.460  18.191  6.503   1.00 50.96 ? 290 SER A CA  1 
ATOM   906  C  C   . SER A 1 123 ? 12.369  16.703  6.832   1.00 55.29 ? 290 SER A C   1 
ATOM   907  O  O   . SER A 1 123 ? 13.011  16.229  7.769   1.00 58.69 ? 290 SER A O   1 
ATOM   908  C  CB  . SER A 1 123 ? 12.170  19.013  7.762   1.00 55.33 ? 290 SER A CB  1 
ATOM   909  O  OG  . SER A 1 123 ? 12.206  20.403  7.488   1.00 61.55 ? 290 SER A OG  1 
ATOM   910  N  N   . CYS A 1 124 ? 11.575  15.969  6.061   1.00 46.39 ? 291 CYS A N   1 
ATOM   911  C  CA  . CYS A 1 124 ? 11.341  14.555  6.341   1.00 38.87 ? 291 CYS A CA  1 
ATOM   912  C  C   . CYS A 1 124 ? 12.398  13.660  5.699   1.00 38.15 ? 291 CYS A C   1 
ATOM   913  O  O   . CYS A 1 124 ? 13.008  14.023  4.693   1.00 40.53 ? 291 CYS A O   1 
ATOM   914  C  CB  . CYS A 1 124 ? 9.944   14.141  5.874   1.00 41.24 ? 291 CYS A CB  1 
ATOM   915  S  SG  . CYS A 1 124 ? 9.372   12.568  6.557   1.00 41.53 ? 291 CYS A SG  1 
ATOM   916  N  N   . GLY A 1 125 ? 12.607  12.487  6.287   1.00 34.93 ? 292 GLY A N   1 
ATOM   917  C  CA  . GLY A 1 125 ? 13.570  11.532  5.768   1.00 38.61 ? 292 GLY A CA  1 
ATOM   918  C  C   . GLY A 1 125 ? 13.082  10.856  4.502   1.00 45.65 ? 292 GLY A C   1 
ATOM   919  O  O   . GLY A 1 125 ? 11.938  11.046  4.087   1.00 38.43 ? 292 GLY A O   1 
ATOM   920  N  N   . HIS A 1 126 ? 13.954  10.063  3.885   1.00 48.33 ? 293 HIS A N   1 
ATOM   921  C  CA  . HIS A 1 126 ? 13.616  9.357   2.652   1.00 49.56 ? 293 HIS A CA  1 
ATOM   922  C  C   . HIS A 1 126 ? 12.630  8.221   2.894   1.00 41.63 ? 293 HIS A C   1 
ATOM   923  O  O   . HIS A 1 126 ? 12.313  7.890   4.038   1.00 41.02 ? 293 HIS A O   1 
ATOM   924  C  CB  . HIS A 1 126 ? 14.876  8.793   1.989   1.00 52.38 ? 293 HIS A CB  1 
ATOM   925  C  CG  . HIS A 1 126 ? 15.719  9.826   1.310   1.00 64.91 ? 293 HIS A CG  1 
ATOM   926  N  ND1 . HIS A 1 126 ? 16.796  10.428  1.922   1.00 72.20 ? 293 HIS A ND1 1 
ATOM   927  C  CD2 . HIS A 1 126 ? 15.642  10.362  0.069   1.00 62.12 ? 293 HIS A CD2 1 
ATOM   928  C  CE1 . HIS A 1 126 ? 17.348  11.292  1.087   1.00 69.08 ? 293 HIS A CE1 1 
ATOM   929  N  NE2 . HIS A 1 126 ? 16.667  11.271  -0.043  1.00 58.73 ? 293 HIS A NE2 1 
ATOM   930  N  N   . ARG A 1 127 ? 12.154  7.629   1.804   1.00 32.49 ? 294 ARG A N   1 
ATOM   931  C  CA  . ARG A 1 127 ? 11.320  6.442   1.881   1.00 30.92 ? 294 ARG A CA  1 
ATOM   932  C  C   . ARG A 1 127 ? 12.113  5.332   2.557   1.00 38.53 ? 294 ARG A C   1 
ATOM   933  O  O   . ARG A 1 127 ? 13.260  5.067   2.197   1.00 40.38 ? 294 ARG A O   1 
ATOM   934  C  CB  . ARG A 1 127 ? 10.896  5.988   0.482   1.00 29.19 ? 294 ARG A CB  1 
ATOM   935  C  CG  . ARG A 1 127 ? 10.329  7.088   -0.398  1.00 39.54 ? 294 ARG A CG  1 
ATOM   936  C  CD  . ARG A 1 127 ? 10.089  6.595   -1.825  1.00 32.79 ? 294 ARG A CD  1 
ATOM   937  N  NE  . ARG A 1 127 ? 8.921   5.725   -1.929  1.00 34.54 ? 294 ARG A NE  1 
ATOM   938  C  CZ  . ARG A 1 127 ? 8.967   4.423   -2.193  1.00 33.97 ? 294 ARG A CZ  1 
ATOM   939  N  NH1 . ARG A 1 127 ? 10.133  3.821   -2.389  1.00 28.07 ? 294 ARG A NH1 1 
ATOM   940  N  NH2 . ARG A 1 127 ? 7.844   3.721   -2.268  1.00 24.60 ? 294 ARG A NH2 1 
ATOM   941  N  N   . GLY A 1 128 ? 11.503  4.694   3.547   1.00 27.64 ? 295 GLY A N   1 
ATOM   942  C  CA  . GLY A 1 128 ? 12.137  3.590   4.236   1.00 28.49 ? 295 GLY A CA  1 
ATOM   943  C  C   . GLY A 1 128 ? 11.145  2.468   4.436   1.00 28.23 ? 295 GLY A C   1 
ATOM   944  O  O   . GLY A 1 128 ? 10.051  2.507   3.877   1.00 28.53 ? 295 GLY A O   1 
ATOM   945  N  N   . PRO A 1 129 ? 11.518  1.464   5.237   1.00 27.85 ? 296 PRO A N   1 
ATOM   946  C  CA  . PRO A 1 129 ? 10.609  0.353   5.532   1.00 23.48 ? 296 PRO A CA  1 
ATOM   947  C  C   . PRO A 1 129 ? 9.338   0.862   6.205   1.00 30.46 ? 296 PRO A C   1 
ATOM   948  O  O   . PRO A 1 129 ? 9.399   1.842   6.947   1.00 23.86 ? 296 PRO A O   1 
ATOM   949  C  CB  . PRO A 1 129 ? 11.420  -0.511  6.503   1.00 27.76 ? 296 PRO A CB  1 
ATOM   950  C  CG  . PRO A 1 129 ? 12.441  0.407   7.078   1.00 35.04 ? 296 PRO A CG  1 
ATOM   951  C  CD  . PRO A 1 129 ? 12.786  1.353   5.975   1.00 34.39 ? 296 PRO A CD  1 
ATOM   952  N  N   . ALA A 1 130 ? 8.207   0.221   5.928   1.00 27.18 ? 297 ALA A N   1 
ATOM   953  C  CA  . ALA A 1 130 ? 6.938   0.617   6.531   1.00 21.78 ? 297 ALA A CA  1 
ATOM   954  C  C   . ALA A 1 130 ? 7.031   0.512   8.048   1.00 22.08 ? 297 ALA A C   1 
ATOM   955  O  O   . ALA A 1 130 ? 7.495   -0.496  8.576   1.00 24.20 ? 297 ALA A O   1 
ATOM   956  C  CB  . ALA A 1 130 ? 5.806   -0.246  6.007   1.00 18.86 ? 297 ALA A CB  1 
ATOM   957  N  N   . THR A 1 131 ? 6.595   1.557   8.743   1.00 23.59 ? 298 THR A N   1 
ATOM   958  C  CA  . THR A 1 131 ? 6.709   1.604   10.197  1.00 26.14 ? 298 THR A CA  1 
ATOM   959  C  C   . THR A 1 131 ? 5.348   1.529   10.884  1.00 22.87 ? 298 THR A C   1 
ATOM   960  O  O   . THR A 1 131 ? 4.405   2.221   10.495  1.00 17.25 ? 298 THR A O   1 
ATOM   961  C  CB  . THR A 1 131 ? 7.445   2.876   10.661  1.00 28.96 ? 298 THR A CB  1 
ATOM   962  O  OG1 . THR A 1 131 ? 8.664   3.016   9.921   1.00 30.76 ? 298 THR A OG1 1 
ATOM   963  C  CG2 . THR A 1 131 ? 7.766   2.802   12.152  1.00 20.58 ? 298 THR A CG2 1 
ATOM   964  N  N   . ARG A 1 132 ? 5.254   0.678   11.901  1.00 21.18 ? 299 ARG A N   1 
ATOM   965  C  CA  . ARG A 1 132 ? 4.037   0.558   12.695  1.00 19.72 ? 299 ARG A CA  1 
ATOM   966  C  C   . ARG A 1 132 ? 3.929   1.758   13.632  1.00 19.04 ? 299 ARG A C   1 
ATOM   967  O  O   . ARG A 1 132 ? 4.940   2.315   14.060  1.00 17.50 ? 299 ARG A O   1 
ATOM   968  C  CB  . ARG A 1 132 ? 4.043   -0.750  13.490  1.00 17.62 ? 299 ARG A CB  1 
ATOM   969  C  CG  . ARG A 1 132 ? 2.657   -1.275  13.838  1.00 14.84 ? 299 ARG A CG  1 
ATOM   970  C  CD  . ARG A 1 132 ? 2.737   -2.605  14.569  1.00 16.89 ? 299 ARG A CD  1 
ATOM   971  N  NE  . ARG A 1 132 ? 3.297   -2.454  15.910  1.00 19.35 ? 299 ARG A NE  1 
ATOM   972  C  CZ  . ARG A 1 132 ? 3.595   -3.470  16.714  1.00 20.37 ? 299 ARG A CZ  1 
ATOM   973  N  NH1 . ARG A 1 132 ? 3.391   -4.717  16.312  1.00 21.67 ? 299 ARG A NH1 1 
ATOM   974  N  NH2 . ARG A 1 132 ? 4.099   -3.241  17.919  1.00 23.59 ? 299 ARG A NH2 1 
ATOM   975  N  N   . THR A 1 133 ? 2.702   2.161   13.947  1.00 20.15 ? 300 THR A N   1 
ATOM   976  C  CA  . THR A 1 133 ? 2.489   3.351   14.765  1.00 16.03 ? 300 THR A CA  1 
ATOM   977  C  C   . THR A 1 133 ? 2.673   3.071   16.253  1.00 16.20 ? 300 THR A C   1 
ATOM   978  O  O   . THR A 1 133 ? 2.774   3.995   17.055  1.00 17.86 ? 300 THR A O   1 
ATOM   979  C  CB  . THR A 1 133 ? 1.101   3.971   14.526  1.00 14.28 ? 300 THR A CB  1 
ATOM   980  O  OG1 . THR A 1 133 ? 0.084   3.003   14.814  1.00 19.11 ? 300 THR A OG1 1 
ATOM   981  C  CG2 . THR A 1 133 ? 0.967   4.434   13.084  1.00 15.29 ? 300 THR A CG2 1 
ATOM   982  N  N   . THR A 1 134 ? 2.711   1.793   16.616  1.00 18.77 ? 301 THR A N   1 
ATOM   983  C  CA  . THR A 1 134 ? 2.930   1.405   18.003  1.00 19.58 ? 301 THR A CA  1 
ATOM   984  C  C   . THR A 1 134 ? 4.263   0.684   18.153  1.00 23.47 ? 301 THR A C   1 
ATOM   985  O  O   . THR A 1 134 ? 4.621   -0.156  17.327  1.00 23.44 ? 301 THR A O   1 
ATOM   986  C  CB  . THR A 1 134 ? 1.804   0.493   18.530  1.00 21.15 ? 301 THR A CB  1 
ATOM   987  O  OG1 . THR A 1 134 ? 1.568   -0.568  17.596  1.00 24.93 ? 301 THR A OG1 1 
ATOM   988  C  CG2 . THR A 1 134 ? 0.519   1.285   18.729  1.00 23.61 ? 301 THR A CG2 1 
ATOM   989  N  N   . THR A 1 135 ? 4.995   1.012   19.212  1.00 26.64 ? 302 THR A N   1 
ATOM   990  C  CA  . THR A 1 135 ? 6.269   0.359   19.486  1.00 23.07 ? 302 THR A CA  1 
ATOM   991  C  C   . THR A 1 135 ? 6.029   -1.050  20.023  1.00 23.34 ? 302 THR A C   1 
ATOM   992  O  O   . THR A 1 135 ? 4.886   -1.485  20.146  1.00 21.73 ? 302 THR A O   1 
ATOM   993  C  CB  . THR A 1 135 ? 7.109   1.166   20.496  1.00 24.30 ? 302 THR A CB  1 
ATOM   994  O  OG1 . THR A 1 135 ? 6.488   1.120   21.787  1.00 19.87 ? 302 THR A OG1 1 
ATOM   995  C  CG2 . THR A 1 135 ? 7.241   2.615   20.044  1.00 25.11 ? 302 THR A CG2 1 
ATOM   996  N  N   . GLU A 1 136 ? 7.108   -1.761  20.336  1.00 20.03 ? 303 GLU A N   1 
ATOM   997  C  CA  . GLU A 1 136 ? 7.000   -3.102  20.902  1.00 26.35 ? 303 GLU A CA  1 
ATOM   998  C  C   . GLU A 1 136 ? 6.209   -3.105  22.206  1.00 27.77 ? 303 GLU A C   1 
ATOM   999  O  O   . GLU A 1 136 ? 5.488   -4.057  22.503  1.00 27.81 ? 303 GLU A O   1 
ATOM   1000 C  CB  . GLU A 1 136 ? 8.386   -3.689  21.160  1.00 31.54 ? 303 GLU A CB  1 
ATOM   1001 C  CG  . GLU A 1 136 ? 8.911   -4.584  20.060  1.00 31.58 ? 303 GLU A CG  1 
ATOM   1002 C  CD  . GLU A 1 136 ? 10.091  -5.413  20.523  1.00 39.28 ? 303 GLU A CD  1 
ATOM   1003 O  OE1 . GLU A 1 136 ? 10.492  -6.345  19.794  1.00 34.58 ? 303 GLU A OE1 1 
ATOM   1004 O  OE2 . GLU A 1 136 ? 10.614  -5.134  21.624  1.00 38.56 ? 303 GLU A OE2 1 
ATOM   1005 N  N   . SER A 1 137 ? 6.357   -2.038  22.983  1.00 24.64 ? 304 SER A N   1 
ATOM   1006 C  CA  . SER A 1 137 ? 5.690   -1.933  24.276  1.00 35.27 ? 304 SER A CA  1 
ATOM   1007 C  C   . SER A 1 137 ? 4.263   -1.399  24.153  1.00 31.68 ? 304 SER A C   1 
ATOM   1008 O  O   . SER A 1 137 ? 3.548   -1.285  25.149  1.00 30.50 ? 304 SER A O   1 
ATOM   1009 C  CB  . SER A 1 137 ? 6.510   -1.056  25.226  1.00 27.97 ? 304 SER A CB  1 
ATOM   1010 O  OG  . SER A 1 137 ? 6.839   0.183   24.622  1.00 36.83 ? 304 SER A OG  1 
ATOM   1011 N  N   . GLY A 1 138 ? 3.855   -1.074  22.930  1.00 31.13 ? 305 GLY A N   1 
ATOM   1012 C  CA  . GLY A 1 138 ? 2.509   -0.591  22.680  1.00 30.50 ? 305 GLY A CA  1 
ATOM   1013 C  C   . GLY A 1 138 ? 2.401   0.920   22.722  1.00 28.16 ? 305 GLY A C   1 
ATOM   1014 O  O   . GLY A 1 138 ? 1.307   1.477   22.617  1.00 33.90 ? 305 GLY A O   1 
ATOM   1015 N  N   . LYS A 1 139 ? 3.540   1.586   22.873  1.00 28.86 ? 306 LYS A N   1 
ATOM   1016 C  CA  . LYS A 1 139 ? 3.577   3.041   22.913  1.00 31.00 ? 306 LYS A CA  1 
ATOM   1017 C  C   . LYS A 1 139 ? 3.299   3.623   21.528  1.00 27.47 ? 306 LYS A C   1 
ATOM   1018 O  O   . LYS A 1 139 ? 3.869   3.178   20.532  1.00 22.31 ? 306 LYS A O   1 
ATOM   1019 C  CB  . LYS A 1 139 ? 4.927   3.529   23.449  1.00 29.07 ? 306 LYS A CB  1 
ATOM   1020 C  CG  . LYS A 1 139 ? 4.880   4.898   24.113  1.00 43.70 ? 306 LYS A CG  1 
ATOM   1021 C  CD  . LYS A 1 139 ? 5.016   6.027   23.105  1.00 42.06 ? 306 LYS A CD  1 
ATOM   1022 C  CE  . LYS A 1 139 ? 4.423   7.319   23.645  1.00 48.86 ? 306 LYS A CE  1 
ATOM   1023 N  NZ  . LYS A 1 139 ? 2.947   7.209   23.839  1.00 37.11 ? 306 LYS A NZ  1 
ATOM   1024 N  N   . LEU A 1 140 ? 2.425   4.622   21.477  1.00 21.14 ? 307 LEU A N   1 
ATOM   1025 C  CA  . LEU A 1 140 ? 2.003   5.226   20.218  1.00 17.11 ? 307 LEU A CA  1 
ATOM   1026 C  C   . LEU A 1 140 ? 2.956   6.314   19.723  1.00 16.46 ? 307 LEU A C   1 
ATOM   1027 O  O   . LEU A 1 140 ? 3.358   7.194   20.483  1.00 23.16 ? 307 LEU A O   1 
ATOM   1028 C  CB  . LEU A 1 140 ? 0.593   5.803   20.367  1.00 20.89 ? 307 LEU A CB  1 
ATOM   1029 C  CG  . LEU A 1 140 ? -0.001  6.556   19.175  1.00 20.42 ? 307 LEU A CG  1 
ATOM   1030 C  CD1 . LEU A 1 140 ? -0.299  5.602   18.028  1.00 22.67 ? 307 LEU A CD1 1 
ATOM   1031 C  CD2 . LEU A 1 140 ? -1.255  7.312   19.595  1.00 25.33 ? 307 LEU A CD2 1 
ATOM   1032 N  N   . ILE A 1 141 ? 3.313   6.244   18.443  1.00 19.25 ? 308 ILE A N   1 
ATOM   1033 C  CA  . ILE A 1 141 ? 4.083   7.302   17.796  1.00 18.42 ? 308 ILE A CA  1 
ATOM   1034 C  C   . ILE A 1 141 ? 3.115   8.215   17.059  1.00 16.39 ? 308 ILE A C   1 
ATOM   1035 O  O   . ILE A 1 141 ? 2.504   7.816   16.069  1.00 16.82 ? 308 ILE A O   1 
ATOM   1036 C  CB  . ILE A 1 141 ? 5.097   6.737   16.789  1.00 24.86 ? 308 ILE A CB  1 
ATOM   1037 C  CG1 . ILE A 1 141 ? 6.075   5.788   17.488  1.00 24.79 ? 308 ILE A CG1 1 
ATOM   1038 C  CG2 . ILE A 1 141 ? 5.838   7.869   16.088  1.00 18.75 ? 308 ILE A CG2 1 
ATOM   1039 C  CD1 . ILE A 1 141 ? 6.192   4.436   16.817  1.00 34.11 ? 308 ILE A CD1 1 
ATOM   1040 N  N   . THR A 1 142 ? 2.982   9.443   17.543  1.00 15.38 ? 309 THR A N   1 
ATOM   1041 C  CA  . THR A 1 142 ? 1.922   10.334  17.094  1.00 19.41 ? 309 THR A CA  1 
ATOM   1042 C  C   . THR A 1 142 ? 2.287   11.211  15.899  1.00 19.74 ? 309 THR A C   1 
ATOM   1043 O  O   . THR A 1 142 ? 1.445   11.471  15.043  1.00 19.02 ? 309 THR A O   1 
ATOM   1044 C  CB  . THR A 1 142 ? 1.459   11.243  18.247  1.00 16.78 ? 309 THR A CB  1 
ATOM   1045 O  OG1 . THR A 1 142 ? 2.586   11.962  18.760  1.00 22.10 ? 309 THR A OG1 1 
ATOM   1046 C  CG2 . THR A 1 142 ? 0.843   10.415  19.365  1.00 16.47 ? 309 THR A CG2 1 
ATOM   1047 N  N   . ASP A 1 143 ? 3.533   11.670  15.844  1.00 21.61 ? 310 ASP A N   1 
ATOM   1048 C  CA  . ASP A 1 143 ? 3.941   12.633  14.822  1.00 20.38 ? 310 ASP A CA  1 
ATOM   1049 C  C   . ASP A 1 143 ? 4.654   11.985  13.638  1.00 23.00 ? 310 ASP A C   1 
ATOM   1050 O  O   . ASP A 1 143 ? 5.689   11.339  13.802  1.00 22.30 ? 310 ASP A O   1 
ATOM   1051 C  CB  . ASP A 1 143 ? 4.836   13.717  15.432  1.00 31.49 ? 310 ASP A CB  1 
ATOM   1052 C  CG  . ASP A 1 143 ? 4.186   14.416  16.609  1.00 35.27 ? 310 ASP A CG  1 
ATOM   1053 O  OD1 . ASP A 1 143 ? 2.942   14.356  16.730  1.00 29.02 ? 310 ASP A OD1 1 
ATOM   1054 O  OD2 . ASP A 1 143 ? 4.923   15.029  17.411  1.00 46.85 ? 310 ASP A OD2 1 
ATOM   1055 N  N   . TRP A 1 144 ? 4.095   12.168  12.445  1.00 21.56 ? 311 TRP A N   1 
ATOM   1056 C  CA  . TRP A 1 144 ? 4.682   11.613  11.230  1.00 24.25 ? 311 TRP A CA  1 
ATOM   1057 C  C   . TRP A 1 144 ? 4.813   12.687  10.156  1.00 22.19 ? 311 TRP A C   1 
ATOM   1058 O  O   . TRP A 1 144 ? 4.179   13.738  10.239  1.00 22.56 ? 311 TRP A O   1 
ATOM   1059 C  CB  . TRP A 1 144 ? 3.832   10.451  10.706  1.00 18.09 ? 311 TRP A CB  1 
ATOM   1060 C  CG  . TRP A 1 144 ? 3.685   9.321   11.680  1.00 17.90 ? 311 TRP A CG  1 
ATOM   1061 C  CD1 . TRP A 1 144 ? 2.928   9.312   12.814  1.00 10.35 ? 311 TRP A CD1 1 
ATOM   1062 C  CD2 . TRP A 1 144 ? 4.305   8.030   11.601  1.00 21.27 ? 311 TRP A CD2 1 
ATOM   1063 N  NE1 . TRP A 1 144 ? 3.043   8.099   13.451  1.00 22.93 ? 311 TRP A NE1 1 
ATOM   1064 C  CE2 . TRP A 1 144 ? 3.882   7.295   12.726  1.00 19.32 ? 311 TRP A CE2 1 
ATOM   1065 C  CE3 . TRP A 1 144 ? 5.176   7.425   10.690  1.00 16.36 ? 311 TRP A CE3 1 
ATOM   1066 C  CZ2 . TRP A 1 144 ? 4.300   5.987   12.965  1.00 16.85 ? 311 TRP A CZ2 1 
ATOM   1067 C  CZ3 . TRP A 1 144 ? 5.588   6.127   10.926  1.00 17.73 ? 311 TRP A CZ3 1 
ATOM   1068 C  CH2 . TRP A 1 144 ? 5.151   5.421   12.056  1.00 20.05 ? 311 TRP A CH2 1 
ATOM   1069 N  N   . CYS A 1 145 ? 5.634   12.420  9.145   1.00 25.94 ? 312 CYS A N   1 
ATOM   1070 C  CA  . CYS A 1 145 ? 5.792   13.345  8.029   1.00 28.10 ? 312 CYS A CA  1 
ATOM   1071 C  C   . CYS A 1 145 ? 6.054   12.600  6.722   1.00 23.50 ? 312 CYS A C   1 
ATOM   1072 O  O   . CYS A 1 145 ? 6.300   11.394  6.725   1.00 22.95 ? 312 CYS A O   1 
ATOM   1073 C  CB  . CYS A 1 145 ? 6.933   14.332  8.299   1.00 29.11 ? 312 CYS A CB  1 
ATOM   1074 S  SG  . CYS A 1 145 ? 8.595   13.636  8.110   1.00 43.79 ? 312 CYS A SG  1 
ATOM   1075 N  N   . CYS A 1 146 ? 5.995   13.325  5.610   1.00 26.43 ? 313 CYS A N   1 
ATOM   1076 C  CA  . CYS A 1 146 ? 6.390   12.784  4.311   1.00 22.64 ? 313 CYS A CA  1 
ATOM   1077 C  C   . CYS A 1 146 ? 6.922   13.902  3.422   1.00 27.82 ? 313 CYS A C   1 
ATOM   1078 O  O   . CYS A 1 146 ? 6.451   15.038  3.489   1.00 32.69 ? 313 CYS A O   1 
ATOM   1079 C  CB  . CYS A 1 146 ? 5.222   12.065  3.626   1.00 23.85 ? 313 CYS A CB  1 
ATOM   1080 S  SG  . CYS A 1 146 ? 3.888   13.145  3.055   1.00 29.54 ? 313 CYS A SG  1 
ATOM   1081 N  N   . ARG A 1 147 ? 7.908   13.572  2.594   1.00 34.84 ? 314 ARG A N   1 
ATOM   1082 C  CA  . ARG A 1 147 ? 8.535   14.553  1.714   1.00 40.06 ? 314 ARG A CA  1 
ATOM   1083 C  C   . ARG A 1 147 ? 7.573   15.078  0.654   1.00 35.94 ? 314 ARG A C   1 
ATOM   1084 O  O   . ARG A 1 147 ? 7.391   16.286  0.514   1.00 42.52 ? 314 ARG A O   1 
ATOM   1085 C  CB  . ARG A 1 147 ? 9.769   13.952  1.035   1.00 35.86 ? 314 ARG A CB  1 
ATOM   1086 C  CG  . ARG A 1 147 ? 10.982  13.794  1.937   1.00 41.01 ? 314 ARG A CG  1 
ATOM   1087 C  CD  . ARG A 1 147 ? 12.058  12.962  1.251   1.00 47.02 ? 314 ARG A CD  1 
ATOM   1088 N  NE  . ARG A 1 147 ? 13.335  13.007  1.958   1.00 52.87 ? 314 ARG A NE  1 
ATOM   1089 C  CZ  . ARG A 1 147 ? 14.386  13.720  1.563   1.00 50.50 ? 314 ARG A CZ  1 
ATOM   1090 N  NH1 . ARG A 1 147 ? 14.320  14.447  0.455   1.00 42.95 ? 314 ARG A NH1 1 
ATOM   1091 N  NH2 . ARG A 1 147 ? 15.506  13.700  2.271   1.00 41.58 ? 314 ARG A NH2 1 
ATOM   1092 N  N   . SER A 1 148 ? 6.954   14.164  -0.086  1.00 32.89 ? 315 SER A N   1 
ATOM   1093 C  CA  . SER A 1 148 ? 6.121   14.546  -1.222  1.00 32.00 ? 315 SER A CA  1 
ATOM   1094 C  C   . SER A 1 148 ? 4.979   13.567  -1.494  1.00 34.38 ? 315 SER A C   1 
ATOM   1095 O  O   . SER A 1 148 ? 4.636   13.312  -2.648  1.00 34.42 ? 315 SER A O   1 
ATOM   1096 C  CB  . SER A 1 148 ? 6.985   14.690  -2.476  1.00 38.16 ? 315 SER A CB  1 
ATOM   1097 O  OG  . SER A 1 148 ? 7.748   13.517  -2.701  1.00 38.07 ? 315 SER A OG  1 
ATOM   1098 N  N   . CYS A 1 149 ? 4.395   13.019  -0.435  1.00 35.32 ? 316 CYS A N   1 
ATOM   1099 C  CA  . CYS A 1 149 ? 3.234   12.153  -0.588  1.00 26.76 ? 316 CYS A CA  1 
ATOM   1100 C  C   . CYS A 1 149 ? 1.973   13.007  -0.628  1.00 31.64 ? 316 CYS A C   1 
ATOM   1101 O  O   . CYS A 1 149 ? 2.027   14.214  -0.392  1.00 31.38 ? 316 CYS A O   1 
ATOM   1102 C  CB  . CYS A 1 149 ? 3.154   11.143  0.559   1.00 25.01 ? 316 CYS A CB  1 
ATOM   1103 S  SG  . CYS A 1 149 ? 2.617   11.849  2.137   1.00 33.36 ? 316 CYS A SG  1 
ATOM   1104 N  N   . THR A 1 150 ? 0.839   12.385  -0.938  1.00 28.53 ? 317 THR A N   1 
ATOM   1105 C  CA  . THR A 1 150 ? -0.445  13.073  -0.875  1.00 27.19 ? 317 THR A CA  1 
ATOM   1106 C  C   . THR A 1 150 ? -1.269  12.561  0.299   1.00 24.44 ? 317 THR A C   1 
ATOM   1107 O  O   . THR A 1 150 ? -1.056  11.448  0.786   1.00 25.38 ? 317 THR A O   1 
ATOM   1108 C  CB  . THR A 1 150 ? -1.257  12.915  -2.176  1.00 26.58 ? 317 THR A CB  1 
ATOM   1109 O  OG1 . THR A 1 150 ? -1.395  11.525  -2.492  1.00 24.75 ? 317 THR A OG1 1 
ATOM   1110 C  CG2 . THR A 1 150 ? -0.569  13.629  -3.327  1.00 30.35 ? 317 THR A CG2 1 
ATOM   1111 N  N   . LEU A 1 151 ? -2.207  13.382  0.755   1.00 19.70 ? 318 LEU A N   1 
ATOM   1112 C  CA  . LEU A 1 151 ? -3.063  13.015  1.875   1.00 19.60 ? 318 LEU A CA  1 
ATOM   1113 C  C   . LEU A 1 151 ? -4.489  12.761  1.389   1.00 24.12 ? 318 LEU A C   1 
ATOM   1114 O  O   . LEU A 1 151 ? -4.928  13.390  0.425   1.00 24.24 ? 318 LEU A O   1 
ATOM   1115 C  CB  . LEU A 1 151 ? -3.036  14.110  2.942   1.00 21.46 ? 318 LEU A CB  1 
ATOM   1116 C  CG  . LEU A 1 151 ? -1.641  14.429  3.487   1.00 25.22 ? 318 LEU A CG  1 
ATOM   1117 C  CD1 . LEU A 1 151 ? -1.692  15.536  4.530   1.00 34.51 ? 318 LEU A CD1 1 
ATOM   1118 C  CD2 . LEU A 1 151 ? -0.988  13.179  4.059   1.00 27.96 ? 318 LEU A CD2 1 
ATOM   1119 N  N   . PRO A 1 152 ? -5.223  11.838  2.045   1.00 21.65 ? 319 PRO A N   1 
ATOM   1120 C  CA  . PRO A 1 152 ? -4.886  11.024  3.224   1.00 22.53 ? 319 PRO A CA  1 
ATOM   1121 C  C   . PRO A 1 152 ? -3.733  10.052  2.979   1.00 17.78 ? 319 PRO A C   1 
ATOM   1122 O  O   . PRO A 1 152 ? -3.498  9.662   1.836   1.00 17.86 ? 319 PRO A O   1 
ATOM   1123 C  CB  . PRO A 1 152 ? -6.183  10.248  3.499   1.00 21.61 ? 319 PRO A CB  1 
ATOM   1124 C  CG  . PRO A 1 152 ? -6.905  10.237  2.188   1.00 20.52 ? 319 PRO A CG  1 
ATOM   1125 C  CD  . PRO A 1 152 ? -6.593  11.566  1.574   1.00 23.72 ? 319 PRO A CD  1 
ATOM   1126 N  N   . PRO A 1 153 ? -3.010  9.678   4.045   1.00 16.47 ? 320 PRO A N   1 
ATOM   1127 C  CA  . PRO A 1 153 ? -1.793  8.872   3.919   1.00 16.04 ? 320 PRO A CA  1 
ATOM   1128 C  C   . PRO A 1 153 ? -2.073  7.404   3.615   1.00 21.87 ? 320 PRO A C   1 
ATOM   1129 O  O   . PRO A 1 153 ? -3.141  6.896   3.957   1.00 16.18 ? 320 PRO A O   1 
ATOM   1130 C  CB  . PRO A 1 153 ? -1.159  8.999   5.305   1.00 20.05 ? 320 PRO A CB  1 
ATOM   1131 C  CG  . PRO A 1 153 ? -2.308  9.178   6.209   1.00 18.40 ? 320 PRO A CG  1 
ATOM   1132 C  CD  . PRO A 1 153 ? -3.288  10.027  5.449   1.00 14.54 ? 320 PRO A CD  1 
ATOM   1133 N  N   . LEU A 1 154 ? -1.112  6.739   2.978   1.00 17.11 ? 321 LEU A N   1 
ATOM   1134 C  CA  . LEU A 1 154 ? -1.181  5.303   2.755   1.00 10.35 ? 321 LEU A CA  1 
ATOM   1135 C  C   . LEU A 1 154 ? -1.063  4.588   4.096   1.00 15.08 ? 321 LEU A C   1 
ATOM   1136 O  O   . LEU A 1 154 ? -0.091  4.774   4.822   1.00 12.09 ? 321 LEU A O   1 
ATOM   1137 C  CB  . LEU A 1 154 ? -0.061  4.863   1.809   1.00 13.43 ? 321 LEU A CB  1 
ATOM   1138 C  CG  . LEU A 1 154 ? -0.177  3.516   1.096   1.00 14.70 ? 321 LEU A CG  1 
ATOM   1139 C  CD1 . LEU A 1 154 ? 0.730   3.500   -0.123  1.00 17.44 ? 321 LEU A CD1 1 
ATOM   1140 C  CD2 . LEU A 1 154 ? 0.171   2.362   2.020   1.00 15.02 ? 321 LEU A CD2 1 
ATOM   1141 N  N   . ARG A 1 155 ? -2.055  3.761   4.410   1.00 16.51 ? 322 ARG A N   1 
ATOM   1142 C  CA  . ARG A 1 155 ? -2.120  3.086   5.700   1.00 15.99 ? 322 ARG A CA  1 
ATOM   1143 C  C   . ARG A 1 155 ? -2.164  1.571   5.531   1.00 12.59 ? 322 ARG A C   1 
ATOM   1144 O  O   . ARG A 1 155 ? -2.818  1.066   4.625   1.00 14.75 ? 322 ARG A O   1 
ATOM   1145 C  CB  . ARG A 1 155 ? -3.362  3.557   6.468   1.00 15.58 ? 322 ARG A CB  1 
ATOM   1146 C  CG  . ARG A 1 155 ? -3.571  2.873   7.806   1.00 18.14 ? 322 ARG A CG  1 
ATOM   1147 C  CD  . ARG A 1 155 ? -4.765  3.451   8.558   1.00 20.23 ? 322 ARG A CD  1 
ATOM   1148 N  NE  . ARG A 1 155 ? -6.041  3.110   7.933   1.00 18.13 ? 322 ARG A NE  1 
ATOM   1149 C  CZ  . ARG A 1 155 ? -7.230  3.346   8.480   1.00 25.16 ? 322 ARG A CZ  1 
ATOM   1150 N  NH1 . ARG A 1 155 ? -7.314  3.923   9.671   1.00 23.72 ? 322 ARG A NH1 1 
ATOM   1151 N  NH2 . ARG A 1 155 ? -8.336  3.002   7.837   1.00 32.89 ? 322 ARG A NH2 1 
ATOM   1152 N  N   . TYR A 1 156 ? -1.460  0.852   6.399   1.00 18.57 ? 323 TYR A N   1 
ATOM   1153 C  CA  . TYR A 1 156 ? -1.573  -0.602  6.455   1.00 17.40 ? 323 TYR A CA  1 
ATOM   1154 C  C   . TYR A 1 156 ? -2.259  -1.034  7.745   1.00 13.54 ? 323 TYR A C   1 
ATOM   1155 O  O   . TYR A 1 156 ? -2.067  -0.425  8.796   1.00 18.67 ? 323 TYR A O   1 
ATOM   1156 C  CB  . TYR A 1 156 ? -0.200  -1.265  6.393   1.00 17.95 ? 323 TYR A CB  1 
ATOM   1157 C  CG  . TYR A 1 156 ? 0.600   -0.961  5.153   1.00 21.68 ? 323 TYR A CG  1 
ATOM   1158 C  CD1 . TYR A 1 156 ? 0.423   -1.699  3.990   1.00 23.51 ? 323 TYR A CD1 1 
ATOM   1159 C  CD2 . TYR A 1 156 ? 1.546   0.054   5.149   1.00 18.40 ? 323 TYR A CD2 1 
ATOM   1160 C  CE1 . TYR A 1 156 ? 1.162   -1.429  2.858   1.00 19.59 ? 323 TYR A CE1 1 
ATOM   1161 C  CE2 . TYR A 1 156 ? 2.286   0.331   4.023   1.00 19.92 ? 323 TYR A CE2 1 
ATOM   1162 C  CZ  . TYR A 1 156 ? 2.091   -0.413  2.880   1.00 24.56 ? 323 TYR A CZ  1 
ATOM   1163 O  OH  . TYR A 1 156 ? 2.829   -0.137  1.755   1.00 23.53 ? 323 TYR A OH  1 
ATOM   1164 N  N   . GLN A 1 157 ? -3.054  -2.091  7.662   1.00 17.77 ? 324 GLN A N   1 
ATOM   1165 C  CA  . GLN A 1 157 ? -3.649  -2.672  8.854   1.00 21.30 ? 324 GLN A CA  1 
ATOM   1166 C  C   . GLN A 1 157 ? -3.378  -4.168  8.905   1.00 21.35 ? 324 GLN A C   1 
ATOM   1167 O  O   . GLN A 1 157 ? -3.823  -4.922  8.038   1.00 21.40 ? 324 GLN A O   1 
ATOM   1168 C  CB  . GLN A 1 157 ? -5.149  -2.385  8.909   1.00 16.95 ? 324 GLN A CB  1 
ATOM   1169 C  CG  . GLN A 1 157 ? -5.473  -0.916  9.141   1.00 32.71 ? 324 GLN A CG  1 
ATOM   1170 C  CD  . GLN A 1 157 ? -6.963  -0.642  9.203   1.00 38.75 ? 324 GLN A CD  1 
ATOM   1171 O  OE1 . GLN A 1 157 ? -7.548  -0.576  10.284  1.00 40.62 ? 324 GLN A OE1 1 
ATOM   1172 N  NE2 . GLN A 1 157 ? -7.584  -0.475  8.039   1.00 34.26 ? 324 GLN A NE2 1 
ATOM   1173 N  N   . THR A 1 158 ? -2.619  -4.583  9.913   1.00 17.33 ? 325 THR A N   1 
ATOM   1174 C  CA  . THR A 1 158 ? -2.309  -5.993  10.113  1.00 21.59 ? 325 THR A CA  1 
ATOM   1175 C  C   . THR A 1 158 ? -2.781  -6.436  11.491  1.00 21.69 ? 325 THR A C   1 
ATOM   1176 O  O   . THR A 1 158 ? -3.356  -5.650  12.245  1.00 19.59 ? 325 THR A O   1 
ATOM   1177 C  CB  . THR A 1 158 ? -0.802  -6.280  9.958   1.00 21.04 ? 325 THR A CB  1 
ATOM   1178 O  OG1 . THR A 1 158 ? -0.089  -5.767  11.089  1.00 24.46 ? 325 THR A OG1 1 
ATOM   1179 C  CG2 . THR A 1 158 ? -0.265  -5.640  8.689   1.00 16.03 ? 325 THR A CG2 1 
ATOM   1180 N  N   . ASP A 1 159 ? -2.535  -7.699  11.817  1.00 24.80 ? 326 ASP A N   1 
ATOM   1181 C  CA  . ASP A 1 159 ? -3.009  -8.261  13.074  1.00 26.88 ? 326 ASP A CA  1 
ATOM   1182 C  C   . ASP A 1 159 ? -2.328  -7.637  14.291  1.00 27.32 ? 326 ASP A C   1 
ATOM   1183 O  O   . ASP A 1 159 ? -2.840  -7.741  15.406  1.00 27.87 ? 326 ASP A O   1 
ATOM   1184 C  CB  . ASP A 1 159 ? -2.828  -9.781  13.090  1.00 28.82 ? 326 ASP A CB  1 
ATOM   1185 C  CG  . ASP A 1 159 ? -3.695  -10.483 12.060  1.00 43.06 ? 326 ASP A CG  1 
ATOM   1186 O  OD1 . ASP A 1 159 ? -4.731  -9.911  11.659  1.00 44.49 ? 326 ASP A OD1 1 
ATOM   1187 O  OD2 . ASP A 1 159 ? -3.340  -11.609 11.652  1.00 48.79 ? 326 ASP A OD2 1 
ATOM   1188 N  N   . SER A 1 160 ? -1.183  -6.991  14.082  1.00 26.27 ? 327 SER A N   1 
ATOM   1189 C  CA  . SER A 1 160 ? -0.440  -6.401  15.195  1.00 28.09 ? 327 SER A CA  1 
ATOM   1190 C  C   . SER A 1 160 ? -0.657  -4.893  15.319  1.00 28.52 ? 327 SER A C   1 
ATOM   1191 O  O   . SER A 1 160 ? -0.180  -4.270  16.265  1.00 24.42 ? 327 SER A O   1 
ATOM   1192 C  CB  . SER A 1 160 ? 1.058   -6.713  15.088  1.00 23.81 ? 327 SER A CB  1 
ATOM   1193 O  OG  . SER A 1 160 ? 1.687   -5.903  14.111  1.00 24.09 ? 327 SER A OG  1 
ATOM   1194 N  N   . GLY A 1 161 ? -1.374  -4.308  14.367  1.00 19.61 ? 328 GLY A N   1 
ATOM   1195 C  CA  . GLY A 1 161 ? -1.676  -2.891  14.444  1.00 24.09 ? 328 GLY A CA  1 
ATOM   1196 C  C   . GLY A 1 161 ? -1.678  -2.149  13.123  1.00 16.24 ? 328 GLY A C   1 
ATOM   1197 O  O   . GLY A 1 161 ? -1.945  -2.724  12.067  1.00 17.41 ? 328 GLY A O   1 
ATOM   1198 N  N   . CYS A 1 162 ? -1.363  -0.860  13.194  1.00 14.79 ? 329 CYS A N   1 
ATOM   1199 C  CA  . CYS A 1 162 ? -1.520  0.048   12.067  1.00 17.67 ? 329 CYS A CA  1 
ATOM   1200 C  C   . CYS A 1 162 ? -0.163  0.585   11.605  1.00 17.49 ? 329 CYS A C   1 
ATOM   1201 O  O   . CYS A 1 162 ? 0.671   0.956   12.427  1.00 18.50 ? 329 CYS A O   1 
ATOM   1202 C  CB  . CYS A 1 162 ? -2.447  1.194   12.484  1.00 21.57 ? 329 CYS A CB  1 
ATOM   1203 S  SG  . CYS A 1 162 ? -2.762  2.437   11.227  1.00 41.40 ? 329 CYS A SG  1 
ATOM   1204 N  N   . TRP A 1 163 ? 0.055   0.618   10.291  1.00 17.83 ? 330 TRP A N   1 
ATOM   1205 C  CA  . TRP A 1 163 ? 1.339   1.036   9.729   1.00 13.77 ? 330 TRP A CA  1 
ATOM   1206 C  C   . TRP A 1 163 ? 1.155   2.151   8.706   1.00 15.56 ? 330 TRP A C   1 
ATOM   1207 O  O   . TRP A 1 163 ? 0.049   2.383   8.221   1.00 21.78 ? 330 TRP A O   1 
ATOM   1208 C  CB  . TRP A 1 163 ? 2.033   -0.129  9.020   1.00 17.67 ? 330 TRP A CB  1 
ATOM   1209 C  CG  . TRP A 1 163 ? 2.098   -1.427  9.770   1.00 14.81 ? 330 TRP A CG  1 
ATOM   1210 C  CD1 . TRP A 1 163 ? 1.048   -2.166  10.238  1.00 15.16 ? 330 TRP A CD1 1 
ATOM   1211 C  CD2 . TRP A 1 163 ? 3.282   -2.171  10.084  1.00 20.30 ? 330 TRP A CD2 1 
ATOM   1212 N  NE1 . TRP A 1 163 ? 1.508   -3.309  10.848  1.00 21.82 ? 330 TRP A NE1 1 
ATOM   1213 C  CE2 . TRP A 1 163 ? 2.875   -3.336  10.766  1.00 19.38 ? 330 TRP A CE2 1 
ATOM   1214 C  CE3 . TRP A 1 163 ? 4.646   -1.958  9.867   1.00 18.07 ? 330 TRP A CE3 1 
ATOM   1215 C  CZ2 . TRP A 1 163 ? 3.785   -4.285  11.231  1.00 25.58 ? 330 TRP A CZ2 1 
ATOM   1216 C  CZ3 . TRP A 1 163 ? 5.548   -2.901  10.330  1.00 17.48 ? 330 TRP A CZ3 1 
ATOM   1217 C  CH2 . TRP A 1 163 ? 5.112   -4.049  11.003  1.00 18.45 ? 330 TRP A CH2 1 
ATOM   1218 N  N   . TYR A 1 164 ? 2.247   2.824   8.358   1.00 15.41 ? 331 TYR A N   1 
ATOM   1219 C  CA  . TYR A 1 164 ? 2.206   3.850   7.320   1.00 15.80 ? 331 TYR A CA  1 
ATOM   1220 C  C   . TYR A 1 164 ? 3.050   3.463   6.111   1.00 20.37 ? 331 TYR A C   1 
ATOM   1221 O  O   . TYR A 1 164 ? 3.970   2.654   6.222   1.00 18.52 ? 331 TYR A O   1 
ATOM   1222 C  CB  . TYR A 1 164 ? 2.656   5.200   7.877   1.00 13.15 ? 331 TYR A CB  1 
ATOM   1223 C  CG  . TYR A 1 164 ? 1.533   5.994   8.500   1.00 16.24 ? 331 TYR A CG  1 
ATOM   1224 C  CD1 . TYR A 1 164 ? 0.311   6.121   7.853   1.00 18.24 ? 331 TYR A CD1 1 
ATOM   1225 C  CD2 . TYR A 1 164 ? 1.687   6.607   9.738   1.00 14.67 ? 331 TYR A CD2 1 
ATOM   1226 C  CE1 . TYR A 1 164 ? -0.723  6.843   8.413   1.00 23.62 ? 331 TYR A CE1 1 
ATOM   1227 C  CE2 . TYR A 1 164 ? 0.655   7.331   10.309  1.00 20.92 ? 331 TYR A CE2 1 
ATOM   1228 C  CZ  . TYR A 1 164 ? -0.550  7.445   9.639   1.00 17.96 ? 331 TYR A CZ  1 
ATOM   1229 O  OH  . TYR A 1 164 ? -1.588  8.160   10.188  1.00 21.51 ? 331 TYR A OH  1 
ATOM   1230 N  N   . GLY A 1 165 ? 2.723   4.040   4.956   1.00 17.25 ? 332 GLY A N   1 
ATOM   1231 C  CA  . GLY A 1 165 ? 3.469   3.791   3.735   1.00 21.08 ? 332 GLY A CA  1 
ATOM   1232 C  C   . GLY A 1 165 ? 4.933   4.170   3.863   1.00 19.65 ? 332 GLY A C   1 
ATOM   1233 O  O   . GLY A 1 165 ? 5.315   4.884   4.790   1.00 22.41 ? 332 GLY A O   1 
HETATM 1234 N  N   . MSE A 1 166 ? 5.753   3.691   2.932   1.00 24.17 ? 333 MSE A N   1 
HETATM 1235 C  CA  . MSE A 1 166 ? 7.192   3.936   2.965   1.00 23.16 ? 333 MSE A CA  1 
HETATM 1236 C  C   . MSE A 1 166 ? 7.527   5.421   2.988   1.00 21.65 ? 333 MSE A C   1 
HETATM 1237 O  O   . MSE A 1 166 ? 8.524   5.831   3.579   1.00 22.00 ? 333 MSE A O   1 
HETATM 1238 C  CB  . MSE A 1 166 ? 7.868   3.294   1.757   1.00 21.78 ? 333 MSE A CB  1 
HETATM 1239 C  CG  . MSE A 1 166 ? 7.760   1.788   1.714   1.00 21.22 ? 333 MSE A CG  1 
HETATM 1240 SE SE  . MSE A 1 166 ? 8.634   1.090   0.121   1.00 36.67 ? 333 MSE A SE  1 
HETATM 1241 C  CE  . MSE A 1 166 ? 10.419  1.836   0.400   1.00 27.21 ? 333 MSE A CE  1 
ATOM   1242 N  N   . GLU A 1 167 ? 6.685   6.214   2.336   1.00 19.31 ? 334 GLU A N   1 
ATOM   1243 C  CA  . GLU A 1 167 ? 6.886   7.653   2.231   1.00 20.50 ? 334 GLU A CA  1 
ATOM   1244 C  C   . GLU A 1 167 ? 6.722   8.365   3.572   1.00 27.77 ? 334 GLU A C   1 
ATOM   1245 O  O   . GLU A 1 167 ? 7.316   9.420   3.803   1.00 20.64 ? 334 GLU A O   1 
ATOM   1246 C  CB  . GLU A 1 167 ? 5.906   8.245   1.212   1.00 23.83 ? 334 GLU A CB  1 
ATOM   1247 C  CG  . GLU A 1 167 ? 6.253   7.976   -0.250  1.00 19.70 ? 334 GLU A CG  1 
ATOM   1248 C  CD  . GLU A 1 167 ? 5.965   6.549   -0.696  1.00 22.55 ? 334 GLU A CD  1 
ATOM   1249 O  OE1 . GLU A 1 167 ? 5.553   5.719   0.140   1.00 27.49 ? 334 GLU A OE1 1 
ATOM   1250 O  OE2 . GLU A 1 167 ? 6.151   6.261   -1.896  1.00 28.47 ? 334 GLU A OE2 1 
ATOM   1251 N  N   . ILE A 1 168 ? 5.912   7.786   4.453   1.00 28.60 ? 335 ILE A N   1 
ATOM   1252 C  CA  . ILE A 1 168 ? 5.588   8.417   5.729   1.00 19.57 ? 335 ILE A CA  1 
ATOM   1253 C  C   . ILE A 1 168 ? 6.520   7.957   6.847   1.00 15.29 ? 335 ILE A C   1 
ATOM   1254 O  O   . ILE A 1 168 ? 6.564   6.771   7.186   1.00 22.16 ? 335 ILE A O   1 
ATOM   1255 C  CB  . ILE A 1 168 ? 4.121   8.145   6.136   1.00 22.44 ? 335 ILE A CB  1 
ATOM   1256 C  CG1 . ILE A 1 168 ? 3.160   8.685   5.075   1.00 22.27 ? 335 ILE A CG1 1 
ATOM   1257 C  CG2 . ILE A 1 168 ? 3.814   8.777   7.477   1.00 21.33 ? 335 ILE A CG2 1 
ATOM   1258 C  CD1 . ILE A 1 168 ? 2.528   7.616   4.223   1.00 29.16 ? 335 ILE A CD1 1 
ATOM   1259 N  N   . ARG A 1 169 ? 7.264   8.901   7.418   1.00 21.51 ? 336 ARG A N   1 
ATOM   1260 C  CA  . ARG A 1 169 ? 8.253   8.580   8.443   1.00 24.30 ? 336 ARG A CA  1 
ATOM   1261 C  C   . ARG A 1 169 ? 7.911   9.257   9.765   1.00 17.84 ? 336 ARG A C   1 
ATOM   1262 O  O   . ARG A 1 169 ? 7.276   10.311  9.775   1.00 18.93 ? 336 ARG A O   1 
ATOM   1263 C  CB  . ARG A 1 169 ? 9.655   9.025   8.000   1.00 24.74 ? 336 ARG A CB  1 
ATOM   1264 C  CG  . ARG A 1 169 ? 10.014  8.719   6.550   1.00 23.85 ? 336 ARG A CG  1 
ATOM   1265 C  CD  . ARG A 1 169 ? 9.791   7.258   6.199   1.00 26.08 ? 336 ARG A CD  1 
ATOM   1266 N  NE  . ARG A 1 169 ? 10.570  6.343   7.026   1.00 21.72 ? 336 ARG A NE  1 
ATOM   1267 C  CZ  . ARG A 1 169 ? 10.385  5.027   7.048   1.00 30.03 ? 336 ARG A CZ  1 
ATOM   1268 N  NH1 . ARG A 1 169 ? 9.442   4.477   6.293   1.00 23.96 ? 336 ARG A NH1 1 
ATOM   1269 N  NH2 . ARG A 1 169 ? 11.136  4.259   7.826   1.00 32.37 ? 336 ARG A NH2 1 
ATOM   1270 N  N   . PRO A 1 170 ? 8.329   8.652   10.889  1.00 25.56 ? 337 PRO A N   1 
ATOM   1271 C  CA  . PRO A 1 170 ? 8.221   9.360   12.168  1.00 21.96 ? 337 PRO A CA  1 
ATOM   1272 C  C   . PRO A 1 170 ? 9.138   10.577  12.104  1.00 35.51 ? 337 PRO A C   1 
ATOM   1273 O  O   . PRO A 1 170 ? 10.283  10.445  11.664  1.00 29.35 ? 337 PRO A O   1 
ATOM   1274 C  CB  . PRO A 1 170 ? 8.759   8.344   13.180  1.00 27.25 ? 337 PRO A CB  1 
ATOM   1275 C  CG  . PRO A 1 170 ? 8.679   7.015   12.491  1.00 24.80 ? 337 PRO A CG  1 
ATOM   1276 C  CD  . PRO A 1 170 ? 8.918   7.310   11.044  1.00 18.16 ? 337 PRO A CD  1 
ATOM   1277 N  N   . GLN A 1 171 ? 8.649   11.745  12.509  1.00 29.74 ? 338 GLN A N   1 
ATOM   1278 C  CA  . GLN A 1 171 ? 9.443   12.961  12.363  1.00 41.92 ? 338 GLN A CA  1 
ATOM   1279 C  C   . GLN A 1 171 ? 10.340  13.250  13.567  1.00 45.94 ? 338 GLN A C   1 
ATOM   1280 O  O   . GLN A 1 171 ? 11.129  14.198  13.552  1.00 57.24 ? 338 GLN A O   1 
ATOM   1281 C  CB  . GLN A 1 171 ? 8.559   14.168  12.027  1.00 38.49 ? 338 GLN A CB  1 
ATOM   1282 C  CG  . GLN A 1 171 ? 7.622   14.612  13.130  1.00 35.02 ? 338 GLN A CG  1 
ATOM   1283 C  CD  . GLN A 1 171 ? 6.852   15.863  12.754  1.00 45.41 ? 338 GLN A CD  1 
ATOM   1284 O  OE1 . GLN A 1 171 ? 6.837   16.269  11.594  1.00 43.63 ? 338 GLN A OE1 1 
ATOM   1285 N  NE2 . GLN A 1 171 ? 6.215   16.486  13.740  1.00 58.47 ? 338 GLN A NE2 1 
ATOM   1286 N  N   . ARG A 1 172 ? 10.214  12.433  14.608  1.00 46.47 ? 339 ARG A N   1 
ATOM   1287 C  CA  . ARG A 1 172 ? 11.148  12.487  15.726  1.00 52.29 ? 339 ARG A CA  1 
ATOM   1288 C  C   . ARG A 1 172 ? 12.233  11.434  15.529  1.00 56.88 ? 339 ARG A C   1 
ATOM   1289 O  O   . ARG A 1 172 ? 11.957  10.327  15.067  1.00 41.09 ? 339 ARG A O   1 
ATOM   1290 C  CB  . ARG A 1 172 ? 10.429  12.269  17.059  1.00 58.13 ? 339 ARG A CB  1 
ATOM   1291 C  CG  . ARG A 1 172 ? 9.539   13.429  17.480  1.00 65.46 ? 339 ARG A CG  1 
ATOM   1292 C  CD  . ARG A 1 172 ? 8.970   13.226  18.875  1.00 72.15 ? 339 ARG A CD  1 
ATOM   1293 N  NE  . ARG A 1 172 ? 8.094   14.328  19.268  1.00 87.06 ? 339 ARG A NE  1 
ATOM   1294 C  CZ  . ARG A 1 172 ? 7.478   14.405  20.443  1.00 87.03 ? 339 ARG A CZ  1 
ATOM   1295 N  NH1 . ARG A 1 172 ? 7.645   13.444  21.340  1.00 89.56 ? 339 ARG A NH1 1 
ATOM   1296 N  NH2 . ARG A 1 172 ? 6.696   15.441  20.721  1.00 79.49 ? 339 ARG A NH2 1 
ATOM   1297 N  N   . HIS A 1 173 ? 13.466  11.784  15.878  1.00 71.13 ? 340 HIS A N   1 
ATOM   1298 C  CA  . HIS A 1 173 ? 14.607  10.918  15.611  1.00 77.24 ? 340 HIS A CA  1 
ATOM   1299 C  C   . HIS A 1 173 ? 15.059  10.158  16.855  1.00 88.13 ? 340 HIS A C   1 
ATOM   1300 O  O   . HIS A 1 173 ? 15.977  9.342   16.788  1.00 91.15 ? 340 HIS A O   1 
ATOM   1301 C  CB  . HIS A 1 173 ? 15.762  11.737  15.036  1.00 79.86 ? 340 HIS A CB  1 
ATOM   1302 C  CG  . HIS A 1 173 ? 15.369  12.600  13.876  1.00 89.50 ? 340 HIS A CG  1 
ATOM   1303 N  ND1 . HIS A 1 173 ? 15.081  12.086  12.629  1.00 88.72 ? 340 HIS A ND1 1 
ATOM   1304 C  CD2 . HIS A 1 173 ? 15.211  13.941  13.776  1.00 88.17 ? 340 HIS A CD2 1 
ATOM   1305 C  CE1 . HIS A 1 173 ? 14.765  13.073  11.811  1.00 88.92 ? 340 HIS A CE1 1 
ATOM   1306 N  NE2 . HIS A 1 173 ? 14.836  14.209  12.480  1.00 90.74 ? 340 HIS A NE2 1 
ATOM   1307 N  N   . ASP A 1 174 ? 14.412  10.425  17.984  1.00 83.53 ? 341 ASP A N   1 
ATOM   1308 C  CA  . ASP A 1 174 ? 14.723  9.712   19.220  1.00 82.21 ? 341 ASP A CA  1 
ATOM   1309 C  C   . ASP A 1 174 ? 13.817  8.496   19.407  1.00 76.55 ? 341 ASP A C   1 
ATOM   1310 O  O   . ASP A 1 174 ? 13.701  7.955   20.508  1.00 75.63 ? 341 ASP A O   1 
ATOM   1311 C  CB  . ASP A 1 174 ? 14.640  10.644  20.436  1.00 82.83 ? 341 ASP A CB  1 
ATOM   1312 C  CG  . ASP A 1 174 ? 13.332  11.413  20.502  1.00 82.32 ? 341 ASP A CG  1 
ATOM   1313 O  OD1 . ASP A 1 174 ? 12.327  10.955  19.921  1.00 74.86 ? 341 ASP A OD1 1 
ATOM   1314 O  OD2 . ASP A 1 174 ? 13.311  12.484  21.145  1.00 78.78 ? 341 ASP A OD2 1 
ATOM   1315 N  N   . GLU A 1 175 ? 13.172  8.078   18.322  1.00 70.51 ? 342 GLU A N   1 
ATOM   1316 C  CA  . GLU A 1 175 ? 12.310  6.904   18.349  1.00 74.35 ? 342 GLU A CA  1 
ATOM   1317 C  C   . GLU A 1 175 ? 13.149  5.631   18.387  1.00 68.56 ? 342 GLU A C   1 
ATOM   1318 O  O   . GLU A 1 175 ? 13.883  5.327   17.445  1.00 66.36 ? 342 GLU A O   1 
ATOM   1319 C  CB  . GLU A 1 175 ? 11.368  6.901   17.145  1.00 72.22 ? 342 GLU A CB  1 
ATOM   1320 C  CG  . GLU A 1 175 ? 10.433  8.100   17.089  1.00 56.71 ? 342 GLU A CG  1 
ATOM   1321 C  CD  . GLU A 1 175 ? 9.571   8.219   18.330  1.00 65.33 ? 342 GLU A CD  1 
ATOM   1322 O  OE1 . GLU A 1 175 ? 9.156   7.173   18.873  1.00 63.77 ? 342 GLU A OE1 1 
ATOM   1323 O  OE2 . GLU A 1 175 ? 9.313   9.361   18.764  1.00 74.68 ? 342 GLU A OE2 1 
ATOM   1324 N  N   . LYS A 1 176 ? 13.027  4.889   19.482  1.00 59.50 ? 343 LYS A N   1 
ATOM   1325 C  CA  . LYS A 1 176 ? 13.922  3.768   19.750  1.00 67.87 ? 343 LYS A CA  1 
ATOM   1326 C  C   . LYS A 1 176 ? 13.411  2.421   19.240  1.00 62.45 ? 343 LYS A C   1 
ATOM   1327 O  O   . LYS A 1 176 ? 13.825  1.953   18.177  1.00 68.52 ? 343 LYS A O   1 
ATOM   1328 C  CB  . LYS A 1 176 ? 14.237  3.688   21.248  1.00 77.21 ? 343 LYS A CB  1 
ATOM   1329 C  CG  . LYS A 1 176 ? 14.995  4.896   21.779  1.00 75.42 ? 343 LYS A CG  1 
ATOM   1330 C  CD  . LYS A 1 176 ? 15.292  4.769   23.264  1.00 83.52 ? 343 LYS A CD  1 
ATOM   1331 C  CE  . LYS A 1 176 ? 14.024  4.885   24.098  1.00 82.00 ? 343 LYS A CE  1 
ATOM   1332 N  NZ  . LYS A 1 176 ? 13.388  6.228   23.970  1.00 75.04 ? 343 LYS A NZ  1 
ATOM   1333 N  N   . THR A 1 177 ? 12.515  1.799   19.999  1.00 58.46 ? 344 THR A N   1 
ATOM   1334 C  CA  . THR A 1 177 ? 12.044  0.450   19.687  1.00 50.41 ? 344 THR A CA  1 
ATOM   1335 C  C   . THR A 1 177 ? 11.055  0.412   18.513  1.00 41.08 ? 344 THR A C   1 
ATOM   1336 O  O   . THR A 1 177 ? 10.001  -0.220  18.588  1.00 32.04 ? 344 THR A O   1 
ATOM   1337 C  CB  . THR A 1 177 ? 11.443  -0.240  20.937  1.00 46.67 ? 344 THR A CB  1 
ATOM   1338 O  OG1 . THR A 1 177 ? 10.710  -1.407  20.545  1.00 57.07 ? 344 THR A OG1 1 
ATOM   1339 C  CG2 . THR A 1 177 ? 10.519  0.708   21.680  1.00 35.56 ? 344 THR A CG2 1 
ATOM   1340 N  N   . LEU A 1 178 ? 11.424  1.082   17.424  1.00 37.08 ? 345 LEU A N   1 
ATOM   1341 C  CA  . LEU A 1 178 ? 10.592  1.184   16.228  1.00 38.19 ? 345 LEU A CA  1 
ATOM   1342 C  C   . LEU A 1 178 ? 10.362  -0.170  15.562  1.00 32.46 ? 345 LEU A C   1 
ATOM   1343 O  O   . LEU A 1 178 ? 11.305  -0.927  15.329  1.00 27.92 ? 345 LEU A O   1 
ATOM   1344 C  CB  . LEU A 1 178 ? 11.241  2.146   15.231  1.00 38.54 ? 345 LEU A CB  1 
ATOM   1345 C  CG  . LEU A 1 178 ? 10.387  3.305   14.723  1.00 40.35 ? 345 LEU A CG  1 
ATOM   1346 C  CD1 . LEU A 1 178 ? 9.638   3.953   15.872  1.00 35.75 ? 345 LEU A CD1 1 
ATOM   1347 C  CD2 . LEU A 1 178 ? 11.252  4.330   14.004  1.00 41.05 ? 345 LEU A CD2 1 
ATOM   1348 N  N   . VAL A 1 179 ? 9.102   -0.469  15.261  1.00 30.54 ? 346 VAL A N   1 
ATOM   1349 C  CA  . VAL A 1 179 ? 8.753   -1.700  14.558  1.00 28.69 ? 346 VAL A CA  1 
ATOM   1350 C  C   . VAL A 1 179 ? 8.596   -1.432  13.065  1.00 29.75 ? 346 VAL A C   1 
ATOM   1351 O  O   . VAL A 1 179 ? 7.720   -0.674  12.650  1.00 24.06 ? 346 VAL A O   1 
ATOM   1352 C  CB  . VAL A 1 179 ? 7.460   -2.321  15.106  1.00 22.79 ? 346 VAL A CB  1 
ATOM   1353 C  CG1 . VAL A 1 179 ? 7.085   -3.551  14.302  1.00 26.74 ? 346 VAL A CG1 1 
ATOM   1354 C  CG2 . VAL A 1 179 ? 7.626   -2.668  16.578  1.00 24.79 ? 346 VAL A CG2 1 
ATOM   1355 N  N   . GLN A 1 180 ? 9.450   -2.054  12.259  1.00 27.95 ? 347 GLN A N   1 
ATOM   1356 C  CA  . GLN A 1 180 ? 9.468   -1.783  10.829  1.00 28.41 ? 347 GLN A CA  1 
ATOM   1357 C  C   . GLN A 1 180 ? 9.472   -3.053  9.990   1.00 34.75 ? 347 GLN A C   1 
ATOM   1358 O  O   . GLN A 1 180 ? 9.732   -4.147  10.494  1.00 35.87 ? 347 GLN A O   1 
ATOM   1359 C  CB  . GLN A 1 180 ? 10.671  -0.907  10.470  1.00 30.79 ? 347 GLN A CB  1 
ATOM   1360 C  CG  . GLN A 1 180 ? 10.656  0.458   11.137  1.00 28.10 ? 347 GLN A CG  1 
ATOM   1361 C  CD  . GLN A 1 180 ? 11.812  1.336   10.706  1.00 34.96 ? 347 GLN A CD  1 
ATOM   1362 O  OE1 . GLN A 1 180 ? 12.967  0.911   10.713  1.00 36.19 ? 347 GLN A OE1 1 
ATOM   1363 N  NE2 . GLN A 1 180 ? 11.505  2.571   10.326  1.00 36.88 ? 347 GLN A NE2 1 
ATOM   1364 N  N   . SER A 1 181 ? 9.172   -2.896  8.705   1.00 23.82 ? 348 SER A N   1 
ATOM   1365 C  CA  . SER A 1 181 ? 9.196   -4.010  7.766   1.00 32.81 ? 348 SER A CA  1 
ATOM   1366 C  C   . SER A 1 181 ? 10.634  -4.402  7.433   1.00 29.30 ? 348 SER A C   1 
ATOM   1367 O  O   . SER A 1 181 ? 11.494  -3.540  7.269   1.00 29.64 ? 348 SER A O   1 
ATOM   1368 C  CB  . SER A 1 181 ? 8.449   -3.635  6.487   1.00 23.68 ? 348 SER A CB  1 
ATOM   1369 O  OG  . SER A 1 181 ? 8.574   -4.648  5.508   1.00 30.66 ? 348 SER A OG  1 
ATOM   1370 N  N   . GLN A 1 182 ? 10.897  -5.701  7.336   1.00 31.20 ? 349 GLN A N   1 
ATOM   1371 C  CA  . GLN A 1 182 ? 12.240  -6.174  7.011   1.00 37.27 ? 349 GLN A CA  1 
ATOM   1372 C  C   . GLN A 1 182 ? 12.292  -6.805  5.622   1.00 41.69 ? 349 GLN A C   1 
ATOM   1373 O  O   . GLN A 1 182 ? 13.344  -7.264  5.178   1.00 33.41 ? 349 GLN A O   1 
ATOM   1374 C  CB  . GLN A 1 182 ? 12.730  -7.181  8.057   1.00 38.05 ? 349 GLN A CB  1 
ATOM   1375 C  CG  . GLN A 1 182 ? 12.311  -6.872  9.493   1.00 51.07 ? 349 GLN A CG  1 
ATOM   1376 C  CD  . GLN A 1 182 ? 13.032  -5.675  10.095  1.00 46.80 ? 349 GLN A CD  1 
ATOM   1377 O  OE1 . GLN A 1 182 ? 13.850  -5.025  9.442   1.00 53.36 ? 349 GLN A OE1 1 
ATOM   1378 N  NE2 . GLN A 1 182 ? 12.730  -5.383  11.356  1.00 28.92 ? 349 GLN A NE2 1 
ATOM   1379 N  N   . VAL A 1 183 ? 11.151  -6.823  4.940   1.00 33.21 ? 350 VAL A N   1 
ATOM   1380 C  CA  . VAL A 1 183 ? 11.053  -7.445  3.623   1.00 40.36 ? 350 VAL A CA  1 
ATOM   1381 C  C   . VAL A 1 183 ? 11.498  -6.482  2.516   1.00 44.76 ? 350 VAL A C   1 
ATOM   1382 O  O   . VAL A 1 183 ? 11.382  -5.262  2.655   1.00 35.61 ? 350 VAL A O   1 
ATOM   1383 C  CB  . VAL A 1 183 ? 9.616   -7.960  3.356   1.00 41.18 ? 350 VAL A CB  1 
ATOM   1384 C  CG1 . VAL A 1 183 ? 8.674   -6.804  3.080   1.00 38.27 ? 350 VAL A CG1 1 
ATOM   1385 C  CG2 . VAL A 1 183 ? 9.598   -8.954  2.203   1.00 52.96 ? 350 VAL A CG2 1 
ATOM   1386 N  N   . ASN A 1 184 ? 12.028  -7.036  1.428   1.00 49.70 ? 351 ASN A N   1 
ATOM   1387 C  CA  . ASN A 1 184 ? 12.432  -6.241  0.273   1.00 50.55 ? 351 ASN A CA  1 
ATOM   1388 C  C   . ASN A 1 184 ? 11.942  -6.832  -1.046  1.00 57.39 ? 351 ASN A C   1 
ATOM   1389 O  O   . ASN A 1 184 ? 12.407  -7.889  -1.474  1.00 58.49 ? 351 ASN A O   1 
ATOM   1390 C  CB  . ASN A 1 184 ? 13.953  -6.074  0.232   1.00 48.33 ? 351 ASN A CB  1 
ATOM   1391 C  CG  . ASN A 1 184 ? 14.440  -4.959  1.131   1.00 49.90 ? 351 ASN A CG  1 
ATOM   1392 O  OD1 . ASN A 1 184 ? 14.485  -3.797  0.726   1.00 58.71 ? 351 ASN A OD1 1 
ATOM   1393 N  ND2 . ASN A 1 184 ? 14.811  -5.305  2.359   1.00 47.64 ? 351 ASN A ND2 1 
ATOM   1394 N  N   . ALA A 1 185 ? 11.003  -6.143  -1.687  1.00 59.02 ? 352 ALA A N   1 
ATOM   1395 C  CA  . ALA A 1 185 ? 10.460  -6.593  -2.965  1.00 57.46 ? 352 ALA A CA  1 
ATOM   1396 C  C   . ALA A 1 185 ? 11.167  -5.914  -4.134  1.00 64.57 ? 352 ALA A C   1 
ATOM   1397 O  O   . ALA A 1 185 ? 10.565  -5.672  -5.181  1.00 70.75 ? 352 ALA A O   1 
ATOM   1398 C  CB  . ALA A 1 185 ? 8.965   -6.337  -3.024  1.00 49.09 ? 352 ALA A CB  1 
HETATM 1399 C  C1  . GOL B 2 .   ? -5.017  4.789   19.729  1.00 36.76 ? 401 GOL A C1  1 
HETATM 1400 O  O1  . GOL B 2 .   ? -3.989  3.821   19.764  1.00 39.13 ? 401 GOL A O1  1 
HETATM 1401 C  C2  . GOL B 2 .   ? -6.327  4.153   20.181  1.00 38.89 ? 401 GOL A C2  1 
HETATM 1402 O  O2  . GOL B 2 .   ? -6.866  4.932   21.222  1.00 40.58 ? 401 GOL A O2  1 
HETATM 1403 C  C3  . GOL B 2 .   ? -7.312  4.099   19.016  1.00 41.53 ? 401 GOL A C3  1 
HETATM 1404 O  O3  . GOL B 2 .   ? -8.523  3.498   19.430  1.00 45.29 ? 401 GOL A O3  1 
HETATM 1405 O  O   . HOH C 3 .   ? -8.988  -1.915  -8.780  1.00 15.83 ? 501 HOH A O   1 
HETATM 1406 O  O   . HOH C 3 .   ? -1.449  -7.423  -14.525 1.00 17.07 ? 502 HOH A O   1 
HETATM 1407 O  O   . HOH C 3 .   ? 1.566   5.392   -7.541  1.00 20.39 ? 503 HOH A O   1 
HETATM 1408 O  O   . HOH C 3 .   ? -3.409  10.126  -0.850  1.00 22.08 ? 504 HOH A O   1 
HETATM 1409 O  O   . HOH C 3 .   ? -0.152  -3.537  -18.180 1.00 21.38 ? 505 HOH A O   1 
HETATM 1410 O  O   . HOH C 3 .   ? -12.566 1.623   -1.776  1.00 19.83 ? 506 HOH A O   1 
HETATM 1411 O  O   . HOH C 3 .   ? 6.319   3.847   7.634   1.00 20.15 ? 507 HOH A O   1 
HETATM 1412 O  O   . HOH C 3 .   ? -9.202  4.713   1.596   1.00 24.01 ? 508 HOH A O   1 
HETATM 1413 O  O   . HOH C 3 .   ? -6.155  -1.499  -20.845 1.00 20.65 ? 509 HOH A O   1 
HETATM 1414 O  O   . HOH C 3 .   ? -10.810 8.197   -5.588  1.00 21.53 ? 510 HOH A O   1 
HETATM 1415 O  O   . HOH C 3 .   ? 6.713   1.114   15.833  1.00 21.42 ? 511 HOH A O   1 
HETATM 1416 O  O   . HOH C 3 .   ? 1.508   -8.805  -11.237 1.00 20.89 ? 512 HOH A O   1 
HETATM 1417 O  O   . HOH C 3 .   ? -2.461  3.912   15.453  1.00 20.07 ? 513 HOH A O   1 
HETATM 1418 O  O   . HOH C 3 .   ? -4.549  6.212   -11.127 1.00 20.76 ? 514 HOH A O   1 
HETATM 1419 O  O   . HOH C 3 .   ? -0.546  0.448   15.645  1.00 19.21 ? 515 HOH A O   1 
HETATM 1420 O  O   . HOH C 3 .   ? -5.633  0.055   6.090   1.00 22.21 ? 516 HOH A O   1 
HETATM 1421 O  O   . HOH C 3 .   ? 0.582   15.199  16.271  1.00 31.27 ? 517 HOH A O   1 
HETATM 1422 O  O   . HOH C 3 .   ? -1.983  -9.538  9.668   1.00 25.98 ? 518 HOH A O   1 
HETATM 1423 O  O   . HOH C 3 .   ? 7.171   11.196  0.387   1.00 27.81 ? 519 HOH A O   1 
HETATM 1424 O  O   . HOH C 3 .   ? 2.460   15.523  12.186  1.00 29.08 ? 520 HOH A O   1 
HETATM 1425 O  O   . HOH C 3 .   ? -19.593 3.258   -15.119 1.00 28.18 ? 521 HOH A O   1 
HETATM 1426 O  O   . HOH C 3 .   ? -8.046  9.713   -13.538 1.00 26.23 ? 522 HOH A O   1 
HETATM 1427 O  O   . HOH C 3 .   ? 2.181   6.372   -13.630 1.00 23.58 ? 523 HOH A O   1 
HETATM 1428 O  O   . HOH C 3 .   ? -2.292  15.132  9.745   1.00 21.04 ? 524 HOH A O   1 
HETATM 1429 O  O   . HOH C 3 .   ? -3.939  5.991   -20.073 1.00 30.64 ? 525 HOH A O   1 
HETATM 1430 O  O   . HOH C 3 .   ? -5.361  -16.214 -7.996  1.00 27.73 ? 526 HOH A O   1 
HETATM 1431 O  O   . HOH C 3 .   ? 1.455   -7.862  12.122  1.00 25.81 ? 527 HOH A O   1 
HETATM 1432 O  O   . HOH C 3 .   ? -3.107  7.951   -9.591  1.00 22.36 ? 528 HOH A O   1 
HETATM 1433 O  O   . HOH C 3 .   ? 7.475   8.314   -3.383  1.00 29.33 ? 529 HOH A O   1 
HETATM 1434 O  O   . HOH C 3 .   ? -3.956  -17.102 -15.160 1.00 35.06 ? 530 HOH A O   1 
HETATM 1435 O  O   . HOH C 3 .   ? 1.437   7.341   -9.611  1.00 31.55 ? 531 HOH A O   1 
HETATM 1436 O  O   . HOH C 3 .   ? -17.569 4.000   -14.045 1.00 26.34 ? 532 HOH A O   1 
HETATM 1437 O  O   . HOH C 3 .   ? 2.013   3.979   -14.900 1.00 28.28 ? 533 HOH A O   1 
HETATM 1438 O  O   . HOH C 3 .   ? 2.155   -1.333  -20.356 1.00 37.30 ? 534 HOH A O   1 
HETATM 1439 O  O   . HOH C 3 .   ? -10.665 -11.534 -1.977  1.00 27.12 ? 535 HOH A O   1 
HETATM 1440 O  O   . HOH C 3 .   ? -16.742 5.076   -6.134  1.00 26.64 ? 536 HOH A O   1 
HETATM 1441 O  O   . HOH C 3 .   ? 6.534   -7.686  7.392   1.00 32.15 ? 537 HOH A O   1 
HETATM 1442 O  O   . HOH C 3 .   ? 5.326   9.567   20.402  1.00 36.87 ? 538 HOH A O   1 
HETATM 1443 O  O   . HOH C 3 .   ? -0.876  8.597   -10.175 1.00 31.35 ? 539 HOH A O   1 
HETATM 1444 O  O   . HOH C 3 .   ? -9.842  -10.466 0.141   1.00 31.49 ? 540 HOH A O   1 
HETATM 1445 O  O   . HOH C 3 .   ? -6.862  12.757  -7.513  1.00 39.85 ? 541 HOH A O   1 
HETATM 1446 O  O   . HOH C 3 .   ? 0.915   5.573   24.076  1.00 30.10 ? 542 HOH A O   1 
HETATM 1447 O  O   . HOH C 3 .   ? -10.020 11.884  -4.035  1.00 43.07 ? 543 HOH A O   1 
HETATM 1448 O  O   . HOH C 3 .   ? 9.175   -7.591  8.017   1.00 28.06 ? 544 HOH A O   1 
HETATM 1449 O  O   . HOH C 3 .   ? 9.142   10.887  2.775   1.00 26.70 ? 545 HOH A O   1 
HETATM 1450 O  O   . HOH C 3 .   ? -4.496  10.231  -10.322 1.00 36.37 ? 546 HOH A O   1 
HETATM 1451 O  O   . HOH C 3 .   ? -5.698  12.369  -2.213  1.00 31.13 ? 547 HOH A O   1 
HETATM 1452 O  O   . HOH C 3 .   ? -5.890  16.271  8.015   1.00 32.71 ? 548 HOH A O   1 
HETATM 1453 O  O   . HOH C 3 .   ? -1.406  -20.034 -13.113 1.00 39.94 ? 549 HOH A O   1 
HETATM 1454 O  O   . HOH C 3 .   ? -18.812 -1.289  -9.550  1.00 27.14 ? 550 HOH A O   1 
HETATM 1455 O  O   . HOH C 3 .   ? -1.526  13.579  17.632  1.00 29.59 ? 551 HOH A O   1 
HETATM 1456 O  O   . HOH C 3 .   ? 2.597   8.085   -15.572 1.00 34.66 ? 552 HOH A O   1 
HETATM 1457 O  O   . HOH C 3 .   ? -3.912  11.603  -4.143  1.00 30.04 ? 553 HOH A O   1 
HETATM 1458 O  O   . HOH C 3 .   ? -5.421  -6.602  8.181   1.00 24.19 ? 554 HOH A O   1 
HETATM 1459 O  O   . HOH C 3 .   ? -12.455 6.266   -0.683  1.00 34.67 ? 555 HOH A O   1 
HETATM 1460 O  O   . HOH C 3 .   ? -12.876 7.753   -3.968  1.00 32.34 ? 556 HOH A O   1 
HETATM 1461 O  O   . HOH C 3 .   ? -1.858  7.169   -18.237 1.00 41.13 ? 557 HOH A O   1 
HETATM 1462 O  O   . HOH C 3 .   ? 13.288  -10.920 -2.651  1.00 47.66 ? 558 HOH A O   1 
HETATM 1463 O  O   . HOH C 3 .   ? -10.060 7.462   1.673   1.00 38.67 ? 559 HOH A O   1 
HETATM 1464 O  O   . HOH C 3 .   ? 3.588   11.613  21.631  1.00 41.68 ? 560 HOH A O   1 
HETATM 1465 O  O   . HOH C 3 .   ? 6.367   10.690  -2.417  1.00 34.12 ? 561 HOH A O   1 
HETATM 1466 O  O   . HOH C 3 .   ? -2.848  -15.872 -0.859  1.00 38.50 ? 562 HOH A O   1 
HETATM 1467 O  O   . HOH C 3 .   ? 0.917   -2.723  18.731  1.00 39.11 ? 563 HOH A O   1 
HETATM 1468 O  O   . HOH C 3 .   ? 4.060   18.182  17.399  1.00 39.35 ? 564 HOH A O   1 
HETATM 1469 O  O   . HOH C 3 .   ? 4.867   -5.771  19.322  1.00 30.99 ? 565 HOH A O   1 
HETATM 1470 O  O   . HOH C 3 .   ? 7.750   -5.580  -8.084  1.00 36.83 ? 566 HOH A O   1 
HETATM 1471 O  O   . HOH C 3 .   ? -13.423 8.831   -1.734  1.00 35.44 ? 567 HOH A O   1 
HETATM 1472 O  O   . HOH C 3 .   ? -0.124  -11.518 -18.196 1.00 37.74 ? 568 HOH A O   1 
HETATM 1473 O  O   . HOH C 3 .   ? -2.144  16.348  -0.201  1.00 29.62 ? 569 HOH A O   1 
HETATM 1474 O  O   . HOH C 3 .   ? 0.388   -10.042 12.392  1.00 37.33 ? 570 HOH A O   1 
HETATM 1475 O  O   . HOH C 3 .   ? -10.805 9.679   -2.646  1.00 39.78 ? 571 HOH A O   1 
HETATM 1476 O  O   . HOH C 3 .   ? -7.999  14.730  -7.038  1.00 44.89 ? 572 HOH A O   1 
HETATM 1477 O  O   . HOH C 3 .   ? -3.006  11.402  19.886  1.00 38.13 ? 573 HOH A O   1 
HETATM 1478 O  O   . HOH C 3 .   ? -5.840  -7.891  10.219  1.00 36.96 ? 574 HOH A O   1 
HETATM 1479 O  O   . HOH C 3 .   ? 11.685  11.985  9.207   1.00 30.76 ? 575 HOH A O   1 
HETATM 1480 O  O   . HOH C 3 .   ? -8.061  6.813   12.680  1.00 28.48 ? 576 HOH A O   1 
HETATM 1481 O  O   . HOH C 3 .   ? -12.882 -19.623 -14.121 1.00 29.09 ? 577 HOH A O   1 
HETATM 1482 O  O   . HOH C 3 .   ? 15.266  2.007   9.205   1.00 45.22 ? 578 HOH A O   1 
HETATM 1483 O  O   . HOH C 3 .   ? -9.299  8.884   -0.487  1.00 37.81 ? 579 HOH A O   1 
HETATM 1484 O  O   . HOH C 3 .   ? -2.688  -19.039 -16.844 1.00 44.69 ? 580 HOH A O   1 
HETATM 1485 O  O   . HOH C 3 .   ? -6.434  -11.583 10.358  1.00 38.90 ? 581 HOH A O   1 
HETATM 1486 O  O   . HOH C 3 .   ? 14.425  3.734   -0.032  1.00 42.71 ? 582 HOH A O   1 
HETATM 1487 O  O   . HOH C 3 .   ? -16.326 6.553   -14.620 1.00 31.04 ? 583 HOH A O   1 
HETATM 1488 O  O   . HOH C 3 .   ? -11.272 12.494  -14.268 1.00 41.49 ? 584 HOH A O   1 
HETATM 1489 O  O   . HOH C 3 .   ? 14.080  6.833   6.195   1.00 42.19 ? 585 HOH A O   1 
HETATM 1490 O  O   . HOH C 3 .   ? 17.442  -4.492  2.776   1.00 42.69 ? 586 HOH A O   1 
HETATM 1491 O  O   . HOH C 3 .   ? 4.300   -10.883 12.680  1.00 40.73 ? 587 HOH A O   1 
HETATM 1492 O  O   . HOH C 3 .   ? -7.067  -16.982 -18.518 1.00 36.76 ? 588 HOH A O   1 
HETATM 1493 O  O   . HOH C 3 .   ? 7.789   10.941  15.824  1.00 28.88 ? 589 HOH A O   1 
HETATM 1494 O  O   . HOH C 3 .   ? -5.152  -15.241 -18.563 1.00 27.03 ? 590 HOH A O   1 
HETATM 1495 O  O   . HOH C 3 .   ? -19.064 -4.397  -14.380 1.00 28.69 ? 591 HOH A O   1 
HETATM 1496 O  O   . HOH C 3 .   ? 5.957   11.415  17.889  1.00 35.63 ? 592 HOH A O   1 
HETATM 1497 O  O   . HOH C 3 .   ? 2.767   -3.265  -18.706 1.00 37.59 ? 593 HOH A O   1 
HETATM 1498 O  O   . HOH C 3 .   ? -16.938 -3.232  -9.928  1.00 27.21 ? 594 HOH A O   1 
HETATM 1499 O  O   . HOH C 3 .   ? -1.551  -18.509 -8.114  1.00 41.46 ? 595 HOH A O   1 
HETATM 1500 O  O   . HOH C 3 .   ? 12.642  -6.291  -6.889  1.00 61.72 ? 596 HOH A O   1 
HETATM 1501 O  O   . HOH C 3 .   ? 4.093   17.446  13.311  1.00 37.96 ? 597 HOH A O   1 
HETATM 1502 O  O   . HOH C 3 .   ? 16.320  0.576   7.653   1.00 45.78 ? 598 HOH A O   1 
HETATM 1503 O  O   . HOH C 3 .   ? -0.281  15.451  -6.613  1.00 32.66 ? 599 HOH A O   1 
HETATM 1504 O  O   . HOH C 3 .   ? 12.858  5.380   10.101  1.00 42.17 ? 600 HOH A O   1 
HETATM 1505 O  O   . HOH C 3 .   ? 11.718  -3.403  13.401  1.00 34.64 ? 601 HOH A O   1 
HETATM 1506 O  O   . HOH C 3 .   ? -2.091  2.332   21.662  1.00 51.34 ? 602 HOH A O   1 
HETATM 1507 O  O   . HOH C 3 .   ? 1.364   6.336   -17.668 1.00 45.71 ? 603 HOH A O   1 
HETATM 1508 O  O   . HOH C 3 .   ? 1.818   13.702  -6.096  1.00 38.88 ? 604 HOH A O   1 
HETATM 1509 O  O   . HOH C 3 .   ? -6.057  -16.384 4.867   1.00 42.76 ? 605 HOH A O   1 
HETATM 1510 O  O   . HOH C 3 .   ? -13.246 -13.073 -6.572  1.00 33.65 ? 606 HOH A O   1 
HETATM 1511 O  O   . HOH C 3 .   ? -3.099  -12.741 9.187   1.00 30.06 ? 607 HOH A O   1 
HETATM 1512 O  O   . HOH C 3 .   ? 6.040   22.817  5.486   1.00 44.04 ? 608 HOH A O   1 
HETATM 1513 O  O   . HOH C 3 .   ? 5.330   -7.782  14.004  1.00 37.25 ? 609 HOH A O   1 
HETATM 1514 O  O   . HOH C 3 .   ? 7.238   2.369   26.771  1.00 49.90 ? 610 HOH A O   1 
HETATM 1515 O  O   . HOH C 3 .   ? -9.114  -18.802 2.140   1.00 39.38 ? 611 HOH A O   1 
HETATM 1516 O  O   . HOH C 3 .   ? -2.118  17.533  7.594   1.00 41.53 ? 612 HOH A O   1 
HETATM 1517 O  O   . HOH C 3 .   ? 8.442   -5.803  24.938  1.00 45.26 ? 613 HOH A O   1 
HETATM 1518 O  O   . HOH C 3 .   ? -8.580  -17.137 4.403   1.00 46.01 ? 614 HOH A O   1 
HETATM 1519 O  O   . HOH C 3 .   ? 16.606  1.737   -2.227  1.00 39.72 ? 615 HOH A O   1 
HETATM 1520 O  O   . HOH C 3 .   ? -8.035  -19.118 -8.997  1.00 34.98 ? 616 HOH A O   1 
HETATM 1521 O  O   . HOH C 3 .   ? -14.303 -13.809 -8.757  1.00 41.86 ? 617 HOH A O   1 
HETATM 1522 O  O   . HOH C 3 .   ? 13.445  2.318   -1.670  1.00 46.61 ? 618 HOH A O   1 
HETATM 1523 O  O   . HOH C 3 .   ? 12.572  -3.334  4.442   1.00 29.07 ? 619 HOH A O   1 
HETATM 1524 O  O   . HOH C 3 .   ? 9.663   5.666   20.847  1.00 49.57 ? 620 HOH A O   1 
HETATM 1525 O  O   . HOH C 3 .   ? 1.071   -8.951  -16.160 1.00 39.10 ? 621 HOH A O   1 
HETATM 1526 O  O   . HOH C 3 .   ? -9.119  13.802  -4.857  1.00 45.42 ? 622 HOH A O   1 
HETATM 1527 O  O   . HOH C 3 .   ? -8.556  -14.589 2.215   1.00 36.51 ? 623 HOH A O   1 
HETATM 1528 O  O   . HOH C 3 .   ? 10.352  4.314   22.710  1.00 52.96 ? 624 HOH A O   1 
HETATM 1529 O  O   . HOH C 3 .   ? 8.310   2.877   23.235  1.00 42.96 ? 625 HOH A O   1 
HETATM 1530 O  O   . HOH C 3 .   ? 10.809  16.968  15.210  1.00 51.51 ? 626 HOH A O   1 
HETATM 1531 O  O   . HOH C 3 .   ? -2.926  9.803   22.407  1.00 39.54 ? 627 HOH A O   1 
HETATM 1532 O  O   . HOH C 3 .   ? 10.376  -3.596  24.413  1.00 35.28 ? 628 HOH A O   1 
HETATM 1533 O  O   . HOH C 3 .   ? 7.010   -16.112 -9.539  1.00 54.75 ? 629 HOH A O   1 
HETATM 1534 O  O   . HOH C 3 .   ? -23.925 2.009   -14.786 1.00 40.83 ? 630 HOH A O   1 
HETATM 1535 O  O   . HOH C 3 .   ? 16.545  13.769  5.317   1.00 44.19 ? 631 HOH A O   1 
HETATM 1536 O  O   . HOH C 3 .   ? 7.897   -10.158 10.834  1.00 40.62 ? 632 HOH A O   1 
HETATM 1537 O  O   . HOH C 3 .   ? -21.143 -5.732  -16.574 1.00 38.27 ? 633 HOH A O   1 
HETATM 1538 O  O   . HOH C 3 .   ? 0.600   -19.662 -9.590  1.00 44.83 ? 634 HOH A O   1 
HETATM 1539 O  O   . HOH C 3 .   ? 2.103   9.545   22.854  1.00 48.41 ? 635 HOH A O   1 
HETATM 1540 O  O   . HOH C 3 .   ? 1.734   -4.034  20.812  1.00 37.47 ? 636 HOH A O   1 
HETATM 1541 O  O   . HOH C 3 .   ? 1.111   12.500  -9.072  1.00 48.64 ? 637 HOH A O   1 
HETATM 1542 O  O   . HOH C 3 .   ? -2.448  -12.731 -19.795 1.00 30.92 ? 638 HOH A O   1 
HETATM 1543 O  O   . HOH C 3 .   ? 12.366  -14.172 -10.525 1.00 47.71 ? 639 HOH A O   1 
HETATM 1544 O  O   . HOH C 3 .   ? 6.161   -2.887  -9.001  1.00 30.42 ? 640 HOH A O   1 
HETATM 1545 O  O   . HOH C 3 .   ? 2.878   9.795   -8.380  1.00 39.72 ? 641 HOH A O   1 
HETATM 1546 O  O   . HOH C 3 .   ? -9.223  1.517   16.713  1.00 46.93 ? 642 HOH A O   1 
HETATM 1547 O  O   . HOH C 3 .   ? -6.060  -13.950 5.749   1.00 44.45 ? 643 HOH A O   1 
HETATM 1548 O  O   . HOH C 3 .   ? 14.970  2.225   15.938  1.00 45.91 ? 644 HOH A O   1 
HETATM 1549 O  O   . HOH C 3 .   ? 10.359  -15.194 -9.218  1.00 48.53 ? 645 HOH A O   1 
HETATM 1550 O  O   . HOH C 3 .   ? -4.391  13.379  -5.909  1.00 46.65 ? 646 HOH A O   1 
# 
